data_6SAW
#
_entry.id   6SAW
#
_cell.length_a   344.650
_cell.length_b   344.650
_cell.length_c   92.440
_cell.angle_alpha   90.000
_cell.angle_beta   90.000
_cell.angle_gamma   120.000
#
_symmetry.space_group_name_H-M   'H 3'
#
loop_
_entity.id
_entity.type
_entity.pdbx_description
1 polymer 'Diguanylate cyclase (GGDEF) domain-containing protein'
2 non-polymer '3-[2-[(Z)-[3-(2-carboxyethyl)-5-[(Z)-(4-ethenyl-3-methyl-5-oxidanylidene-pyrrol-2-ylidene)methyl]-4-methyl-pyrrol-1-ium -2-ylidene]methyl]-5-[(Z)-[(3E)-3-ethylidene-4-methyl-5-oxidanylidene-pyrrolidin-2-ylidene]methyl]-4-methyl-1H-pyrrol-3- yl]propanoic acid'
3 non-polymer 'CHLORIDE ION'
4 water water
#
_entity_poly.entity_id   1
_entity_poly.type   'polypeptide(L)'
_entity_poly.pdbx_seq_one_letter_code
;GAMAADLGSDDISKLIAACDQEPIHIPNAIQPFGAMLIVEKDTQQIVYASANSAEYFSVADNTIHELSDIKQANINSLLP
EHLISGLASAIRENEPIWVETDRLSFLGWRHENYYIIEVERYHVQTSNWFEIQFQRAFQKLRNCKTHNDLINTLTRLIQE
ISGYDRVMIYQFDPEWNGRVIAESVRQLFTSMLNHHFPASDIPAQARAMYSINPIRIIPDVNAEPQPLHMIHKPQNTEAV
NLSSGVLRAVSPLHMQYLRNFGVSASTSIGIFNEDELWGIVACHHTKPRAIGRRIRRLLVRTVEFAAERLWLIH
;
_entity_poly.pdbx_strand_id   A,B,C,D,E,F,G,H
#
loop_
_chem_comp.id
_chem_comp.type
_chem_comp.name
_chem_comp.formula
CL non-polymer 'CHLORIDE ION' 'Cl -1'
LBV non-polymer '3-[2-[(Z)-[3-(2-carboxyethyl)-5-[(Z)-(4-ethenyl-3-methyl-5-oxidanylidene-pyrrol-2-ylidene)methyl]-4-methyl-pyrrol-1-ium -2-ylidene]methyl]-5-[(Z)-[(3E)-3-ethylidene-4-methyl-5-oxidanylidene-pyrrolidin-2-ylidene]methyl]-4-methyl-1H-pyrrol-3- yl]propanoic acid' 'C33 H37 N4 O6 1'
#
# COMPACT_ATOMS: atom_id res chain seq x y z
N GLY A 8 41.88 49.74 -8.62
CA GLY A 8 41.52 49.69 -7.21
C GLY A 8 42.65 49.24 -6.31
N SER A 9 43.79 49.95 -6.42
CA SER A 9 45.01 49.55 -5.72
C SER A 9 44.86 49.60 -4.20
N ASP A 10 44.26 50.68 -3.70
CA ASP A 10 44.13 50.85 -2.25
C ASP A 10 43.20 49.80 -1.65
N ASP A 11 42.09 49.52 -2.35
CA ASP A 11 41.18 48.46 -1.92
C ASP A 11 41.86 47.09 -1.98
N ILE A 12 42.70 46.87 -3.00
CA ILE A 12 43.48 45.64 -3.08
C ILE A 12 44.36 45.51 -1.85
N SER A 13 45.01 46.61 -1.44
CA SER A 13 45.87 46.55 -0.26
C SER A 13 45.06 46.20 0.98
N LYS A 14 43.89 46.82 1.17
CA LYS A 14 43.08 46.48 2.33
C LYS A 14 42.60 45.03 2.31
N LEU A 15 42.24 44.50 1.12
CA LEU A 15 41.89 43.07 1.06
C LEU A 15 43.06 42.20 1.45
N ILE A 16 44.28 42.55 0.98
CA ILE A 16 45.46 41.76 1.33
C ILE A 16 45.69 41.80 2.84
N ALA A 17 45.32 42.90 3.49
CA ALA A 17 45.48 42.98 4.93
C ALA A 17 44.77 41.84 5.64
N ALA A 18 43.52 41.57 5.25
CA ALA A 18 42.68 40.60 5.94
C ALA A 18 42.58 39.25 5.22
N CYS A 19 43.51 38.94 4.32
CA CYS A 19 43.34 37.75 3.49
C CYS A 19 43.45 36.46 4.30
N ASP A 20 44.40 36.39 5.23
CA ASP A 20 44.56 35.18 6.03
C ASP A 20 43.34 34.91 6.90
N GLN A 21 42.58 35.97 7.22
CA GLN A 21 41.38 35.87 8.04
C GLN A 21 40.11 35.87 7.21
N GLU A 22 40.21 35.91 5.89
CA GLU A 22 39.02 36.01 5.05
C GLU A 22 38.18 34.75 5.14
N PRO A 23 36.86 34.86 5.33
CA PRO A 23 35.98 33.68 5.44
C PRO A 23 35.48 33.17 4.09
N ILE A 24 36.30 32.35 3.44
CA ILE A 24 35.98 31.96 2.06
C ILE A 24 34.89 30.92 1.99
N HIS A 25 34.50 30.32 3.12
CA HIS A 25 33.44 29.33 3.12
C HIS A 25 32.06 29.98 3.14
N ILE A 26 31.97 31.26 3.49
CA ILE A 26 30.71 31.98 3.59
C ILE A 26 30.80 33.27 2.79
N PRO A 27 31.10 33.22 1.48
CA PRO A 27 31.21 34.48 0.71
C PRO A 27 29.88 35.15 0.42
N ASN A 28 28.76 34.52 0.77
CA ASN A 28 27.43 35.05 0.46
C ASN A 28 27.29 35.48 -1.00
N ALA A 29 28.04 34.85 -1.88
CA ALA A 29 27.97 35.08 -3.31
C ALA A 29 28.46 33.84 -4.04
N ILE A 30 28.16 33.77 -5.33
CA ILE A 30 28.51 32.62 -6.16
C ILE A 30 29.07 33.08 -7.49
N GLN A 31 29.74 32.16 -8.18
CA GLN A 31 30.13 32.38 -9.56
C GLN A 31 28.90 32.23 -10.45
N PRO A 32 28.84 32.97 -11.57
CA PRO A 32 27.61 33.05 -12.34
C PRO A 32 27.38 31.92 -13.34
N PHE A 33 28.17 30.83 -13.33
CA PHE A 33 27.87 29.72 -14.24
C PHE A 33 26.79 28.78 -13.69
N GLY A 34 26.07 29.19 -12.66
CA GLY A 34 24.91 28.49 -12.15
C GLY A 34 24.12 29.42 -11.26
N ALA A 35 23.00 28.91 -10.77
CA ALA A 35 22.17 29.64 -9.82
C ALA A 35 22.09 28.83 -8.54
N MET A 36 21.76 29.50 -7.43
CA MET A 36 21.72 28.82 -6.13
C MET A 36 20.47 29.22 -5.37
N LEU A 37 19.80 28.22 -4.79
CA LEU A 37 18.74 28.41 -3.82
C LEU A 37 19.17 27.84 -2.48
N ILE A 38 18.82 28.53 -1.41
CA ILE A 38 18.97 28.04 -0.05
C ILE A 38 17.58 28.06 0.59
N VAL A 39 17.10 26.88 0.98
CA VAL A 39 15.73 26.65 1.42
C VAL A 39 15.73 26.22 2.88
N GLU A 40 14.80 26.74 3.67
CA GLU A 40 14.73 26.31 5.07
C GLU A 40 14.06 24.95 5.14
N LYS A 41 14.72 24.02 5.83
CA LYS A 41 14.39 22.61 5.75
C LYS A 41 12.98 22.33 6.26
N ASP A 42 12.59 22.96 7.36
CA ASP A 42 11.32 22.63 8.00
C ASP A 42 10.14 23.28 7.29
N THR A 43 10.25 24.56 6.90
CA THR A 43 9.16 25.26 6.24
C THR A 43 9.17 25.14 4.71
N GLN A 44 10.24 24.58 4.13
CA GLN A 44 10.36 24.44 2.67
C GLN A 44 10.21 25.79 1.97
N GLN A 45 10.78 26.82 2.58
CA GLN A 45 10.71 28.18 2.10
C GLN A 45 12.08 28.60 1.60
N ILE A 46 12.12 29.28 0.47
CA ILE A 46 13.37 29.82 -0.05
C ILE A 46 13.80 30.99 0.83
N VAL A 47 14.98 30.89 1.43
CA VAL A 47 15.45 32.00 2.25
C VAL A 47 16.54 32.76 1.50
N TYR A 48 17.27 32.08 0.61
CA TYR A 48 18.24 32.80 -0.20
C TYR A 48 18.18 32.33 -1.65
N ALA A 49 18.42 33.27 -2.57
CA ALA A 49 18.56 32.95 -3.97
C ALA A 49 19.64 33.84 -4.58
N SER A 50 20.49 33.25 -5.42
CA SER A 50 21.47 34.05 -6.13
C SER A 50 20.76 35.01 -7.10
N ALA A 51 21.42 36.15 -7.36
CA ALA A 51 20.77 37.22 -8.11
C ALA A 51 20.38 36.79 -9.53
N ASN A 52 21.14 35.89 -10.13
CA ASN A 52 20.92 35.47 -11.51
C ASN A 52 20.00 34.26 -11.62
N SER A 53 19.26 33.97 -10.56
CA SER A 53 18.39 32.79 -10.52
C SER A 53 17.37 32.80 -11.66
N ALA A 54 16.92 33.98 -12.08
CA ALA A 54 15.88 34.07 -13.11
C ALA A 54 16.33 33.42 -14.41
N GLU A 55 17.54 33.74 -14.88
CA GLU A 55 17.95 33.23 -16.17
C GLU A 55 18.15 31.72 -16.18
N TYR A 56 18.19 31.09 -15.01
CA TYR A 56 18.33 29.65 -14.90
C TYR A 56 16.99 28.95 -14.65
N PHE A 57 16.21 29.41 -13.67
CA PHE A 57 14.93 28.76 -13.38
C PHE A 57 13.85 29.13 -14.37
N SER A 58 14.05 30.15 -15.21
CA SER A 58 13.08 30.42 -16.27
C SER A 58 12.93 29.22 -17.19
N VAL A 59 13.95 28.36 -17.25
CA VAL A 59 13.85 27.16 -18.07
C VAL A 59 12.94 26.13 -17.42
N ALA A 60 12.87 26.10 -16.08
CA ALA A 60 12.04 25.12 -15.39
C ALA A 60 10.59 25.57 -15.26
N ASP A 61 10.37 26.87 -15.08
CA ASP A 61 9.02 27.46 -15.04
C ASP A 61 9.11 28.76 -15.84
N ASN A 62 8.60 28.73 -17.08
CA ASN A 62 8.75 29.86 -18.00
C ASN A 62 7.92 31.07 -17.59
N THR A 63 7.12 30.97 -16.52
CA THR A 63 6.42 32.10 -15.94
C THR A 63 7.32 32.91 -15.04
N ILE A 64 8.57 32.50 -14.89
CA ILE A 64 9.59 33.22 -14.13
C ILE A 64 10.42 34.03 -15.10
N HIS A 65 10.49 35.33 -14.87
CA HIS A 65 11.25 36.21 -15.74
C HIS A 65 12.36 36.92 -14.99
N GLU A 66 12.10 37.34 -13.76
CA GLU A 66 13.12 38.01 -12.99
C GLU A 66 12.99 37.66 -11.52
N LEU A 67 14.01 38.07 -10.77
CA LEU A 67 14.18 37.58 -9.41
C LEU A 67 12.93 37.77 -8.55
N SER A 68 12.16 38.85 -8.78
CA SER A 68 11.00 39.07 -7.92
C SER A 68 9.99 37.93 -8.04
N ASP A 69 9.99 37.21 -9.17
CA ASP A 69 9.09 36.08 -9.32
C ASP A 69 9.44 34.95 -8.35
N ILE A 70 10.72 34.83 -7.98
CA ILE A 70 11.14 33.76 -7.09
C ILE A 70 10.57 33.98 -5.69
N LYS A 71 10.54 35.22 -5.23
CA LYS A 71 9.93 35.53 -3.94
C LYS A 71 8.50 34.99 -3.86
N GLN A 72 7.75 35.10 -4.97
CA GLN A 72 6.39 34.59 -5.01
C GLN A 72 6.31 33.11 -5.40
N ALA A 73 7.44 32.43 -5.57
CA ALA A 73 7.43 31.03 -6.00
C ALA A 73 7.52 30.04 -4.84
N ASN A 74 7.03 28.83 -5.10
CA ASN A 74 7.11 27.68 -4.21
C ASN A 74 8.09 26.68 -4.81
N ILE A 75 8.97 26.10 -3.98
CA ILE A 75 10.04 25.26 -4.54
C ILE A 75 9.52 24.13 -5.41
N ASN A 76 8.34 23.58 -5.11
CA ASN A 76 7.80 22.51 -5.95
C ASN A 76 7.63 22.94 -7.39
N SER A 77 7.56 24.25 -7.64
CA SER A 77 7.48 24.79 -8.99
C SER A 77 8.85 24.89 -9.67
N LEU A 78 9.92 24.96 -8.88
CA LEU A 78 11.28 25.19 -9.38
C LEU A 78 12.12 23.92 -9.54
N LEU A 79 12.00 22.97 -8.63
CA LEU A 79 12.85 21.79 -8.55
C LEU A 79 12.12 20.54 -9.02
N PRO A 80 12.84 19.51 -9.45
CA PRO A 80 12.16 18.25 -9.76
C PRO A 80 11.65 17.63 -8.48
N GLU A 81 10.46 17.00 -8.55
CA GLU A 81 9.89 16.47 -7.32
C GLU A 81 10.78 15.43 -6.68
N HIS A 82 11.36 14.51 -7.48
CA HIS A 82 12.23 13.50 -6.89
C HIS A 82 13.42 14.13 -6.17
N LEU A 83 13.95 15.25 -6.66
CA LEU A 83 15.04 15.89 -5.95
C LEU A 83 14.61 16.36 -4.57
N ILE A 84 13.42 16.95 -4.46
CA ILE A 84 12.95 17.42 -3.16
C ILE A 84 12.71 16.25 -2.23
N SER A 85 12.05 15.21 -2.73
CA SER A 85 11.79 14.06 -1.86
C SER A 85 13.09 13.38 -1.46
N GLY A 86 14.12 13.42 -2.32
CA GLY A 86 15.41 12.88 -1.93
C GLY A 86 16.09 13.72 -0.87
N LEU A 87 15.97 15.04 -0.96
CA LEU A 87 16.55 15.88 0.08
C LEU A 87 15.81 15.70 1.39
N ALA A 88 14.49 15.55 1.34
CA ALA A 88 13.70 15.38 2.56
C ALA A 88 14.00 14.05 3.25
N SER A 89 14.14 12.96 2.49
CA SER A 89 14.30 11.64 3.07
C SER A 89 15.75 11.27 3.40
N ALA A 90 16.72 12.06 2.96
CA ALA A 90 18.12 11.79 3.27
C ALA A 90 18.43 12.06 4.75
N ILE A 91 19.27 11.21 5.34
CA ILE A 91 19.56 11.30 6.77
C ILE A 91 20.95 11.87 7.05
N ARG A 92 21.92 11.68 6.18
CA ARG A 92 23.26 12.25 6.34
C ARG A 92 23.34 13.66 5.75
N GLU A 93 24.18 14.49 6.36
CA GLU A 93 24.42 15.84 5.84
C GLU A 93 25.51 15.87 4.77
N ASN A 94 25.43 16.90 3.92
CA ASN A 94 26.50 17.28 3.00
C ASN A 94 26.92 16.15 2.06
N GLU A 95 25.94 15.36 1.62
CA GLU A 95 26.17 14.33 0.61
C GLU A 95 25.31 14.70 -0.59
N PRO A 96 25.89 15.34 -1.61
CA PRO A 96 25.08 15.94 -2.69
C PRO A 96 24.40 14.92 -3.58
N ILE A 97 23.15 15.24 -3.94
CA ILE A 97 22.33 14.52 -4.90
C ILE A 97 22.38 15.24 -6.24
N TRP A 98 22.54 14.47 -7.31
CA TRP A 98 22.72 14.96 -8.67
C TRP A 98 21.52 14.53 -9.51
N VAL A 99 20.71 15.49 -9.97
CA VAL A 99 19.48 15.21 -10.70
C VAL A 99 19.47 15.99 -12.00
N GLU A 100 19.18 15.32 -13.12
CA GLU A 100 19.14 15.97 -14.42
C GLU A 100 17.73 15.94 -15.02
N THR A 101 17.43 17.00 -15.76
CA THR A 101 16.26 17.10 -16.63
C THR A 101 16.77 17.23 -18.07
N ASP A 102 15.87 17.52 -19.00
CA ASP A 102 16.33 17.70 -20.38
C ASP A 102 17.15 18.97 -20.55
N ARG A 103 16.90 19.99 -19.71
CA ARG A 103 17.52 21.30 -19.86
C ARG A 103 18.42 21.75 -18.70
N LEU A 104 18.27 21.18 -17.50
CA LEU A 104 19.03 21.65 -16.33
C LEU A 104 19.67 20.49 -15.58
N SER A 105 20.70 20.82 -14.79
CA SER A 105 21.43 19.85 -13.97
C SER A 105 21.55 20.40 -12.56
N PHE A 106 20.88 19.75 -11.61
CA PHE A 106 20.81 20.15 -10.21
C PHE A 106 21.78 19.34 -9.37
N LEU A 107 22.35 20.01 -8.37
CA LEU A 107 23.20 19.38 -7.36
C LEU A 107 22.77 19.96 -6.03
N GLY A 108 22.08 19.17 -5.21
CA GLY A 108 21.56 19.66 -3.96
C GLY A 108 21.97 18.79 -2.79
N TRP A 109 22.18 19.42 -1.65
CA TRP A 109 22.55 18.69 -0.45
C TRP A 109 21.86 19.28 0.76
N ARG A 110 22.04 18.59 1.87
CA ARG A 110 21.39 18.88 3.14
C ARG A 110 22.47 19.47 4.03
N HIS A 111 22.32 20.71 4.47
CA HIS A 111 23.33 21.35 5.30
C HIS A 111 22.67 22.09 6.45
N GLU A 112 22.90 21.60 7.68
CA GLU A 112 22.39 22.29 8.86
C GLU A 112 20.88 22.53 8.80
N ASN A 113 20.49 23.79 8.85
CA ASN A 113 19.09 24.18 8.84
C ASN A 113 18.49 24.25 7.44
N TYR A 114 19.27 24.00 6.41
CA TYR A 114 18.76 24.15 5.05
C TYR A 114 19.11 23.10 4.04
N TYR A 115 18.43 23.19 2.90
CA TYR A 115 18.67 22.34 1.76
C TYR A 115 19.35 23.33 0.83
N ILE A 116 20.47 22.96 0.24
CA ILE A 116 21.14 23.87 -0.67
C ILE A 116 21.08 23.28 -2.06
N ILE A 117 20.71 24.08 -3.03
CA ILE A 117 20.58 23.57 -4.40
C ILE A 117 21.34 24.47 -5.35
N GLU A 118 22.28 23.90 -6.10
CA GLU A 118 22.91 24.56 -7.24
C GLU A 118 22.28 24.02 -8.52
N VAL A 119 22.17 24.88 -9.52
CA VAL A 119 21.61 24.46 -10.80
C VAL A 119 22.46 25.06 -11.91
N GLU A 120 22.78 24.24 -12.90
CA GLU A 120 23.58 24.65 -14.04
C GLU A 120 22.83 24.29 -15.31
N ARG A 121 23.18 24.94 -16.42
CA ARG A 121 22.64 24.48 -17.68
C ARG A 121 23.31 23.17 -18.11
N TYR A 122 22.57 22.35 -18.85
CA TYR A 122 23.04 21.02 -19.16
C TYR A 122 22.52 20.61 -20.53
N HIS A 123 23.40 20.00 -21.29
CA HIS A 123 23.13 19.55 -22.65
C HIS A 123 23.49 18.08 -22.78
N VAL A 124 22.53 17.28 -23.26
CA VAL A 124 22.78 15.85 -23.34
C VAL A 124 23.79 15.59 -24.45
N GLN A 125 24.89 14.92 -24.10
CA GLN A 125 25.94 14.57 -25.04
C GLN A 125 26.12 13.06 -24.99
N THR A 126 25.91 12.42 -26.14
CA THR A 126 25.91 10.97 -26.28
C THR A 126 27.13 10.52 -27.05
N SER A 127 28.08 9.92 -26.34
CA SER A 127 29.25 9.32 -26.99
C SER A 127 29.99 8.48 -25.96
N ASN A 128 30.86 7.63 -26.48
CA ASN A 128 31.75 6.81 -25.67
C ASN A 128 33.06 7.51 -25.33
N TRP A 129 33.15 8.82 -25.53
CA TRP A 129 34.42 9.52 -25.34
C TRP A 129 34.90 9.36 -23.91
N PHE A 130 33.98 9.38 -22.96
CA PHE A 130 34.37 9.28 -21.56
C PHE A 130 34.89 7.89 -21.24
N GLU A 131 34.23 6.85 -21.75
CA GLU A 131 34.67 5.49 -21.48
C GLU A 131 36.04 5.22 -22.12
N ILE A 132 36.26 5.77 -23.31
CA ILE A 132 37.58 5.62 -23.94
C ILE A 132 38.65 6.29 -23.10
N GLN A 133 38.40 7.54 -22.67
CA GLN A 133 39.40 8.24 -21.88
C GLN A 133 39.67 7.52 -20.56
N PHE A 134 38.60 7.03 -19.94
CA PHE A 134 38.70 6.34 -18.67
C PHE A 134 39.55 5.07 -18.80
N GLN A 135 39.29 4.28 -19.85
CA GLN A 135 40.11 3.09 -20.06
C GLN A 135 41.56 3.45 -20.29
N ARG A 136 41.82 4.45 -21.15
CA ARG A 136 43.18 4.85 -21.45
C ARG A 136 43.91 5.32 -20.20
N ALA A 137 43.25 6.14 -19.39
CA ALA A 137 43.89 6.65 -18.20
C ALA A 137 44.29 5.53 -17.28
N PHE A 138 43.39 4.58 -17.05
CA PHE A 138 43.68 3.52 -16.09
C PHE A 138 44.81 2.61 -16.59
N GLN A 139 44.75 2.20 -17.85
CA GLN A 139 45.82 1.34 -18.37
C GLN A 139 47.17 2.06 -18.37
N LYS A 140 47.20 3.36 -18.70
CA LYS A 140 48.47 4.06 -18.67
C LYS A 140 48.98 4.23 -17.23
N LEU A 141 48.09 4.56 -16.30
CA LEU A 141 48.50 4.74 -14.91
C LEU A 141 48.92 3.42 -14.27
N ARG A 142 48.36 2.31 -14.72
CA ARG A 142 48.77 1.00 -14.23
C ARG A 142 50.18 0.63 -14.68
N ASN A 143 50.62 1.15 -15.84
CA ASN A 143 51.95 0.87 -16.35
C ASN A 143 53.06 1.60 -15.60
N CYS A 144 52.72 2.59 -14.78
CA CYS A 144 53.75 3.37 -14.11
C CYS A 144 54.42 2.54 -13.03
N LYS A 145 55.76 2.50 -13.07
CA LYS A 145 56.52 1.71 -12.14
C LYS A 145 57.31 2.55 -11.14
N THR A 146 57.43 3.85 -11.36
CA THR A 146 58.21 4.74 -10.51
C THR A 146 57.39 5.96 -10.16
N HIS A 147 57.73 6.58 -9.01
CA HIS A 147 57.06 7.80 -8.59
C HIS A 147 57.09 8.87 -9.68
N ASN A 148 58.25 9.06 -10.32
CA ASN A 148 58.35 10.08 -11.35
C ASN A 148 57.47 9.74 -12.56
N ASP A 149 57.48 8.47 -12.98
CA ASP A 149 56.65 8.07 -14.11
C ASP A 149 55.20 8.39 -13.85
N LEU A 150 54.75 8.19 -12.61
CA LEU A 150 53.34 8.34 -12.29
C LEU A 150 52.90 9.81 -12.34
N ILE A 151 53.65 10.70 -11.70
CA ILE A 151 53.24 12.11 -11.66
C ILE A 151 53.23 12.71 -13.07
N ASN A 152 54.24 12.37 -13.88
CA ASN A 152 54.29 12.90 -15.24
C ASN A 152 53.19 12.30 -16.11
N THR A 153 52.92 11.00 -15.98
CA THR A 153 51.82 10.42 -16.73
C THR A 153 50.48 11.04 -16.29
N LEU A 154 50.31 11.27 -14.99
CA LEU A 154 49.08 11.87 -14.50
C LEU A 154 48.89 13.28 -15.02
N THR A 155 49.95 14.07 -15.03
CA THR A 155 49.82 15.44 -15.51
C THR A 155 49.51 15.46 -17.01
N ARG A 156 50.16 14.57 -17.79
CA ARG A 156 49.86 14.45 -19.22
C ARG A 156 48.40 14.03 -19.44
N LEU A 157 47.92 13.08 -18.63
CA LEU A 157 46.55 12.58 -18.78
C LEU A 157 45.51 13.63 -18.43
N ILE A 158 45.71 14.34 -17.31
CA ILE A 158 44.77 15.39 -16.93
C ILE A 158 44.72 16.45 -18.02
N GLN A 159 45.86 16.77 -18.63
CA GLN A 159 45.84 17.75 -19.71
C GLN A 159 45.04 17.24 -20.91
N GLU A 160 45.27 15.98 -21.31
CA GLU A 160 44.54 15.43 -22.45
C GLU A 160 43.03 15.39 -22.18
N ILE A 161 42.63 15.09 -20.94
CA ILE A 161 41.21 14.99 -20.63
C ILE A 161 40.56 16.36 -20.61
N SER A 162 41.17 17.31 -19.90
CA SER A 162 40.51 18.59 -19.71
C SER A 162 40.80 19.59 -20.83
N GLY A 163 41.94 19.47 -21.51
CA GLY A 163 42.26 20.40 -22.57
C GLY A 163 42.75 21.74 -22.09
N TYR A 164 42.99 21.87 -20.79
CA TYR A 164 43.49 23.11 -20.24
C TYR A 164 44.93 23.35 -20.70
N ASP A 165 45.31 24.64 -20.76
CA ASP A 165 46.60 25.00 -21.34
C ASP A 165 47.77 24.46 -20.51
N ARG A 166 47.71 24.61 -19.19
CA ARG A 166 48.78 24.13 -18.32
C ARG A 166 48.19 23.31 -17.18
N VAL A 167 48.87 22.21 -16.86
CA VAL A 167 48.51 21.36 -15.74
C VAL A 167 49.78 21.10 -14.94
N MET A 168 49.72 21.37 -13.65
CA MET A 168 50.83 21.20 -12.73
C MET A 168 50.41 20.33 -11.56
N ILE A 169 51.40 19.79 -10.86
CA ILE A 169 51.19 19.11 -9.60
C ILE A 169 52.01 19.84 -8.53
N TYR A 170 51.34 20.47 -7.58
CA TYR A 170 52.00 21.01 -6.40
C TYR A 170 52.09 19.91 -5.37
N GLN A 171 53.27 19.77 -4.76
CA GLN A 171 53.44 18.95 -3.57
C GLN A 171 53.76 19.84 -2.37
N PHE A 172 53.09 19.56 -1.26
CA PHE A 172 53.32 20.28 -0.02
C PHE A 172 54.44 19.61 0.76
N ASP A 173 55.22 20.43 1.45
CA ASP A 173 56.22 19.98 2.40
C ASP A 173 55.63 20.03 3.81
N PRO A 174 56.33 19.51 4.81
CA PRO A 174 55.73 19.47 6.17
C PRO A 174 55.09 20.77 6.66
N GLU A 175 55.64 21.93 6.29
CA GLU A 175 55.15 23.22 6.76
C GLU A 175 54.20 23.90 5.77
N TRP A 176 53.72 23.17 4.76
CA TRP A 176 52.69 23.56 3.78
C TRP A 176 53.17 24.52 2.69
N ASN A 177 54.48 24.65 2.48
CA ASN A 177 54.98 25.35 1.32
C ASN A 177 54.84 24.45 0.09
N GLY A 178 54.70 25.06 -1.08
CA GLY A 178 54.40 24.33 -2.29
C GLY A 178 55.61 24.29 -3.24
N ARG A 179 55.80 23.13 -3.86
CA ARG A 179 56.77 23.00 -4.93
C ARG A 179 56.08 22.34 -6.12
N VAL A 180 56.38 22.82 -7.31
CA VAL A 180 55.82 22.27 -8.54
C VAL A 180 56.69 21.10 -8.98
N ILE A 181 56.20 19.87 -8.80
CA ILE A 181 57.02 18.70 -9.08
C ILE A 181 56.85 18.15 -10.49
N ALA A 182 55.76 18.48 -11.17
CA ALA A 182 55.59 17.98 -12.53
C ALA A 182 54.59 18.86 -13.25
N GLU A 183 54.76 18.97 -14.57
CA GLU A 183 54.01 19.92 -15.36
C GLU A 183 53.80 19.37 -16.75
N SER A 184 52.69 19.76 -17.37
CA SER A 184 52.41 19.40 -18.75
C SER A 184 51.70 20.59 -19.37
N VAL A 185 52.38 21.28 -20.29
CA VAL A 185 51.92 22.57 -20.77
C VAL A 185 52.12 22.69 -22.28
N ARG A 186 51.25 23.46 -22.93
CA ARG A 186 51.39 23.66 -24.37
C ARG A 186 52.63 24.49 -24.68
N GLN A 187 52.95 24.54 -25.97
CA GLN A 187 54.06 25.34 -26.46
C GLN A 187 53.78 26.81 -26.22
N LEU A 188 54.86 27.59 -26.11
CA LEU A 188 54.77 29.04 -25.91
C LEU A 188 54.29 29.40 -24.51
N PHE A 189 54.70 28.61 -23.52
CA PHE A 189 54.35 28.91 -22.13
C PHE A 189 55.59 28.82 -21.27
N THR A 190 55.71 29.76 -20.32
CA THR A 190 56.80 29.71 -19.37
C THR A 190 56.70 28.46 -18.51
N SER A 191 57.81 27.72 -18.43
CA SER A 191 57.85 26.51 -17.62
C SER A 191 57.80 26.86 -16.15
N MET A 192 56.84 26.28 -15.43
CA MET A 192 56.71 26.47 -14.00
C MET A 192 57.35 25.33 -13.20
N LEU A 193 58.05 24.41 -13.86
CA LEU A 193 58.66 23.28 -13.18
C LEU A 193 59.68 23.74 -12.13
N ASN A 194 59.59 23.17 -10.93
CA ASN A 194 60.47 23.43 -9.80
C ASN A 194 60.27 24.80 -9.18
N HIS A 195 59.19 25.50 -9.52
CA HIS A 195 58.92 26.78 -8.89
CA HIS A 195 58.88 26.78 -8.91
C HIS A 195 58.40 26.57 -7.47
N HIS A 196 58.89 27.38 -6.55
CA HIS A 196 58.48 27.31 -5.15
C HIS A 196 57.50 28.44 -4.85
N PHE A 197 56.52 28.15 -4.00
CA PHE A 197 55.67 29.21 -3.46
C PHE A 197 55.50 28.99 -1.96
N PRO A 198 55.36 30.08 -1.19
CA PRO A 198 55.28 29.95 0.26
C PRO A 198 53.93 29.44 0.73
N ALA A 199 53.91 28.91 1.96
CA ALA A 199 52.67 28.36 2.51
C ALA A 199 51.56 29.41 2.58
N SER A 200 51.92 30.67 2.81
CA SER A 200 50.92 31.74 2.91
C SER A 200 50.15 31.96 1.61
N ASP A 201 50.62 31.43 0.48
CA ASP A 201 49.94 31.66 -0.80
C ASP A 201 48.66 30.85 -0.92
N ILE A 202 48.55 29.74 -0.20
CA ILE A 202 47.28 29.02 -0.05
C ILE A 202 46.91 29.03 1.43
N PRO A 203 45.98 29.91 1.83
CA PRO A 203 45.56 29.98 3.23
C PRO A 203 44.98 28.65 3.73
N ALA A 204 44.98 28.50 5.05
CA ALA A 204 44.53 27.24 5.65
C ALA A 204 43.11 26.89 5.21
N GLN A 205 42.20 27.87 5.23
CA GLN A 205 40.80 27.58 4.87
C GLN A 205 40.67 27.13 3.43
N ALA A 206 41.61 27.48 2.55
CA ALA A 206 41.54 27.03 1.17
C ALA A 206 41.99 25.59 1.02
N ARG A 207 43.07 25.21 1.70
CA ARG A 207 43.43 23.80 1.73
C ARG A 207 42.31 22.98 2.37
N ALA A 208 41.63 23.56 3.37
CA ALA A 208 40.56 22.85 4.04
C ALA A 208 39.47 22.45 3.07
N MET A 209 39.17 23.30 2.08
CA MET A 209 38.05 23.04 1.19
C MET A 209 38.21 21.74 0.42
N TYR A 210 39.44 21.35 0.10
CA TYR A 210 39.63 20.12 -0.66
C TYR A 210 39.16 18.90 0.11
N SER A 211 39.08 19.00 1.44
CA SER A 211 38.53 17.93 2.25
C SER A 211 37.00 17.93 2.27
N ILE A 212 36.36 19.03 1.91
CA ILE A 212 34.91 19.07 1.79
C ILE A 212 34.46 18.73 0.38
N ASN A 213 35.13 19.28 -0.63
CA ASN A 213 34.87 18.98 -2.03
C ASN A 213 36.22 18.91 -2.73
N PRO A 214 36.58 17.76 -3.33
CA PRO A 214 37.95 17.60 -3.81
C PRO A 214 38.24 18.36 -5.09
N ILE A 215 37.23 18.92 -5.76
CA ILE A 215 37.45 19.69 -6.98
C ILE A 215 37.01 21.13 -6.73
N ARG A 216 37.75 22.06 -7.32
CA ARG A 216 37.46 23.49 -7.26
C ARG A 216 37.51 24.02 -8.69
N ILE A 217 36.51 24.83 -9.05
CA ILE A 217 36.26 25.17 -10.44
C ILE A 217 36.03 26.68 -10.58
N ILE A 218 36.80 27.31 -11.46
CA ILE A 218 36.65 28.73 -11.77
C ILE A 218 36.61 28.82 -13.30
N PRO A 219 35.43 28.82 -13.92
CA PRO A 219 35.36 28.72 -15.39
C PRO A 219 35.68 30.01 -16.11
N ASP A 220 35.83 31.13 -15.39
CA ASP A 220 36.02 32.44 -15.97
C ASP A 220 36.40 33.41 -14.86
N VAL A 221 37.68 33.83 -14.80
CA VAL A 221 38.09 34.68 -13.70
C VAL A 221 37.53 36.08 -13.79
N ASN A 222 36.96 36.45 -14.95
CA ASN A 222 36.46 37.79 -15.21
C ASN A 222 34.94 37.87 -15.13
N ALA A 223 34.28 36.79 -14.72
CA ALA A 223 32.84 36.81 -14.55
C ALA A 223 32.52 37.43 -13.20
N GLU A 224 31.47 38.19 -13.14
CA GLU A 224 31.20 38.90 -11.91
C GLU A 224 30.54 37.96 -10.90
N PRO A 225 31.03 37.89 -9.67
CA PRO A 225 30.32 37.12 -8.64
C PRO A 225 28.90 37.64 -8.48
N GLN A 226 27.97 36.70 -8.33
CA GLN A 226 26.56 37.01 -8.11
C GLN A 226 26.24 36.82 -6.64
N PRO A 227 25.73 37.82 -5.95
CA PRO A 227 25.51 37.69 -4.51
C PRO A 227 24.22 36.94 -4.19
N LEU A 228 24.18 36.42 -2.97
CA LEU A 228 22.99 35.73 -2.47
C LEU A 228 22.07 36.77 -1.88
N HIS A 229 20.86 36.87 -2.40
CA HIS A 229 19.87 37.80 -1.86
C HIS A 229 18.95 37.08 -0.89
N MET A 230 18.60 37.77 0.19
CA MET A 230 17.61 37.24 1.12
C MET A 230 16.24 37.31 0.46
N ILE A 231 15.46 36.25 0.62
CA ILE A 231 14.14 36.23 0.02
C ILE A 231 13.12 36.36 1.13
N HIS A 232 12.88 35.29 1.86
CA HIS A 232 12.12 35.35 3.10
C HIS A 232 13.11 35.26 4.25
N LYS A 233 12.85 36.02 5.32
CA LYS A 233 13.83 36.08 6.40
C LYS A 233 13.98 34.72 7.06
N PRO A 234 15.20 34.21 7.21
CA PRO A 234 15.40 32.91 7.87
C PRO A 234 15.36 33.06 9.38
N GLN A 235 15.15 31.92 10.06
CA GLN A 235 15.17 31.93 11.51
C GLN A 235 16.57 32.17 12.04
N ASN A 236 17.60 31.76 11.31
CA ASN A 236 18.99 32.00 11.67
C ASN A 236 19.62 32.92 10.62
N THR A 237 20.12 34.08 11.05
CA THR A 237 20.70 35.05 10.12
C THR A 237 22.20 34.84 9.87
N GLU A 238 22.85 33.89 10.53
CA GLU A 238 24.25 33.60 10.24
C GLU A 238 24.41 33.15 8.79
N ALA A 239 25.57 33.48 8.21
CA ALA A 239 25.83 33.12 6.82
C ALA A 239 25.91 31.61 6.66
N VAL A 240 25.54 31.13 5.47
CA VAL A 240 25.43 29.71 5.17
C VAL A 240 26.73 29.24 4.54
N ASN A 241 27.29 28.14 5.05
CA ASN A 241 28.49 27.57 4.48
C ASN A 241 28.16 26.96 3.11
N LEU A 242 28.85 27.44 2.07
CA LEU A 242 28.59 27.03 0.71
C LEU A 242 29.59 26.01 0.17
N SER A 243 30.44 25.46 1.04
CA SER A 243 31.64 24.78 0.56
C SER A 243 31.38 23.41 -0.06
N SER A 244 30.20 22.83 0.09
CA SER A 244 29.99 21.49 -0.44
C SER A 244 29.73 21.50 -1.95
N GLY A 245 29.36 22.65 -2.51
CA GLY A 245 29.12 22.76 -3.93
C GLY A 245 30.30 23.38 -4.66
N VAL A 246 30.05 23.75 -5.91
CA VAL A 246 31.11 24.24 -6.79
C VAL A 246 30.93 25.70 -7.19
N LEU A 247 29.74 26.27 -6.97
CA LEU A 247 29.44 27.64 -7.36
C LEU A 247 29.99 28.66 -6.39
N ARG A 248 30.49 28.21 -5.23
CA ARG A 248 30.98 29.12 -4.19
C ARG A 248 31.90 30.16 -4.80
N ALA A 249 31.61 31.43 -4.54
CA ALA A 249 32.34 32.51 -5.20
C ALA A 249 33.80 32.52 -4.77
N VAL A 250 34.64 33.10 -5.65
CA VAL A 250 36.09 33.11 -5.48
C VAL A 250 36.51 34.44 -4.91
N SER A 251 37.52 34.40 -4.05
CA SER A 251 38.04 35.62 -3.46
C SER A 251 38.55 36.52 -4.57
N PRO A 252 38.10 37.77 -4.64
CA PRO A 252 38.57 38.67 -5.70
C PRO A 252 40.08 38.77 -5.72
N LEU A 253 40.69 38.61 -4.54
CA LEU A 253 42.14 38.51 -4.44
C LEU A 253 42.69 37.45 -5.38
N HIS A 254 42.17 36.22 -5.30
CA HIS A 254 42.71 35.16 -6.13
C HIS A 254 42.37 35.36 -7.60
N MET A 255 41.19 35.91 -7.91
CA MET A 255 40.87 36.20 -9.31
C MET A 255 41.87 37.19 -9.90
N GLN A 256 42.21 38.23 -9.14
CA GLN A 256 43.22 39.17 -9.62
C GLN A 256 44.57 38.48 -9.75
N TYR A 257 44.93 37.64 -8.78
CA TYR A 257 46.16 36.89 -8.88
C TYR A 257 46.22 36.12 -10.19
N LEU A 258 45.12 35.47 -10.55
CA LEU A 258 45.08 34.67 -11.76
C LEU A 258 45.17 35.55 -13.00
N ARG A 259 44.50 36.71 -12.99
CA ARG A 259 44.61 37.62 -14.13
C ARG A 259 46.06 38.03 -14.36
N ASN A 260 46.74 38.42 -13.29
CA ASN A 260 48.12 38.85 -13.43
C ASN A 260 49.01 37.74 -13.97
N PHE A 261 48.59 36.49 -13.85
CA PHE A 261 49.32 35.34 -14.36
C PHE A 261 48.86 34.93 -15.76
N GLY A 262 47.89 35.65 -16.34
CA GLY A 262 47.40 35.33 -17.66
C GLY A 262 46.39 34.21 -17.72
N VAL A 263 45.72 33.91 -16.61
CA VAL A 263 44.80 32.79 -16.49
C VAL A 263 43.37 33.31 -16.45
N SER A 264 42.53 32.78 -17.33
CA SER A 264 41.12 33.13 -17.35
C SER A 264 40.22 32.03 -16.81
N ALA A 265 40.74 30.82 -16.63
CA ALA A 265 39.95 29.72 -16.08
C ALA A 265 40.92 28.77 -15.38
N SER A 266 40.49 28.26 -14.22
CA SER A 266 41.30 27.33 -13.45
C SER A 266 40.44 26.22 -12.87
N THR A 267 41.06 25.05 -12.69
CA THR A 267 40.42 23.90 -12.07
C THR A 267 41.47 23.15 -11.25
N SER A 268 41.23 22.98 -9.96
CA SER A 268 42.19 22.28 -9.10
C SER A 268 41.54 21.08 -8.43
N ILE A 269 42.35 20.05 -8.20
CA ILE A 269 41.89 18.77 -7.66
C ILE A 269 42.85 18.34 -6.57
N GLY A 270 42.31 17.98 -5.41
CA GLY A 270 43.15 17.56 -4.29
C GLY A 270 43.66 16.13 -4.42
N ILE A 271 44.94 15.95 -4.08
CA ILE A 271 45.58 14.64 -4.00
C ILE A 271 45.70 14.28 -2.53
N PHE A 272 45.08 13.18 -2.14
CA PHE A 272 44.97 12.79 -0.74
C PHE A 272 45.66 11.46 -0.49
N ASN A 273 46.44 11.41 0.59
CA ASN A 273 47.01 10.17 1.13
C ASN A 273 46.22 9.86 2.40
N GLU A 274 45.33 8.87 2.31
CA GLU A 274 44.32 8.62 3.34
C GLU A 274 43.49 9.89 3.38
N ASP A 275 43.43 10.62 4.50
CA ASP A 275 42.73 11.89 4.53
C ASP A 275 43.65 13.09 4.59
N GLU A 276 44.97 12.90 4.63
CA GLU A 276 45.87 14.03 4.57
C GLU A 276 45.97 14.53 3.14
N LEU A 277 46.04 15.85 3.00
CA LEU A 277 46.23 16.47 1.69
C LEU A 277 47.71 16.48 1.35
N TRP A 278 48.08 15.73 0.32
CA TRP A 278 49.48 15.58 -0.07
C TRP A 278 49.88 16.56 -1.15
N GLY A 279 48.94 17.06 -1.95
CA GLY A 279 49.26 17.96 -3.03
C GLY A 279 48.01 18.36 -3.79
N ILE A 280 48.21 19.13 -4.85
CA ILE A 280 47.11 19.61 -5.70
C ILE A 280 47.48 19.43 -7.16
N VAL A 281 46.51 18.99 -7.98
CA VAL A 281 46.63 19.04 -9.43
C VAL A 281 45.89 20.28 -9.91
N ALA A 282 46.60 21.18 -10.59
CA ALA A 282 46.08 22.48 -10.98
C ALA A 282 46.10 22.64 -12.50
N CYS A 283 44.99 23.15 -13.04
CA CYS A 283 44.81 23.36 -14.47
C CYS A 283 44.48 24.83 -14.72
N HIS A 284 45.28 25.49 -15.53
CA HIS A 284 45.08 26.90 -15.90
C HIS A 284 44.86 27.00 -17.40
N HIS A 285 43.98 27.91 -17.80
CA HIS A 285 43.69 28.14 -19.21
C HIS A 285 43.76 29.64 -19.50
N THR A 286 44.33 29.98 -20.66
CA THR A 286 44.52 31.39 -21.02
C THR A 286 43.20 32.08 -21.31
N LYS A 287 42.24 31.38 -21.89
CA LYS A 287 40.90 31.90 -22.11
C LYS A 287 39.88 31.15 -21.25
N PRO A 288 38.69 31.70 -21.03
CA PRO A 288 37.72 31.01 -20.18
C PRO A 288 37.38 29.64 -20.72
N ARG A 289 36.98 28.74 -19.81
CA ARG A 289 36.76 27.34 -20.16
C ARG A 289 35.77 26.71 -19.21
N ALA A 290 34.78 26.01 -19.77
CA ALA A 290 33.75 25.35 -18.98
C ALA A 290 33.92 23.84 -19.05
N ILE A 291 33.74 23.18 -17.92
CA ILE A 291 33.82 21.72 -17.86
C ILE A 291 32.52 21.20 -17.26
N GLY A 292 31.88 20.26 -17.95
CA GLY A 292 30.65 19.66 -17.48
C GLY A 292 30.86 18.77 -16.26
N ARG A 293 29.75 18.41 -15.61
CA ARG A 293 29.82 17.59 -14.40
C ARG A 293 30.51 16.25 -14.66
N ARG A 294 30.27 15.64 -15.82
CA ARG A 294 30.92 14.38 -16.16
C ARG A 294 32.43 14.53 -16.29
N ILE A 295 32.90 15.64 -16.89
CA ILE A 295 34.34 15.90 -16.96
C ILE A 295 34.94 16.05 -15.56
N ARG A 296 34.22 16.73 -14.67
CA ARG A 296 34.70 16.87 -13.29
C ARG A 296 34.84 15.50 -12.62
N ARG A 297 33.80 14.67 -12.74
CA ARG A 297 33.87 13.33 -12.16
C ARG A 297 35.05 12.54 -12.74
N LEU A 298 35.26 12.64 -14.05
CA LEU A 298 36.37 11.90 -14.67
C LEU A 298 37.72 12.39 -14.15
N LEU A 299 37.89 13.71 -14.03
CA LEU A 299 39.13 14.24 -13.51
C LEU A 299 39.38 13.75 -12.08
N VAL A 300 38.35 13.82 -11.23
CA VAL A 300 38.54 13.45 -9.82
C VAL A 300 38.79 11.95 -9.69
N ARG A 301 38.05 11.13 -10.45
CA ARG A 301 38.29 9.68 -10.38
C ARG A 301 39.69 9.32 -10.88
N THR A 302 40.16 10.01 -11.93
CA THR A 302 41.50 9.72 -12.44
C THR A 302 42.58 10.11 -11.43
N VAL A 303 42.41 11.26 -10.76
CA VAL A 303 43.38 11.63 -9.74
C VAL A 303 43.31 10.64 -8.59
N GLU A 304 42.10 10.22 -8.21
CA GLU A 304 41.94 9.26 -7.12
C GLU A 304 42.64 7.94 -7.44
N PHE A 305 42.48 7.45 -8.68
CA PHE A 305 43.15 6.23 -9.10
C PHE A 305 44.66 6.41 -9.10
N ALA A 306 45.14 7.56 -9.61
CA ALA A 306 46.57 7.79 -9.63
C ALA A 306 47.16 7.78 -8.22
N ALA A 307 46.45 8.40 -7.26
CA ALA A 307 46.96 8.46 -5.89
C ALA A 307 47.15 7.08 -5.29
N GLU A 308 46.15 6.20 -5.49
CA GLU A 308 46.24 4.85 -4.94
C GLU A 308 47.47 4.14 -5.49
N ARG A 309 47.73 4.29 -6.78
CA ARG A 309 48.93 3.72 -7.38
C ARG A 309 50.20 4.34 -6.79
N LEU A 310 50.15 5.64 -6.47
CA LEU A 310 51.33 6.33 -5.96
C LEU A 310 51.75 5.79 -4.59
N TRP A 311 50.78 5.58 -3.69
CA TRP A 311 51.16 5.08 -2.36
C TRP A 311 51.72 3.67 -2.42
N LEU A 312 51.24 2.86 -3.36
CA LEU A 312 51.84 1.55 -3.60
C LEU A 312 53.26 1.70 -4.11
N ILE A 313 53.48 2.68 -5.00
CA ILE A 313 54.80 2.88 -5.60
C ILE A 313 55.84 3.32 -4.57
N HIS A 314 55.46 4.16 -3.62
CA HIS A 314 56.49 4.63 -2.71
C HIS A 314 56.86 3.57 -1.67
N GLY B 8 7.36 7.58 -50.18
CA GLY B 8 7.35 7.54 -51.63
C GLY B 8 5.95 7.54 -52.20
N SER B 9 5.81 8.09 -53.42
CA SER B 9 4.48 8.26 -54.02
C SER B 9 3.79 6.93 -54.32
N ASP B 10 4.55 5.97 -54.84
CA ASP B 10 3.98 4.66 -55.16
C ASP B 10 3.52 3.94 -53.89
N ASP B 11 4.32 4.07 -52.83
CA ASP B 11 3.99 3.49 -51.52
C ASP B 11 2.75 4.17 -50.94
N ILE B 12 2.63 5.49 -51.11
CA ILE B 12 1.46 6.22 -50.65
C ILE B 12 0.21 5.74 -51.37
N SER B 13 0.29 5.54 -52.69
CA SER B 13 -0.87 5.03 -53.44
C SER B 13 -1.25 3.63 -52.97
N LYS B 14 -0.24 2.81 -52.69
CA LYS B 14 -0.50 1.46 -52.17
C LYS B 14 -1.24 1.52 -50.84
N LEU B 15 -0.85 2.46 -49.96
CA LEU B 15 -1.55 2.65 -48.69
C LEU B 15 -2.98 3.12 -48.90
N ILE B 16 -3.20 4.07 -49.81
CA ILE B 16 -4.55 4.60 -50.06
C ILE B 16 -5.47 3.51 -50.57
N ALA B 17 -4.94 2.53 -51.30
CA ALA B 17 -5.78 1.45 -51.81
C ALA B 17 -6.52 0.72 -50.68
N ALA B 18 -5.80 0.33 -49.62
CA ALA B 18 -6.35 -0.48 -48.53
C ALA B 18 -6.66 0.33 -47.27
N CYS B 19 -6.76 1.66 -47.38
CA CYS B 19 -6.87 2.51 -46.18
C CYS B 19 -8.22 2.38 -45.50
N ASP B 20 -9.31 2.23 -46.27
CA ASP B 20 -10.64 2.23 -45.66
C ASP B 20 -10.83 1.07 -44.68
N GLN B 21 -10.12 -0.04 -44.89
CA GLN B 21 -10.17 -1.19 -44.02
C GLN B 21 -8.93 -1.36 -43.14
N GLU B 22 -8.07 -0.35 -43.06
CA GLU B 22 -6.87 -0.48 -42.26
C GLU B 22 -7.24 -0.68 -40.79
N PRO B 23 -6.69 -1.69 -40.12
CA PRO B 23 -7.07 -1.94 -38.73
C PRO B 23 -6.28 -1.07 -37.76
N ILE B 24 -6.78 0.14 -37.53
CA ILE B 24 -6.05 1.14 -36.75
C ILE B 24 -6.07 0.87 -35.25
N HIS B 25 -6.88 -0.09 -34.80
CA HIS B 25 -6.89 -0.42 -33.38
C HIS B 25 -5.75 -1.35 -32.99
N ILE B 26 -5.10 -2.02 -33.94
CA ILE B 26 -4.04 -2.97 -33.62
C ILE B 26 -2.75 -2.67 -34.38
N PRO B 27 -2.18 -1.48 -34.27
CA PRO B 27 -0.93 -1.19 -35.00
C PRO B 27 0.30 -1.89 -34.45
N ASN B 28 0.21 -2.62 -33.34
CA ASN B 28 1.38 -3.22 -32.70
C ASN B 28 2.51 -2.22 -32.49
N ALA B 29 2.18 -0.93 -32.34
CA ALA B 29 3.20 0.09 -32.09
C ALA B 29 2.56 1.28 -31.38
N ILE B 30 3.42 2.14 -30.84
CA ILE B 30 2.99 3.29 -30.08
C ILE B 30 3.77 4.53 -30.50
N GLN B 31 3.22 5.70 -30.17
CA GLN B 31 3.97 6.94 -30.31
C GLN B 31 4.98 7.05 -29.18
N PRO B 32 6.14 7.67 -29.42
CA PRO B 32 7.23 7.59 -28.46
C PRO B 32 7.17 8.59 -27.31
N PHE B 33 6.08 9.34 -27.12
CA PHE B 33 6.03 10.21 -25.96
C PHE B 33 5.66 9.47 -24.69
N GLY B 34 5.64 8.14 -24.76
CA GLY B 34 5.52 7.29 -23.61
C GLY B 34 5.92 5.88 -24.01
N ALA B 35 5.95 5.00 -23.02
CA ALA B 35 6.23 3.60 -23.26
C ALA B 35 5.03 2.79 -22.80
N MET B 36 4.94 1.55 -23.27
CA MET B 36 3.79 0.68 -23.01
C MET B 36 4.24 -0.72 -22.67
N LEU B 37 3.61 -1.29 -21.65
CA LEU B 37 3.71 -2.71 -21.33
C LEU B 37 2.36 -3.38 -21.51
N ILE B 38 2.37 -4.62 -21.99
CA ILE B 38 1.19 -5.47 -21.99
C ILE B 38 1.53 -6.74 -21.21
N VAL B 39 0.76 -6.99 -20.15
CA VAL B 39 1.00 -8.05 -19.18
C VAL B 39 -0.14 -9.03 -19.28
N GLU B 40 0.17 -10.33 -19.19
CA GLU B 40 -0.87 -11.34 -19.19
C GLU B 40 -1.50 -11.42 -17.81
N LYS B 41 -2.84 -11.35 -17.78
CA LYS B 41 -3.57 -11.16 -16.53
C LYS B 41 -3.36 -12.32 -15.57
N ASP B 42 -3.45 -13.55 -16.08
CA ASP B 42 -3.43 -14.73 -15.23
C ASP B 42 -2.02 -15.08 -14.78
N THR B 43 -1.05 -15.02 -15.69
CA THR B 43 0.33 -15.35 -15.40
C THR B 43 1.15 -14.17 -14.87
N GLN B 44 0.59 -12.96 -14.87
CA GLN B 44 1.27 -11.76 -14.36
C GLN B 44 2.64 -11.58 -15.04
N GLN B 45 2.71 -11.94 -16.32
CA GLN B 45 3.96 -11.95 -17.09
C GLN B 45 3.90 -10.86 -18.14
N ILE B 46 5.01 -10.16 -18.33
CA ILE B 46 5.11 -9.20 -19.41
C ILE B 46 5.20 -9.93 -20.74
N VAL B 47 4.22 -9.72 -21.62
CA VAL B 47 4.23 -10.37 -22.92
C VAL B 47 4.59 -9.39 -24.04
N TYR B 48 4.29 -8.10 -23.89
CA TYR B 48 4.76 -7.15 -24.89
C TYR B 48 5.32 -5.93 -24.21
N ALA B 49 6.34 -5.34 -24.83
CA ALA B 49 6.92 -4.10 -24.37
C ALA B 49 7.26 -3.25 -25.58
N SER B 50 6.97 -1.96 -25.47
CA SER B 50 7.37 -1.04 -26.51
C SER B 50 8.89 -0.95 -26.57
N ALA B 51 9.42 -0.65 -27.76
CA ALA B 51 10.87 -0.70 -27.95
C ALA B 51 11.61 0.26 -27.03
N ASN B 52 10.98 1.37 -26.67
CA ASN B 52 11.61 2.38 -25.84
C ASN B 52 11.32 2.18 -24.36
N SER B 53 10.86 0.99 -23.96
CA SER B 53 10.53 0.74 -22.57
C SER B 53 11.72 0.99 -21.66
N ALA B 54 12.93 0.78 -22.17
CA ALA B 54 14.13 0.93 -21.35
C ALA B 54 14.27 2.34 -20.81
N GLU B 55 14.17 3.35 -21.69
CA GLU B 55 14.45 4.71 -21.27
C GLU B 55 13.38 5.27 -20.32
N TYR B 56 12.25 4.60 -20.17
CA TYR B 56 11.22 5.00 -19.22
C TYR B 56 11.28 4.21 -17.93
N PHE B 57 11.33 2.88 -18.00
CA PHE B 57 11.35 2.09 -16.79
C PHE B 57 12.69 2.12 -16.06
N SER B 58 13.75 2.59 -16.71
CA SER B 58 15.01 2.81 -16.01
C SER B 58 14.85 3.82 -14.88
N VAL B 59 13.86 4.72 -15.00
CA VAL B 59 13.62 5.75 -14.00
C VAL B 59 12.96 5.15 -12.76
N ALA B 60 12.17 4.10 -12.92
CA ALA B 60 11.52 3.45 -11.79
C ALA B 60 12.37 2.33 -11.19
N ASP B 61 13.10 1.61 -12.05
CA ASP B 61 13.99 0.51 -11.65
C ASP B 61 15.29 0.68 -12.44
N ASN B 62 16.32 1.21 -11.79
CA ASN B 62 17.56 1.52 -12.48
C ASN B 62 18.37 0.28 -12.84
N THR B 63 17.94 -0.92 -12.46
CA THR B 63 18.61 -2.13 -12.91
C THR B 63 18.22 -2.51 -14.33
N ILE B 64 17.38 -1.71 -14.98
CA ILE B 64 17.01 -1.88 -16.38
C ILE B 64 17.84 -0.93 -17.24
N HIS B 65 18.54 -1.49 -18.23
CA HIS B 65 19.42 -0.74 -19.11
C HIS B 65 19.07 -0.91 -20.58
N GLU B 66 18.64 -2.11 -20.99
CA GLU B 66 18.26 -2.39 -22.36
C GLU B 66 16.85 -2.98 -22.37
N LEU B 67 16.26 -3.04 -23.56
CA LEU B 67 14.93 -3.64 -23.67
C LEU B 67 14.92 -5.07 -23.15
N SER B 68 16.02 -5.81 -23.36
CA SER B 68 16.06 -7.21 -22.98
C SER B 68 15.97 -7.41 -21.48
N ASP B 69 16.37 -6.40 -20.70
CA ASP B 69 16.36 -6.53 -19.25
C ASP B 69 14.95 -6.70 -18.71
N ILE B 70 13.95 -6.26 -19.47
CA ILE B 70 12.56 -6.37 -19.02
C ILE B 70 12.14 -7.84 -18.86
N LYS B 71 12.64 -8.72 -19.75
CA LYS B 71 12.28 -10.13 -19.68
C LYS B 71 12.49 -10.75 -18.30
N GLN B 72 13.61 -10.43 -17.64
CA GLN B 72 13.89 -10.99 -16.32
C GLN B 72 13.35 -10.15 -15.17
N ALA B 73 12.69 -9.03 -15.45
CA ALA B 73 12.17 -8.21 -14.37
C ALA B 73 10.74 -8.63 -14.06
N ASN B 74 10.32 -8.40 -12.82
CA ASN B 74 8.96 -8.72 -12.40
C ASN B 74 8.23 -7.40 -12.22
N ILE B 75 6.99 -7.35 -12.73
CA ILE B 75 6.21 -6.12 -12.82
C ILE B 75 6.17 -5.38 -11.49
N ASN B 76 6.24 -6.11 -10.38
CA ASN B 76 6.22 -5.45 -9.08
C ASN B 76 7.40 -4.48 -8.90
N SER B 77 8.48 -4.67 -9.66
CA SER B 77 9.62 -3.77 -9.62
C SER B 77 9.40 -2.51 -10.44
N LEU B 78 8.54 -2.59 -11.46
CA LEU B 78 8.32 -1.52 -12.43
C LEU B 78 7.13 -0.64 -12.09
N LEU B 79 6.06 -1.23 -11.59
CA LEU B 79 4.80 -0.54 -11.39
C LEU B 79 4.59 -0.24 -9.92
N PRO B 80 3.77 0.76 -9.62
CA PRO B 80 3.40 0.99 -8.21
C PRO B 80 2.45 -0.09 -7.72
N GLU B 81 2.54 -0.38 -6.41
CA GLU B 81 1.62 -1.38 -5.86
C GLU B 81 0.17 -0.97 -6.11
N HIS B 82 -0.13 0.33 -5.98
CA HIS B 82 -1.48 0.82 -6.17
C HIS B 82 -2.02 0.49 -7.56
N LEU B 83 -1.17 0.63 -8.58
CA LEU B 83 -1.62 0.37 -9.94
C LEU B 83 -1.86 -1.12 -10.16
N ILE B 84 -0.97 -1.97 -9.65
CA ILE B 84 -1.12 -3.41 -9.84
C ILE B 84 -2.36 -3.93 -9.13
N SER B 85 -2.54 -3.56 -7.86
CA SER B 85 -3.72 -4.05 -7.15
C SER B 85 -5.01 -3.44 -7.71
N GLY B 86 -4.96 -2.19 -8.20
CA GLY B 86 -6.15 -1.62 -8.80
C GLY B 86 -6.52 -2.32 -10.09
N LEU B 87 -5.52 -2.68 -10.90
CA LEU B 87 -5.81 -3.44 -12.10
C LEU B 87 -6.29 -4.85 -11.76
N ALA B 88 -5.65 -5.49 -10.78
CA ALA B 88 -6.01 -6.86 -10.43
C ALA B 88 -7.41 -6.94 -9.82
N SER B 89 -7.74 -6.00 -8.94
CA SER B 89 -9.01 -6.04 -8.22
C SER B 89 -10.16 -5.38 -8.96
N ALA B 90 -9.89 -4.66 -10.05
CA ALA B 90 -10.95 -4.05 -10.84
C ALA B 90 -11.74 -5.11 -11.60
N ILE B 91 -13.05 -4.91 -11.68
CA ILE B 91 -13.94 -5.88 -12.29
C ILE B 91 -14.44 -5.43 -13.66
N ARG B 92 -14.52 -4.12 -13.91
CA ARG B 92 -14.93 -3.63 -15.22
C ARG B 92 -13.74 -3.55 -16.17
N GLU B 93 -14.02 -3.77 -17.45
CA GLU B 93 -13.01 -3.71 -18.50
C GLU B 93 -12.87 -2.30 -19.06
N ASN B 94 -11.66 -1.98 -19.54
CA ASN B 94 -11.40 -0.76 -20.30
C ASN B 94 -11.75 0.52 -19.52
N GLU B 95 -11.48 0.52 -18.22
CA GLU B 95 -11.62 1.72 -17.40
C GLU B 95 -10.25 2.11 -16.87
N PRO B 96 -9.58 3.08 -17.47
CA PRO B 96 -8.19 3.35 -17.11
C PRO B 96 -8.03 3.93 -15.71
N ILE B 97 -7.04 3.41 -15.01
CA ILE B 97 -6.61 3.87 -13.70
C ILE B 97 -5.39 4.74 -13.91
N TRP B 98 -5.37 5.88 -13.25
CA TRP B 98 -4.32 6.88 -13.41
C TRP B 98 -3.57 6.97 -12.09
N VAL B 99 -2.31 6.54 -12.11
CA VAL B 99 -1.50 6.47 -10.89
C VAL B 99 -0.17 7.18 -11.15
N GLU B 100 0.21 8.08 -10.25
CA GLU B 100 1.47 8.80 -10.41
C GLU B 100 2.43 8.50 -9.26
N THR B 101 3.72 8.50 -9.58
CA THR B 101 4.80 8.48 -8.60
C THR B 101 5.53 9.80 -8.76
N ASP B 102 6.65 9.94 -8.06
CA ASP B 102 7.40 11.18 -8.18
C ASP B 102 8.03 11.33 -9.57
N ARG B 103 8.28 10.22 -10.27
CA ARG B 103 8.99 10.27 -11.55
C ARG B 103 8.19 9.85 -12.78
N LEU B 104 7.13 9.05 -12.63
CA LEU B 104 6.41 8.54 -13.78
C LEU B 104 4.92 8.72 -13.59
N SER B 105 4.18 8.65 -14.70
CA SER B 105 2.72 8.80 -14.71
C SER B 105 2.13 7.64 -15.50
N PHE B 106 1.45 6.73 -14.81
CA PHE B 106 0.91 5.50 -15.40
C PHE B 106 -0.59 5.62 -15.66
N LEU B 107 -1.02 5.00 -16.77
CA LEU B 107 -2.44 4.88 -17.13
C LEU B 107 -2.63 3.44 -17.58
N GLY B 108 -3.29 2.63 -16.76
CA GLY B 108 -3.43 1.22 -17.05
C GLY B 108 -4.88 0.76 -16.99
N TRP B 109 -5.20 -0.21 -17.83
CA TRP B 109 -6.54 -0.78 -17.82
C TRP B 109 -6.49 -2.28 -18.10
N ARG B 110 -7.66 -2.92 -17.96
CA ARG B 110 -7.82 -4.36 -18.12
C ARG B 110 -8.50 -4.55 -19.45
N HIS B 111 -7.89 -5.31 -20.34
CA HIS B 111 -8.48 -5.57 -21.64
C HIS B 111 -8.32 -7.05 -21.94
N GLU B 112 -9.43 -7.79 -22.01
CA GLU B 112 -9.43 -9.21 -22.34
C GLU B 112 -8.49 -9.94 -21.38
N ASN B 113 -7.49 -10.66 -21.88
CA ASN B 113 -6.59 -11.47 -21.09
C ASN B 113 -5.43 -10.67 -20.52
N TYR B 114 -5.39 -9.36 -20.75
CA TYR B 114 -4.22 -8.54 -20.47
C TYR B 114 -4.52 -7.33 -19.59
N TYR B 115 -3.45 -6.87 -18.94
CA TYR B 115 -3.35 -5.54 -18.36
C TYR B 115 -2.51 -4.73 -19.34
N ILE B 116 -3.00 -3.57 -19.74
CA ILE B 116 -2.27 -2.68 -20.62
C ILE B 116 -1.87 -1.47 -19.81
N ILE B 117 -0.59 -1.13 -19.79
CA ILE B 117 -0.08 -0.02 -19.00
C ILE B 117 0.66 0.93 -19.94
N GLU B 118 0.23 2.17 -19.98
CA GLU B 118 1.00 3.23 -20.62
C GLU B 118 1.67 4.03 -19.53
N VAL B 119 2.87 4.51 -19.81
CA VAL B 119 3.62 5.27 -18.83
C VAL B 119 4.28 6.43 -19.56
N GLU B 120 4.21 7.62 -18.95
CA GLU B 120 4.83 8.81 -19.49
C GLU B 120 5.74 9.43 -18.42
N ARG B 121 6.67 10.26 -18.88
CA ARG B 121 7.44 11.02 -17.92
C ARG B 121 6.52 12.04 -17.27
N TYR B 122 6.90 12.52 -16.10
CA TYR B 122 5.93 13.27 -15.33
C TYR B 122 6.54 14.53 -14.71
N HIS B 123 5.77 15.61 -14.82
CA HIS B 123 6.14 16.95 -14.40
C HIS B 123 5.03 17.47 -13.49
N VAL B 124 5.40 17.97 -12.31
CA VAL B 124 4.40 18.46 -11.37
C VAL B 124 3.76 19.74 -11.88
N GLN B 125 2.42 19.82 -11.78
CA GLN B 125 1.69 21.02 -12.19
C GLN B 125 1.06 21.62 -10.94
N THR B 126 1.77 22.59 -10.35
CA THR B 126 1.36 23.30 -9.14
C THR B 126 1.12 24.75 -9.50
N SER B 127 -0.14 25.14 -9.71
CA SER B 127 -0.48 26.54 -9.90
C SER B 127 -1.98 26.62 -9.94
N ASN B 128 -2.50 27.82 -9.74
CA ASN B 128 -3.94 27.98 -9.87
C ASN B 128 -4.34 28.21 -11.31
N TRP B 129 -3.42 28.03 -12.26
CA TRP B 129 -3.73 28.32 -13.65
C TRP B 129 -4.89 27.47 -14.14
N PHE B 130 -4.94 26.20 -13.72
CA PHE B 130 -5.96 25.30 -14.23
C PHE B 130 -7.34 25.67 -13.70
N GLU B 131 -7.44 25.98 -12.41
CA GLU B 131 -8.72 26.37 -11.83
C GLU B 131 -9.17 27.70 -12.39
N ILE B 132 -8.24 28.62 -12.66
CA ILE B 132 -8.60 29.89 -13.26
C ILE B 132 -9.14 29.68 -14.67
N GLN B 133 -8.44 28.89 -15.47
CA GLN B 133 -8.90 28.64 -16.84
C GLN B 133 -10.24 27.94 -16.85
N PHE B 134 -10.42 26.94 -15.99
CA PHE B 134 -11.70 26.24 -15.89
C PHE B 134 -12.82 27.19 -15.47
N GLN B 135 -12.56 28.01 -14.45
CA GLN B 135 -13.58 28.95 -13.99
C GLN B 135 -13.95 29.95 -15.06
N ARG B 136 -12.94 30.48 -15.75
CA ARG B 136 -13.20 31.45 -16.80
C ARG B 136 -14.01 30.80 -17.93
N ALA B 137 -13.65 29.57 -18.29
CA ALA B 137 -14.37 28.85 -19.34
C ALA B 137 -15.84 28.66 -19.00
N PHE B 138 -16.14 28.28 -17.76
CA PHE B 138 -17.53 28.08 -17.39
C PHE B 138 -18.32 29.37 -17.44
N GLN B 139 -17.76 30.47 -16.92
CA GLN B 139 -18.49 31.72 -16.90
C GLN B 139 -18.88 32.15 -18.31
N LYS B 140 -17.93 32.04 -19.26
CA LYS B 140 -18.18 32.45 -20.64
C LYS B 140 -19.13 31.49 -21.35
N LEU B 141 -18.98 30.19 -21.13
CA LEU B 141 -19.89 29.25 -21.78
C LEU B 141 -21.30 29.40 -21.24
N ARG B 142 -21.43 29.83 -19.98
CA ARG B 142 -22.75 30.10 -19.41
C ARG B 142 -23.37 31.37 -19.98
N ASN B 143 -22.56 32.37 -20.35
CA ASN B 143 -23.12 33.58 -20.93
C ASN B 143 -23.58 33.42 -22.37
N CYS B 144 -23.18 32.35 -23.06
CA CYS B 144 -23.56 32.17 -24.45
C CYS B 144 -25.04 31.79 -24.54
N LYS B 145 -25.80 32.54 -25.31
CA LYS B 145 -27.23 32.37 -25.42
C LYS B 145 -27.67 31.91 -26.81
N THR B 146 -26.76 31.85 -27.77
CA THR B 146 -27.07 31.42 -29.13
C THR B 146 -26.11 30.31 -29.53
N HIS B 147 -26.59 29.41 -30.39
CA HIS B 147 -25.73 28.31 -30.85
C HIS B 147 -24.44 28.85 -31.43
N ASN B 148 -24.52 29.91 -32.25
CA ASN B 148 -23.32 30.43 -32.87
C ASN B 148 -22.34 30.97 -31.84
N ASP B 149 -22.84 31.71 -30.82
CA ASP B 149 -21.94 32.21 -29.78
C ASP B 149 -21.19 31.08 -29.12
N LEU B 150 -21.88 29.96 -28.86
CA LEU B 150 -21.30 28.92 -28.04
C LEU B 150 -20.14 28.23 -28.75
N ILE B 151 -20.34 27.84 -30.02
CA ILE B 151 -19.28 27.12 -30.72
C ILE B 151 -18.05 28.00 -30.88
N ASN B 152 -18.25 29.28 -31.19
CA ASN B 152 -17.12 30.19 -31.35
C ASN B 152 -16.41 30.42 -30.02
N THR B 153 -17.17 30.56 -28.94
CA THR B 153 -16.56 30.72 -27.62
C THR B 153 -15.78 29.47 -27.25
N LEU B 154 -16.31 28.29 -27.55
CA LEU B 154 -15.63 27.05 -27.24
C LEU B 154 -14.32 26.94 -28.00
N THR B 155 -14.34 27.32 -29.28
CA THR B 155 -13.11 27.22 -30.08
C THR B 155 -12.05 28.18 -29.56
N ARG B 156 -12.46 29.40 -29.19
CA ARG B 156 -11.51 30.33 -28.59
C ARG B 156 -10.97 29.79 -27.27
N LEU B 157 -11.84 29.19 -26.45
CA LEU B 157 -11.41 28.69 -25.14
C LEU B 157 -10.42 27.55 -25.26
N ILE B 158 -10.70 26.59 -26.15
CA ILE B 158 -9.76 25.49 -26.37
C ILE B 158 -8.42 26.04 -26.84
N GLN B 159 -8.44 27.08 -27.69
CA GLN B 159 -7.17 27.65 -28.09
C GLN B 159 -6.43 28.28 -26.91
N GLU B 160 -7.14 29.03 -26.07
CA GLU B 160 -6.49 29.65 -24.92
C GLU B 160 -5.90 28.60 -23.97
N ILE B 161 -6.60 27.49 -23.77
CA ILE B 161 -6.12 26.47 -22.85
C ILE B 161 -4.95 25.70 -23.45
N SER B 162 -5.08 25.28 -24.71
CA SER B 162 -4.08 24.42 -25.31
C SER B 162 -2.95 25.18 -25.96
N GLY B 163 -3.21 26.40 -26.43
CA GLY B 163 -2.17 27.16 -27.07
C GLY B 163 -1.86 26.71 -28.47
N TYR B 164 -2.66 25.79 -29.02
CA TYR B 164 -2.44 25.30 -30.37
C TYR B 164 -2.75 26.40 -31.38
N ASP B 165 -2.08 26.32 -32.54
CA ASP B 165 -2.17 27.40 -33.51
C ASP B 165 -3.57 27.53 -34.08
N ARG B 166 -4.20 26.42 -34.46
CA ARG B 166 -5.54 26.48 -35.01
C ARG B 166 -6.41 25.50 -34.26
N VAL B 167 -7.64 25.92 -33.96
CA VAL B 167 -8.64 25.09 -33.32
C VAL B 167 -9.90 25.21 -34.14
N MET B 168 -10.45 24.07 -34.55
CA MET B 168 -11.65 24.03 -35.38
C MET B 168 -12.69 23.13 -34.73
N ILE B 169 -13.93 23.32 -35.15
CA ILE B 169 -15.01 22.43 -34.79
C ILE B 169 -15.59 21.87 -36.08
N TYR B 170 -15.42 20.57 -36.29
CA TYR B 170 -16.11 19.86 -37.36
C TYR B 170 -17.47 19.42 -36.83
N GLN B 171 -18.52 19.66 -37.61
CA GLN B 171 -19.82 19.10 -37.34
C GLN B 171 -20.13 18.09 -38.44
N PHE B 172 -20.61 16.92 -38.02
CA PHE B 172 -20.99 15.86 -38.94
C PHE B 172 -22.44 16.05 -39.36
N ASP B 173 -22.72 15.72 -40.61
CA ASP B 173 -24.07 15.64 -41.14
C ASP B 173 -24.53 14.19 -41.10
N PRO B 174 -25.81 13.92 -41.41
CA PRO B 174 -26.29 12.53 -41.33
C PRO B 174 -25.36 11.51 -42.00
N GLU B 175 -24.70 11.86 -43.10
CA GLU B 175 -23.88 10.90 -43.83
C GLU B 175 -22.40 10.94 -43.41
N TRP B 176 -22.09 11.60 -42.29
CA TRP B 176 -20.75 11.61 -41.68
C TRP B 176 -19.74 12.42 -42.48
N ASN B 177 -20.21 13.28 -43.39
CA ASN B 177 -19.38 14.30 -43.99
C ASN B 177 -19.15 15.42 -42.97
N GLY B 178 -18.02 16.11 -43.09
CA GLY B 178 -17.63 17.11 -42.11
C GLY B 178 -17.73 18.55 -42.69
N ARG B 179 -18.19 19.47 -41.84
CA ARG B 179 -18.11 20.89 -42.17
C ARG B 179 -17.51 21.64 -40.99
N VAL B 180 -16.63 22.59 -41.27
CA VAL B 180 -16.01 23.40 -40.24
C VAL B 180 -16.92 24.57 -39.92
N ILE B 181 -17.59 24.51 -38.77
CA ILE B 181 -18.60 25.52 -38.46
C ILE B 181 -18.04 26.68 -37.65
N ALA B 182 -16.88 26.51 -37.02
CA ALA B 182 -16.29 27.59 -36.24
C ALA B 182 -14.81 27.31 -36.06
N GLU B 183 -14.04 28.39 -35.97
CA GLU B 183 -12.59 28.29 -35.99
C GLU B 183 -12.00 29.42 -35.16
N SER B 184 -10.83 29.17 -34.61
CA SER B 184 -10.08 30.17 -33.86
C SER B 184 -8.61 29.95 -34.18
N VAL B 185 -8.00 30.87 -34.93
CA VAL B 185 -6.66 30.64 -35.45
C VAL B 185 -5.83 31.91 -35.35
N ARG B 186 -4.52 31.73 -35.19
CA ARG B 186 -3.58 32.84 -35.10
C ARG B 186 -3.45 33.54 -36.45
N GLN B 187 -2.82 34.71 -36.42
CA GLN B 187 -2.60 35.46 -37.65
C GLN B 187 -1.64 34.72 -38.58
N LEU B 188 -1.79 34.99 -39.88
CA LEU B 188 -0.99 34.38 -40.93
C LEU B 188 -1.38 32.92 -41.15
N PHE B 189 -2.67 32.62 -41.06
CA PHE B 189 -3.17 31.28 -41.32
C PHE B 189 -4.36 31.33 -42.28
N THR B 190 -4.40 30.36 -43.19
CA THR B 190 -5.53 30.23 -44.11
C THR B 190 -6.79 29.92 -43.33
N SER B 191 -7.86 30.66 -43.63
CA SER B 191 -9.13 30.41 -42.97
C SER B 191 -9.68 29.07 -43.44
N MET B 192 -9.92 28.16 -42.50
CA MET B 192 -10.56 26.89 -42.77
C MET B 192 -12.06 26.93 -42.50
N LEU B 193 -12.57 28.10 -42.14
CA LEU B 193 -13.99 28.24 -41.84
C LEU B 193 -14.81 27.90 -43.09
N ASN B 194 -15.87 27.12 -42.89
CA ASN B 194 -16.82 26.71 -43.92
C ASN B 194 -16.26 25.66 -44.88
N HIS B 195 -15.06 25.17 -44.64
CA HIS B 195 -14.52 24.10 -45.47
CA HIS B 195 -14.50 24.09 -45.45
C HIS B 195 -15.27 22.80 -45.24
N HIS B 196 -15.51 22.07 -46.33
CA HIS B 196 -16.15 20.77 -46.27
C HIS B 196 -15.12 19.68 -46.52
N PHE B 197 -15.29 18.55 -45.84
CA PHE B 197 -14.51 17.38 -46.20
C PHE B 197 -15.43 16.18 -46.31
N PRO B 198 -15.09 15.23 -47.20
CA PRO B 198 -15.96 14.08 -47.43
C PRO B 198 -15.85 13.07 -46.32
N ALA B 199 -16.91 12.26 -46.17
CA ALA B 199 -16.96 11.28 -45.09
C ALA B 199 -15.80 10.30 -45.15
N SER B 200 -15.30 10.01 -46.35
CA SER B 200 -14.21 9.05 -46.51
C SER B 200 -12.94 9.50 -45.81
N ASP B 201 -12.84 10.79 -45.46
CA ASP B 201 -11.60 11.31 -44.89
C ASP B 201 -11.40 10.84 -43.45
N ILE B 202 -12.48 10.55 -42.74
CA ILE B 202 -12.41 9.90 -41.44
C ILE B 202 -13.13 8.57 -41.54
N PRO B 203 -12.39 7.46 -41.68
CA PRO B 203 -13.05 6.15 -41.75
C PRO B 203 -13.87 5.89 -40.49
N ALA B 204 -14.84 4.98 -40.62
CA ALA B 204 -15.74 4.71 -39.50
C ALA B 204 -14.97 4.28 -38.26
N GLN B 205 -14.00 3.39 -38.43
CA GLN B 205 -13.20 2.90 -37.31
C GLN B 205 -12.40 4.00 -36.64
N ALA B 206 -12.16 5.11 -37.32
CA ALA B 206 -11.51 6.25 -36.66
C ALA B 206 -12.50 7.05 -35.82
N ARG B 207 -13.73 7.25 -36.33
CA ARG B 207 -14.77 7.89 -35.55
C ARG B 207 -15.08 7.06 -34.31
N ALA B 208 -15.05 5.74 -34.45
CA ALA B 208 -15.38 4.86 -33.34
C ALA B 208 -14.48 5.11 -32.14
N MET B 209 -13.20 5.42 -32.39
CA MET B 209 -12.25 5.55 -31.29
C MET B 209 -12.65 6.64 -30.31
N TYR B 210 -13.34 7.70 -30.78
CA TYR B 210 -13.76 8.76 -29.88
C TYR B 210 -14.76 8.25 -28.86
N SER B 211 -15.43 7.14 -29.16
CA SER B 211 -16.30 6.50 -28.19
C SER B 211 -15.55 5.63 -27.19
N ILE B 212 -14.31 5.25 -27.48
CA ILE B 212 -13.49 4.50 -26.52
C ILE B 212 -12.65 5.44 -25.66
N ASN B 213 -12.07 6.47 -26.28
CA ASN B 213 -11.33 7.52 -25.59
C ASN B 213 -11.66 8.83 -26.27
N PRO B 214 -12.25 9.79 -25.55
CA PRO B 214 -12.76 11.00 -26.22
C PRO B 214 -11.67 11.95 -26.69
N ILE B 215 -10.41 11.70 -26.34
CA ILE B 215 -9.31 12.53 -26.80
C ILE B 215 -8.34 11.68 -27.61
N ARG B 216 -7.76 12.33 -28.63
CA ARG B 216 -6.75 11.74 -29.49
C ARG B 216 -5.60 12.72 -29.56
N ILE B 217 -4.38 12.22 -29.39
CA ILE B 217 -3.22 13.08 -29.16
C ILE B 217 -2.05 12.61 -30.02
N ILE B 218 -1.52 13.51 -30.84
CA ILE B 218 -0.34 13.29 -31.68
C ILE B 218 0.62 14.45 -31.42
N PRO B 219 1.59 14.30 -30.52
CA PRO B 219 2.43 15.45 -30.14
C PRO B 219 3.51 15.78 -31.15
N ASP B 220 3.69 14.93 -32.16
CA ASP B 220 4.79 15.05 -33.12
C ASP B 220 4.59 14.08 -34.27
N VAL B 221 4.23 14.60 -35.45
CA VAL B 221 3.97 13.73 -36.59
C VAL B 221 5.23 13.11 -37.16
N ASN B 222 6.40 13.59 -36.75
CA ASN B 222 7.66 13.11 -37.29
C ASN B 222 8.42 12.20 -36.33
N ALA B 223 7.79 11.82 -35.23
CA ALA B 223 8.44 10.93 -34.30
C ALA B 223 8.31 9.47 -34.76
N GLU B 224 9.36 8.70 -34.50
CA GLU B 224 9.40 7.34 -34.98
C GLU B 224 8.48 6.46 -34.14
N PRO B 225 7.48 5.80 -34.73
CA PRO B 225 6.68 4.85 -33.97
C PRO B 225 7.56 3.74 -33.42
N GLN B 226 7.29 3.36 -32.18
CA GLN B 226 8.04 2.31 -31.51
C GLN B 226 7.25 1.01 -31.56
N PRO B 227 7.80 -0.07 -32.11
CA PRO B 227 7.01 -1.30 -32.22
C PRO B 227 6.97 -2.04 -30.90
N LEU B 228 5.95 -2.88 -30.76
CA LEU B 228 5.79 -3.70 -29.57
C LEU B 228 6.58 -4.99 -29.78
N HIS B 229 7.58 -5.20 -28.94
CA HIS B 229 8.38 -6.41 -29.02
C HIS B 229 7.85 -7.45 -28.04
N MET B 230 7.83 -8.70 -28.48
CA MET B 230 7.42 -9.80 -27.62
C MET B 230 8.47 -10.04 -26.55
N ILE B 231 8.01 -10.29 -25.33
CA ILE B 231 8.93 -10.54 -24.22
C ILE B 231 8.83 -12.03 -23.89
N HIS B 232 7.77 -12.41 -23.18
CA HIS B 232 7.39 -13.81 -23.05
C HIS B 232 6.24 -14.12 -23.99
N LYS B 233 6.26 -15.32 -24.56
CA LYS B 233 5.28 -15.68 -25.56
C LYS B 233 3.88 -15.70 -24.95
N PRO B 234 2.91 -15.00 -25.55
CA PRO B 234 1.55 -15.02 -25.01
C PRO B 234 0.79 -16.26 -25.47
N GLN B 235 -0.28 -16.59 -24.73
CA GLN B 235 -1.09 -17.74 -25.10
C GLN B 235 -1.93 -17.48 -26.35
N ASN B 236 -2.39 -16.25 -26.53
CA ASN B 236 -3.07 -15.84 -27.74
C ASN B 236 -2.21 -14.79 -28.44
N THR B 237 -1.73 -15.11 -29.62
CA THR B 237 -0.78 -14.27 -30.32
C THR B 237 -1.41 -13.20 -31.19
N GLU B 238 -2.74 -13.16 -31.33
CA GLU B 238 -3.31 -12.04 -32.07
C GLU B 238 -3.00 -10.72 -31.41
N ALA B 239 -2.93 -9.66 -32.23
CA ALA B 239 -2.56 -8.36 -31.73
C ALA B 239 -3.59 -7.85 -30.72
N VAL B 240 -3.10 -7.02 -29.81
CA VAL B 240 -3.89 -6.52 -28.68
C VAL B 240 -4.47 -5.16 -29.06
N ASN B 241 -5.76 -4.99 -28.83
CA ASN B 241 -6.42 -3.72 -29.11
C ASN B 241 -5.89 -2.67 -28.14
N LEU B 242 -5.33 -1.58 -28.69
CA LEU B 242 -4.68 -0.54 -27.90
C LEU B 242 -5.54 0.71 -27.74
N SER B 243 -6.81 0.65 -28.10
CA SER B 243 -7.56 1.88 -28.38
C SER B 243 -7.97 2.67 -27.13
N SER B 244 -7.90 2.10 -25.94
CA SER B 244 -8.36 2.86 -24.78
C SER B 244 -7.34 3.87 -24.27
N GLY B 245 -6.09 3.78 -24.69
CA GLY B 245 -5.06 4.71 -24.26
C GLY B 245 -4.76 5.79 -25.28
N VAL B 246 -3.65 6.49 -25.03
CA VAL B 246 -3.27 7.65 -25.83
C VAL B 246 -1.99 7.42 -26.62
N LEU B 247 -1.24 6.36 -26.32
CA LEU B 247 0.01 6.08 -27.01
C LEU B 247 -0.17 5.35 -28.33
N ARG B 248 -1.37 4.86 -28.63
CA ARG B 248 -1.62 4.11 -29.84
C ARG B 248 -1.05 4.81 -31.07
N ALA B 249 -0.29 4.07 -31.87
CA ALA B 249 0.41 4.63 -33.04
C ALA B 249 -0.57 5.13 -34.10
N VAL B 250 -0.09 6.07 -34.93
CA VAL B 250 -0.91 6.76 -35.92
C VAL B 250 -0.70 6.13 -37.29
N SER B 251 -1.77 6.09 -38.08
CA SER B 251 -1.67 5.58 -39.45
C SER B 251 -0.73 6.45 -40.28
N PRO B 252 0.32 5.89 -40.88
CA PRO B 252 1.27 6.72 -41.65
C PRO B 252 0.60 7.55 -42.71
N LEU B 253 -0.51 7.05 -43.28
CA LEU B 253 -1.32 7.87 -44.17
C LEU B 253 -1.70 9.18 -43.52
N HIS B 254 -2.30 9.12 -42.34
CA HIS B 254 -2.77 10.36 -41.72
C HIS B 254 -1.61 11.25 -41.31
N MET B 255 -0.48 10.67 -40.89
CA MET B 255 0.70 11.49 -40.62
C MET B 255 1.12 12.27 -41.85
N GLN B 256 1.12 11.60 -43.01
CA GLN B 256 1.44 12.30 -44.25
C GLN B 256 0.41 13.38 -44.54
N TYR B 257 -0.88 13.06 -44.37
CA TYR B 257 -1.94 14.05 -44.59
C TYR B 257 -1.69 15.29 -43.75
N LEU B 258 -1.26 15.09 -42.50
CA LEU B 258 -1.01 16.23 -41.62
C LEU B 258 0.18 17.03 -42.08
N ARG B 259 1.26 16.36 -42.52
CA ARG B 259 2.42 17.07 -43.03
C ARG B 259 2.04 17.94 -44.23
N ASN B 260 1.29 17.37 -45.17
CA ASN B 260 0.92 18.12 -46.36
C ASN B 260 0.13 19.37 -46.03
N PHE B 261 -0.48 19.43 -44.86
CA PHE B 261 -1.22 20.59 -44.39
C PHE B 261 -0.35 21.52 -43.53
N GLY B 262 0.92 21.19 -43.33
CA GLY B 262 1.79 22.02 -42.51
C GLY B 262 1.65 21.80 -41.03
N VAL B 263 1.14 20.65 -40.62
CA VAL B 263 0.79 20.35 -39.23
C VAL B 263 1.83 19.39 -38.65
N SER B 264 2.41 19.76 -37.51
CA SER B 264 3.35 18.89 -36.82
C SER B 264 2.78 18.22 -35.58
N ALA B 265 1.66 18.70 -35.06
CA ALA B 265 1.05 18.11 -33.87
C ALA B 265 -0.44 18.40 -33.89
N SER B 266 -1.23 17.43 -33.44
CA SER B 266 -2.67 17.61 -33.37
C SER B 266 -3.21 17.00 -32.08
N THR B 267 -4.34 17.54 -31.63
CA THR B 267 -5.11 16.98 -30.53
C THR B 267 -6.58 17.19 -30.84
N SER B 268 -7.34 16.11 -30.90
CA SER B 268 -8.75 16.20 -31.23
C SER B 268 -9.63 15.60 -30.14
N ILE B 269 -10.81 16.18 -29.97
CA ILE B 269 -11.71 15.82 -28.87
C ILE B 269 -13.11 15.65 -29.43
N GLY B 270 -13.74 14.52 -29.11
CA GLY B 270 -15.08 14.24 -29.61
C GLY B 270 -16.15 15.04 -28.86
N ILE B 271 -17.12 15.53 -29.62
CA ILE B 271 -18.30 16.21 -29.06
C ILE B 271 -19.50 15.27 -29.14
N PHE B 272 -20.09 14.96 -28.00
CA PHE B 272 -21.14 13.94 -27.93
C PHE B 272 -22.47 14.54 -27.51
N ASN B 273 -23.52 14.19 -28.25
CA ASN B 273 -24.91 14.45 -27.89
C ASN B 273 -25.52 13.11 -27.54
N GLU B 274 -25.76 12.90 -26.23
CA GLU B 274 -26.14 11.59 -25.70
C GLU B 274 -24.95 10.67 -25.97
N ASP B 275 -25.11 9.60 -26.73
CA ASP B 275 -24.00 8.70 -27.09
C ASP B 275 -23.57 8.83 -28.53
N GLU B 276 -24.23 9.65 -29.34
CA GLU B 276 -23.83 9.88 -30.72
C GLU B 276 -22.68 10.88 -30.81
N LEU B 277 -21.79 10.65 -31.77
CA LEU B 277 -20.70 11.58 -32.06
C LEU B 277 -21.23 12.71 -32.95
N TRP B 278 -21.28 13.93 -32.40
CA TRP B 278 -21.90 15.05 -33.10
C TRP B 278 -20.89 15.87 -33.90
N GLY B 279 -19.63 15.83 -33.49
CA GLY B 279 -18.59 16.62 -34.12
C GLY B 279 -17.29 16.38 -33.39
N ILE B 280 -16.26 17.10 -33.83
CA ILE B 280 -14.93 16.98 -33.27
C ILE B 280 -14.39 18.38 -33.03
N VAL B 281 -13.68 18.58 -31.92
CA VAL B 281 -12.83 19.74 -31.75
C VAL B 281 -11.43 19.28 -32.13
N ALA B 282 -10.83 19.92 -33.13
CA ALA B 282 -9.52 19.53 -33.63
C ALA B 282 -8.57 20.69 -33.45
N CYS B 283 -7.38 20.39 -32.94
CA CYS B 283 -6.35 21.38 -32.69
C CYS B 283 -5.12 20.99 -33.49
N HIS B 284 -4.67 21.88 -34.35
CA HIS B 284 -3.49 21.68 -35.16
C HIS B 284 -2.46 22.71 -34.74
N HIS B 285 -1.19 22.29 -34.74
CA HIS B 285 -0.07 23.16 -34.42
C HIS B 285 1.00 22.98 -35.48
N THR B 286 1.60 24.10 -35.90
CA THR B 286 2.57 24.05 -36.99
C THR B 286 3.85 23.34 -36.59
N LYS B 287 4.30 23.51 -35.36
CA LYS B 287 5.46 22.84 -34.80
C LYS B 287 5.03 21.85 -33.71
N PRO B 288 5.87 20.87 -33.35
CA PRO B 288 5.42 19.87 -32.37
C PRO B 288 5.08 20.47 -31.02
N ARG B 289 4.16 19.81 -30.32
CA ARG B 289 3.61 20.34 -29.08
C ARG B 289 3.10 19.19 -28.22
N ALA B 290 3.52 19.17 -26.97
CA ALA B 290 3.12 18.13 -26.03
C ALA B 290 2.21 18.73 -24.97
N ILE B 291 1.16 18.01 -24.61
CA ILE B 291 0.23 18.43 -23.58
C ILE B 291 0.19 17.37 -22.48
N GLY B 292 0.41 17.81 -21.24
CA GLY B 292 0.38 16.92 -20.10
C GLY B 292 -1.00 16.37 -19.85
N ARG B 293 -1.07 15.38 -18.96
CA ARG B 293 -2.35 14.72 -18.67
C ARG B 293 -3.37 15.70 -18.10
N ARG B 294 -2.92 16.65 -17.27
CA ARG B 294 -3.87 17.61 -16.69
C ARG B 294 -4.47 18.52 -17.76
N ILE B 295 -3.68 18.97 -18.73
CA ILE B 295 -4.25 19.76 -19.82
C ILE B 295 -5.28 18.96 -20.60
N ARG B 296 -4.98 17.67 -20.84
CA ARG B 296 -5.92 16.82 -21.55
C ARG B 296 -7.24 16.74 -20.80
N ARG B 297 -7.17 16.46 -19.50
CA ARG B 297 -8.37 16.41 -18.67
C ARG B 297 -9.14 17.72 -18.73
N LEU B 298 -8.43 18.84 -18.67
CA LEU B 298 -9.10 20.15 -18.70
C LEU B 298 -9.81 20.39 -20.03
N LEU B 299 -9.16 20.02 -21.14
CA LEU B 299 -9.79 20.19 -22.45
C LEU B 299 -11.06 19.34 -22.54
N VAL B 300 -10.98 18.09 -22.12
CA VAL B 300 -12.12 17.18 -22.25
C VAL B 300 -13.27 17.64 -21.36
N ARG B 301 -12.97 18.09 -20.14
CA ARG B 301 -14.03 18.58 -19.26
C ARG B 301 -14.70 19.82 -19.85
N THR B 302 -13.90 20.69 -20.47
CA THR B 302 -14.50 21.89 -21.07
C THR B 302 -15.41 21.54 -22.24
N VAL B 303 -15.00 20.60 -23.09
CA VAL B 303 -15.88 20.18 -24.19
C VAL B 303 -17.14 19.53 -23.62
N GLU B 304 -16.99 18.71 -22.57
CA GLU B 304 -18.15 18.06 -21.97
C GLU B 304 -19.15 19.07 -21.43
N PHE B 305 -18.66 20.11 -20.73
CA PHE B 305 -19.56 21.16 -20.26
C PHE B 305 -20.21 21.87 -21.44
N ALA B 306 -19.41 22.20 -22.46
CA ALA B 306 -19.91 22.89 -23.65
C ALA B 306 -20.98 22.07 -24.36
N ALA B 307 -20.80 20.75 -24.43
CA ALA B 307 -21.81 19.93 -25.08
C ALA B 307 -23.17 20.06 -24.39
N GLU B 308 -23.18 20.02 -23.05
CA GLU B 308 -24.44 20.14 -22.31
C GLU B 308 -25.13 21.46 -22.60
N ARG B 309 -24.36 22.55 -22.53
CA ARG B 309 -24.90 23.87 -22.80
C ARG B 309 -25.38 23.99 -24.25
N LEU B 310 -24.72 23.30 -25.16
CA LEU B 310 -25.10 23.36 -26.56
C LEU B 310 -26.47 22.71 -26.79
N TRP B 311 -26.68 21.52 -26.19
CA TRP B 311 -27.97 20.86 -26.31
C TRP B 311 -29.07 21.60 -25.55
N LEU B 312 -28.72 22.27 -24.45
CA LEU B 312 -29.69 23.14 -23.79
C LEU B 312 -30.12 24.29 -24.70
N ILE B 313 -29.16 24.90 -25.41
CA ILE B 313 -29.49 26.01 -26.29
C ILE B 313 -30.33 25.54 -27.47
N HIS B 314 -30.05 24.33 -27.96
CA HIS B 314 -30.86 23.80 -29.06
C HIS B 314 -32.23 23.37 -28.54
N GLY C 8 0.13 -26.00 23.45
CA GLY C 8 -0.07 -27.44 23.33
C GLY C 8 1.15 -28.23 23.77
N SER C 9 0.91 -29.44 24.29
CA SER C 9 1.97 -30.25 24.88
C SER C 9 2.99 -30.69 23.83
N ASP C 10 2.51 -31.13 22.66
CA ASP C 10 3.43 -31.62 21.63
C ASP C 10 4.28 -30.48 21.06
N ASP C 11 3.66 -29.29 20.85
CA ASP C 11 4.41 -28.13 20.39
C ASP C 11 5.44 -27.69 21.43
N ILE C 12 5.08 -27.77 22.71
CA ILE C 12 6.05 -27.48 23.76
C ILE C 12 7.20 -28.47 23.68
N SER C 13 6.88 -29.75 23.46
CA SER C 13 7.92 -30.77 23.34
C SER C 13 8.84 -30.50 22.15
N LYS C 14 8.27 -30.13 21.01
CA LYS C 14 9.10 -29.84 19.83
C LYS C 14 9.98 -28.62 20.07
N LEU C 15 9.45 -27.61 20.77
CA LEU C 15 10.28 -26.46 21.14
C LEU C 15 11.44 -26.89 22.03
N ILE C 16 11.18 -27.77 23.01
CA ILE C 16 12.24 -28.26 23.88
C ILE C 16 13.26 -29.07 23.09
N ALA C 17 12.84 -29.73 22.00
CA ALA C 17 13.78 -30.48 21.17
C ALA C 17 14.89 -29.57 20.63
N ALA C 18 14.51 -28.42 20.06
CA ALA C 18 15.46 -27.50 19.44
C ALA C 18 15.77 -26.30 20.32
N CYS C 19 15.48 -26.38 21.62
CA CYS C 19 15.58 -25.20 22.49
C CYS C 19 17.03 -24.80 22.74
N ASP C 20 17.92 -25.77 22.95
CA ASP C 20 19.30 -25.40 23.27
C ASP C 20 19.95 -24.66 22.12
N GLN C 21 19.47 -24.86 20.90
CA GLN C 21 19.98 -24.20 19.71
C GLN C 21 19.09 -23.07 19.19
N GLU C 22 18.06 -22.70 19.93
CA GLU C 22 17.12 -21.69 19.45
C GLU C 22 17.83 -20.35 19.29
N PRO C 23 17.66 -19.67 18.15
CA PRO C 23 18.36 -18.40 17.94
C PRO C 23 17.62 -17.24 18.57
N ILE C 24 17.86 -17.01 19.87
CA ILE C 24 17.09 -16.05 20.64
C ILE C 24 17.46 -14.62 20.33
N HIS C 25 18.58 -14.39 19.63
CA HIS C 25 19.00 -13.06 19.24
C HIS C 25 18.27 -12.55 18.00
N ILE C 26 17.60 -13.42 17.26
CA ILE C 26 16.89 -13.01 16.05
C ILE C 26 15.44 -13.47 16.09
N PRO C 27 14.64 -13.07 17.08
CA PRO C 27 13.24 -13.51 17.10
C PRO C 27 12.38 -12.86 16.03
N ASN C 28 12.90 -11.89 15.28
CA ASN C 28 12.12 -11.15 14.30
C ASN C 28 10.79 -10.69 14.87
N ALA C 29 10.76 -10.44 16.18
CA ALA C 29 9.57 -9.92 16.84
C ALA C 29 10.03 -9.19 18.09
N ILE C 30 9.12 -8.41 18.67
CA ILE C 30 9.43 -7.62 19.85
C ILE C 30 8.31 -7.72 20.86
N GLN C 31 8.65 -7.37 22.10
CA GLN C 31 7.64 -7.20 23.13
C GLN C 31 6.90 -5.89 22.89
N PRO C 32 5.62 -5.81 23.18
CA PRO C 32 4.80 -4.67 22.72
C PRO C 32 4.85 -3.43 23.62
N PHE C 33 5.77 -3.34 24.59
CA PHE C 33 5.87 -2.12 25.37
C PHE C 33 6.71 -1.04 24.68
N GLY C 34 7.04 -1.24 23.41
CA GLY C 34 7.68 -0.25 22.57
C GLY C 34 7.55 -0.69 21.14
N ALA C 35 8.01 0.16 20.23
CA ALA C 35 8.01 -0.14 18.81
C ALA C 35 9.45 -0.10 18.31
N MET C 36 9.68 -0.69 17.13
CA MET C 36 11.03 -0.75 16.58
C MET C 36 11.01 -0.42 15.10
N LEU C 37 11.98 0.40 14.67
CA LEU C 37 12.31 0.62 13.27
C LEU C 37 13.71 0.10 12.99
N ILE C 38 13.90 -0.47 11.81
CA ILE C 38 15.22 -0.86 11.32
C ILE C 38 15.47 -0.19 9.98
N VAL C 39 16.54 0.60 9.89
CA VAL C 39 16.89 1.43 8.74
C VAL C 39 18.23 0.99 8.19
N GLU C 40 18.36 0.93 6.86
CA GLU C 40 19.64 0.63 6.22
C GLU C 40 20.51 1.87 6.07
N LYS C 41 21.77 1.74 6.49
CA LYS C 41 22.66 2.91 6.57
C LYS C 41 22.89 3.51 5.20
N ASP C 42 23.18 2.68 4.19
CA ASP C 42 23.56 3.23 2.89
C ASP C 42 22.35 3.62 2.05
N THR C 43 21.27 2.82 2.06
CA THR C 43 20.12 3.20 1.25
C THR C 43 19.21 4.19 1.96
N GLN C 44 19.48 4.49 3.23
CA GLN C 44 18.74 5.49 4.00
C GLN C 44 17.25 5.18 4.06
N GLN C 45 16.90 3.90 4.04
CA GLN C 45 15.51 3.45 3.98
C GLN C 45 15.11 2.60 5.17
N ILE C 46 13.86 2.75 5.59
CA ILE C 46 13.26 1.86 6.59
C ILE C 46 13.08 0.49 5.98
N VAL C 47 13.73 -0.52 6.56
CA VAL C 47 13.61 -1.88 6.06
C VAL C 47 12.72 -2.75 6.93
N TYR C 48 12.63 -2.49 8.24
CA TYR C 48 11.66 -3.25 9.04
C TYR C 48 10.95 -2.33 10.01
N ALA C 49 9.69 -2.67 10.29
CA ALA C 49 8.94 -1.99 11.33
C ALA C 49 8.14 -3.03 12.11
N SER C 50 8.12 -2.89 13.43
CA SER C 50 7.32 -3.78 14.25
C SER C 50 5.83 -3.56 13.98
N ALA C 51 5.05 -4.62 14.19
CA ALA C 51 3.64 -4.60 13.81
C ALA C 51 2.87 -3.47 14.51
N ASN C 52 3.30 -3.06 15.70
CA ASN C 52 2.62 -2.02 16.46
C ASN C 52 3.22 -0.64 16.24
N SER C 53 4.00 -0.46 15.17
CA SER C 53 4.68 0.81 14.93
C SER C 53 3.73 1.99 14.84
N ALA C 54 2.50 1.76 14.37
CA ALA C 54 1.55 2.86 14.20
C ALA C 54 1.22 3.54 15.52
N GLU C 55 0.90 2.77 16.55
CA GLU C 55 0.41 3.34 17.80
C GLU C 55 1.46 4.13 18.58
N TYR C 56 2.74 4.02 18.22
CA TYR C 56 3.76 4.83 18.88
C TYR C 56 4.16 6.03 18.04
N PHE C 57 4.49 5.80 16.77
CA PHE C 57 5.00 6.87 15.93
C PHE C 57 3.92 7.86 15.51
N SER C 58 2.64 7.53 15.70
CA SER C 58 1.60 8.54 15.52
C SER C 58 1.81 9.72 16.46
N VAL C 59 2.52 9.52 17.57
CA VAL C 59 2.76 10.60 18.51
C VAL C 59 3.79 11.59 17.97
N ALA C 60 4.73 11.12 17.16
CA ALA C 60 5.74 12.01 16.57
C ALA C 60 5.32 12.58 15.22
N ASP C 61 4.56 11.83 14.43
CA ASP C 61 4.07 12.29 13.13
C ASP C 61 2.62 11.89 13.01
N ASN C 62 1.71 12.86 13.15
CA ASN C 62 0.28 12.59 13.19
C ASN C 62 -0.29 12.13 11.85
N THR C 63 0.52 12.10 10.79
CA THR C 63 0.08 11.61 9.49
C THR C 63 0.14 10.09 9.38
N ILE C 64 0.61 9.37 10.39
CA ILE C 64 0.65 7.92 10.38
C ILE C 64 -0.56 7.38 11.12
N HIS C 65 -1.32 6.51 10.46
CA HIS C 65 -2.53 5.94 11.00
C HIS C 65 -2.51 4.41 11.04
N GLU C 66 -1.94 3.76 10.04
CA GLU C 66 -1.82 2.31 9.98
C GLU C 66 -0.37 1.93 9.74
N LEU C 67 -0.07 0.64 9.93
CA LEU C 67 1.29 0.14 9.67
C LEU C 67 1.73 0.41 8.24
N SER C 68 0.79 0.35 7.29
CA SER C 68 1.17 0.52 5.88
C SER C 68 1.68 1.92 5.57
N ASP C 69 1.28 2.93 6.36
CA ASP C 69 1.70 4.30 6.10
C ASP C 69 3.21 4.50 6.28
N ILE C 70 3.86 3.62 7.04
CA ILE C 70 5.29 3.79 7.31
C ILE C 70 6.11 3.68 6.03
N LYS C 71 5.73 2.79 5.12
CA LYS C 71 6.48 2.65 3.86
C LYS C 71 6.64 4.00 3.16
N GLN C 72 5.59 4.81 3.15
CA GLN C 72 5.59 6.13 2.52
C GLN C 72 5.98 7.26 3.47
N ALA C 73 6.36 6.96 4.71
CA ALA C 73 6.73 7.98 5.67
C ALA C 73 8.21 8.30 5.56
N ASN C 74 8.57 9.49 6.07
CA ASN C 74 9.93 10.01 6.04
C ASN C 74 10.58 9.89 7.40
N ILE C 75 11.79 9.33 7.45
CA ILE C 75 12.45 9.07 8.73
C ILE C 75 12.62 10.36 9.53
N ASN C 76 12.89 11.46 8.84
CA ASN C 76 13.10 12.72 9.52
C ASN C 76 11.86 13.19 10.27
N SER C 77 10.67 12.70 9.87
CA SER C 77 9.43 12.98 10.59
C SER C 77 9.23 12.07 11.80
N LEU C 78 9.85 10.89 11.82
CA LEU C 78 9.61 9.92 12.89
C LEU C 78 10.61 10.02 14.03
N LEU C 79 11.87 10.28 13.72
CA LEU C 79 12.91 10.27 14.74
C LEU C 79 13.32 11.69 15.08
N PRO C 80 13.88 11.91 16.26
CA PRO C 80 14.40 13.24 16.57
C PRO C 80 15.64 13.55 15.75
N GLU C 81 15.80 14.83 15.41
CA GLU C 81 16.97 15.25 14.64
C GLU C 81 18.25 14.84 15.35
N HIS C 82 18.29 15.03 16.67
CA HIS C 82 19.48 14.65 17.45
C HIS C 82 19.80 13.17 17.32
N LEU C 83 18.78 12.31 17.32
CA LEU C 83 19.05 10.88 17.24
C LEU C 83 19.64 10.52 15.87
N ILE C 84 19.11 11.12 14.81
CA ILE C 84 19.60 10.83 13.47
C ILE C 84 21.06 11.27 13.33
N SER C 85 21.36 12.49 13.78
CA SER C 85 22.73 12.95 13.67
C SER C 85 23.67 12.15 14.57
N GLY C 86 23.18 11.68 15.72
CA GLY C 86 24.02 10.85 16.57
C GLY C 86 24.33 9.50 15.97
N LEU C 87 23.33 8.89 15.32
CA LEU C 87 23.56 7.63 14.64
C LEU C 87 24.51 7.80 13.46
N ALA C 88 24.40 8.95 12.76
CA ALA C 88 25.24 9.20 11.59
C ALA C 88 26.72 9.30 11.97
N SER C 89 27.03 10.00 13.06
CA SER C 89 28.42 10.19 13.45
C SER C 89 28.95 9.11 14.38
N ALA C 90 28.10 8.28 14.99
CA ALA C 90 28.61 7.23 15.84
C ALA C 90 29.25 6.13 15.00
N ILE C 91 30.46 5.74 15.38
CA ILE C 91 31.26 4.82 14.59
C ILE C 91 31.37 3.44 15.20
N ARG C 92 31.30 3.32 16.53
CA ARG C 92 31.36 2.01 17.15
C ARG C 92 29.99 1.35 17.10
N GLU C 93 30.00 0.03 16.91
CA GLU C 93 28.77 -0.71 16.76
C GLU C 93 28.16 -1.03 18.12
N ASN C 94 26.83 -1.13 18.14
CA ASN C 94 26.08 -1.62 19.30
C ASN C 94 26.31 -0.77 20.56
N GLU C 95 26.37 0.55 20.40
CA GLU C 95 26.40 1.49 21.53
C GLU C 95 25.16 2.36 21.50
N PRO C 96 24.15 2.07 22.31
CA PRO C 96 22.86 2.76 22.17
C PRO C 96 22.94 4.23 22.55
N ILE C 97 22.28 5.04 21.73
CA ILE C 97 22.09 6.47 21.97
C ILE C 97 20.67 6.64 22.47
N TRP C 98 20.52 7.41 23.56
CA TRP C 98 19.26 7.56 24.28
C TRP C 98 18.80 9.00 24.15
N VAL C 99 17.68 9.22 23.46
CA VAL C 99 17.18 10.56 23.19
C VAL C 99 15.73 10.64 23.58
N GLU C 100 15.36 11.65 24.36
CA GLU C 100 13.98 11.79 24.81
C GLU C 100 13.34 13.04 24.23
N THR C 101 12.04 12.94 23.96
CA THR C 101 11.17 14.06 23.63
C THR C 101 10.16 14.18 24.78
N ASP C 102 9.16 15.05 24.61
CA ASP C 102 8.16 15.21 25.66
C ASP C 102 7.28 13.97 25.83
N ARG C 103 7.04 13.23 24.75
CA ARG C 103 6.13 12.10 24.76
C ARG C 103 6.77 10.75 24.47
N LEU C 104 7.96 10.72 23.87
CA LEU C 104 8.56 9.46 23.44
C LEU C 104 9.99 9.37 23.95
N SER C 105 10.50 8.14 24.03
CA SER C 105 11.83 7.84 24.53
C SER C 105 12.50 6.89 23.54
N PHE C 106 13.50 7.39 22.81
CA PHE C 106 14.15 6.65 21.74
C PHE C 106 15.48 6.09 22.21
N LEU C 107 15.80 4.89 21.72
CA LEU C 107 17.06 4.21 21.97
C LEU C 107 17.51 3.59 20.66
N GLY C 108 18.53 4.15 20.03
CA GLY C 108 18.97 3.67 18.72
C GLY C 108 20.45 3.36 18.71
N TRP C 109 20.81 2.33 17.92
CA TRP C 109 22.21 1.97 17.79
C TRP C 109 22.51 1.53 16.36
N ARG C 110 23.80 1.31 16.09
CA ARG C 110 24.26 0.94 14.76
C ARG C 110 24.74 -0.50 14.84
N HIS C 111 24.17 -1.37 14.01
CA HIS C 111 24.54 -2.80 13.97
C HIS C 111 24.71 -3.20 12.51
N GLU C 112 25.96 -3.50 12.13
CA GLU C 112 26.36 -3.84 10.76
C GLU C 112 25.91 -2.71 9.83
N ASN C 113 25.10 -3.03 8.81
CA ASN C 113 24.63 -1.98 7.92
C ASN C 113 23.32 -1.32 8.37
N TYR C 114 22.86 -1.54 9.60
CA TYR C 114 21.56 -1.00 9.98
C TYR C 114 21.64 -0.09 11.20
N TYR C 115 20.67 0.80 11.26
CA TYR C 115 20.31 1.53 12.47
C TYR C 115 19.06 0.87 13.04
N ILE C 116 19.11 0.53 14.32
CA ILE C 116 17.97 -0.06 15.01
C ILE C 116 17.49 0.96 16.02
N ILE C 117 16.20 1.27 15.98
CA ILE C 117 15.62 2.28 16.84
C ILE C 117 14.47 1.63 17.59
N GLU C 118 14.55 1.64 18.92
CA GLU C 118 13.43 1.28 19.78
C GLU C 118 12.83 2.56 20.35
N VAL C 119 11.53 2.55 20.58
CA VAL C 119 10.88 3.70 21.17
C VAL C 119 9.83 3.23 22.18
N GLU C 120 9.79 3.90 23.33
CA GLU C 120 8.82 3.64 24.38
C GLU C 120 8.10 4.94 24.71
N ARG C 121 6.92 4.83 25.33
CA ARG C 121 6.30 6.04 25.83
C ARG C 121 7.02 6.48 27.10
N TYR C 122 6.95 7.78 27.37
CA TYR C 122 7.82 8.35 28.39
C TYR C 122 7.10 9.48 29.10
N HIS C 123 7.26 9.50 30.41
CA HIS C 123 6.59 10.45 31.30
C HIS C 123 7.67 11.15 32.11
N VAL C 124 7.71 12.49 32.01
CA VAL C 124 8.79 13.25 32.64
C VAL C 124 8.61 13.23 34.15
N GLN C 125 9.64 12.82 34.88
CA GLN C 125 9.61 12.78 36.35
C GLN C 125 10.76 13.60 36.91
N THR C 126 10.42 14.67 37.63
CA THR C 126 11.39 15.60 38.18
C THR C 126 11.40 15.48 39.70
N SER C 127 12.47 14.90 40.25
CA SER C 127 12.63 14.79 41.69
C SER C 127 14.07 14.40 41.98
N ASN C 128 14.45 14.58 43.24
CA ASN C 128 15.77 14.19 43.74
C ASN C 128 15.82 12.73 44.17
N TRP C 129 14.78 11.95 43.85
CA TRP C 129 14.66 10.60 44.38
C TRP C 129 15.81 9.71 43.93
N PHE C 130 16.22 9.84 42.66
CA PHE C 130 17.28 8.96 42.17
C PHE C 130 18.62 9.31 42.78
N GLU C 131 18.92 10.59 42.95
CA GLU C 131 20.20 10.95 43.55
C GLU C 131 20.27 10.48 45.00
N ILE C 132 19.16 10.59 45.73
CA ILE C 132 19.13 10.09 47.10
C ILE C 132 19.29 8.57 47.13
N GLN C 133 18.57 7.85 46.28
CA GLN C 133 18.70 6.40 46.22
C GLN C 133 20.12 5.97 45.84
N PHE C 134 20.73 6.68 44.90
CA PHE C 134 22.10 6.35 44.50
C PHE C 134 23.05 6.51 45.67
N GLN C 135 22.94 7.63 46.39
CA GLN C 135 23.82 7.82 47.56
C GLN C 135 23.56 6.76 48.63
N ARG C 136 22.30 6.47 48.92
CA ARG C 136 21.99 5.46 49.93
C ARG C 136 22.55 4.10 49.54
N ALA C 137 22.36 3.70 48.28
CA ALA C 137 22.83 2.40 47.83
C ALA C 137 24.35 2.29 47.95
N PHE C 138 25.08 3.33 47.55
CA PHE C 138 26.53 3.26 47.58
C PHE C 138 27.07 3.17 49.01
N GLN C 139 26.57 4.02 49.91
CA GLN C 139 27.06 3.97 51.28
C GLN C 139 26.76 2.62 51.92
N LYS C 140 25.58 2.06 51.64
CA LYS C 140 25.26 0.77 52.23
C LYS C 140 26.18 -0.30 51.68
N LEU C 141 26.44 -0.28 50.38
CA LEU C 141 27.31 -1.30 49.80
C LEU C 141 28.77 -1.11 50.24
N ARG C 142 29.19 0.12 50.52
CA ARG C 142 30.55 0.34 50.99
C ARG C 142 30.73 -0.17 52.41
N ASN C 143 29.66 -0.17 53.20
CA ASN C 143 29.73 -0.62 54.58
C ASN C 143 29.87 -2.14 54.69
N CYS C 144 29.57 -2.89 53.63
CA CYS C 144 29.60 -4.34 53.68
C CYS C 144 31.03 -4.83 53.69
N LYS C 145 31.38 -5.64 54.69
CA LYS C 145 32.75 -6.11 54.85
C LYS C 145 32.90 -7.61 54.67
N THR C 146 31.79 -8.35 54.54
CA THR C 146 31.83 -9.80 54.39
C THR C 146 31.07 -10.16 53.12
N HIS C 147 31.50 -11.23 52.47
CA HIS C 147 30.86 -11.63 51.23
C HIS C 147 29.35 -11.80 51.40
N ASN C 148 28.93 -12.51 52.43
CA ASN C 148 27.51 -12.80 52.59
C ASN C 148 26.73 -11.51 52.85
N ASP C 149 27.24 -10.64 53.73
CA ASP C 149 26.56 -9.38 54.01
C ASP C 149 26.35 -8.57 52.74
N LEU C 150 27.30 -8.64 51.80
CA LEU C 150 27.20 -7.81 50.61
C LEU C 150 26.05 -8.29 49.72
N ILE C 151 25.99 -9.59 49.43
CA ILE C 151 24.94 -10.08 48.52
C ILE C 151 23.55 -9.88 49.15
N ASN C 152 23.42 -10.08 50.46
CA ASN C 152 22.12 -9.83 51.10
C ASN C 152 21.75 -8.35 51.05
N THR C 153 22.70 -7.45 51.29
CA THR C 153 22.39 -6.03 51.17
C THR C 153 22.01 -5.69 49.74
N LEU C 154 22.69 -6.29 48.75
CA LEU C 154 22.37 -6.01 47.35
C LEU C 154 20.97 -6.46 47.01
N THR C 155 20.58 -7.65 47.48
CA THR C 155 19.24 -8.15 47.16
C THR C 155 18.17 -7.29 47.83
N ARG C 156 18.40 -6.89 49.09
CA ARG C 156 17.48 -6.00 49.77
C ARG C 156 17.36 -4.67 49.04
N LEU C 157 18.49 -4.12 48.55
CA LEU C 157 18.48 -2.85 47.82
C LEU C 157 17.75 -2.96 46.48
N ILE C 158 18.03 -4.01 45.71
CA ILE C 158 17.35 -4.18 44.43
C ILE C 158 15.85 -4.23 44.65
N GLN C 159 15.41 -4.91 45.71
CA GLN C 159 13.98 -4.95 46.01
C GLN C 159 13.46 -3.57 46.42
N GLU C 160 14.22 -2.84 47.24
CA GLU C 160 13.78 -1.50 47.66
C GLU C 160 13.60 -0.59 46.45
N ILE C 161 14.52 -0.67 45.49
CA ILE C 161 14.45 0.23 44.34
C ILE C 161 13.34 -0.15 43.38
N SER C 162 13.27 -1.43 42.99
CA SER C 162 12.34 -1.81 41.92
C SER C 162 10.94 -2.16 42.41
N GLY C 163 10.81 -2.62 43.66
CA GLY C 163 9.52 -3.00 44.18
C GLY C 163 9.03 -4.38 43.76
N TYR C 164 9.89 -5.19 43.16
CA TYR C 164 9.50 -6.53 42.72
C TYR C 164 9.25 -7.43 43.92
N ASP C 165 8.36 -8.40 43.73
CA ASP C 165 7.94 -9.26 44.83
C ASP C 165 9.09 -10.15 45.32
N ARG C 166 9.82 -10.78 44.39
CA ARG C 166 10.95 -11.62 44.79
C ARG C 166 12.20 -11.23 44.00
N VAL C 167 13.33 -11.14 44.70
CA VAL C 167 14.62 -10.85 44.08
C VAL C 167 15.63 -11.87 44.58
N MET C 168 16.28 -12.57 43.65
CA MET C 168 17.25 -13.61 43.96
C MET C 168 18.57 -13.31 43.27
N ILE C 169 19.63 -13.95 43.76
CA ILE C 169 20.93 -13.92 43.10
C ILE C 169 21.36 -15.37 42.81
N TYR C 170 21.48 -15.69 41.53
CA TYR C 170 22.07 -16.96 41.11
C TYR C 170 23.58 -16.79 41.02
N GLN C 171 24.32 -17.75 41.55
CA GLN C 171 25.75 -17.86 41.32
C GLN C 171 26.01 -19.09 40.47
N PHE C 172 26.82 -18.92 39.43
CA PHE C 172 27.20 -20.01 38.56
C PHE C 172 28.41 -20.73 39.11
N ASP C 173 28.47 -22.03 38.89
CA ASP C 173 29.65 -22.82 39.19
C ASP C 173 30.48 -22.99 37.92
N PRO C 174 31.70 -23.53 38.02
CA PRO C 174 32.53 -23.67 36.81
C PRO C 174 31.83 -24.27 35.60
N GLU C 175 30.87 -25.18 35.83
CA GLU C 175 30.18 -25.90 34.77
C GLU C 175 28.84 -25.27 34.38
N TRP C 176 28.56 -24.04 34.84
CA TRP C 176 27.40 -23.20 34.48
C TRP C 176 26.08 -23.64 35.10
N ASN C 177 26.11 -24.51 36.12
CA ASN C 177 24.92 -24.77 36.92
C ASN C 177 24.70 -23.63 37.91
N GLY C 178 23.44 -23.40 38.27
CA GLY C 178 23.07 -22.25 39.08
C GLY C 178 22.65 -22.67 40.49
N ARG C 179 23.07 -21.87 41.48
CA ARG C 179 22.56 -22.02 42.84
C ARG C 179 22.10 -20.67 43.33
N VAL C 180 20.95 -20.64 44.02
CA VAL C 180 20.40 -19.40 44.56
C VAL C 180 21.07 -19.15 45.91
N ILE C 181 21.98 -18.17 45.94
CA ILE C 181 22.83 -17.92 47.10
C ILE C 181 22.26 -16.88 48.05
N ALA C 182 21.26 -16.12 47.62
CA ALA C 182 20.62 -15.15 48.50
C ALA C 182 19.28 -14.78 47.90
N GLU C 183 18.35 -14.40 48.77
CA GLU C 183 16.98 -14.16 48.35
C GLU C 183 16.40 -13.06 49.21
N SER C 184 15.47 -12.32 48.63
CA SER C 184 14.74 -11.27 49.35
C SER C 184 13.33 -11.27 48.79
N VAL C 185 12.37 -11.73 49.60
CA VAL C 185 11.02 -11.97 49.09
C VAL C 185 9.98 -11.56 50.12
N ARG C 186 8.80 -11.17 49.63
CA ARG C 186 7.71 -10.79 50.51
C ARG C 186 7.15 -12.01 51.21
N GLN C 187 6.38 -11.77 52.25
CA GLN C 187 5.78 -12.87 52.99
C GLN C 187 4.75 -13.59 52.14
N LEU C 188 4.53 -14.86 52.47
CA LEU C 188 3.58 -15.74 51.76
C LEU C 188 4.13 -16.17 50.39
N PHE C 189 5.44 -16.41 50.32
CA PHE C 189 6.12 -16.89 49.12
C PHE C 189 7.00 -18.09 49.45
N THR C 190 7.03 -19.06 48.53
CA THR C 190 7.95 -20.20 48.67
C THR C 190 9.39 -19.73 48.63
N SER C 191 10.18 -20.11 49.63
CA SER C 191 11.60 -19.75 49.68
C SER C 191 12.37 -20.51 48.63
N MET C 192 13.08 -19.77 47.77
CA MET C 192 13.93 -20.37 46.75
C MET C 192 15.39 -20.42 47.18
N LEU C 193 15.70 -20.04 48.41
CA LEU C 193 17.08 -20.05 48.88
C LEU C 193 17.66 -21.46 48.82
N ASN C 194 18.87 -21.57 48.29
CA ASN C 194 19.63 -22.82 48.18
C ASN C 194 19.04 -23.78 47.15
N HIS C 195 18.24 -23.28 46.23
CA HIS C 195 17.73 -24.08 45.11
CA HIS C 195 17.76 -24.12 45.14
C HIS C 195 18.81 -24.23 44.04
N HIS C 196 18.87 -25.40 43.43
CA HIS C 196 19.82 -25.64 42.35
C HIS C 196 19.06 -25.78 41.03
N PHE C 197 19.64 -25.26 39.96
CA PHE C 197 19.09 -25.54 38.65
C PHE C 197 20.21 -25.90 37.69
N PRO C 198 19.93 -26.75 36.70
CA PRO C 198 20.97 -27.23 35.80
C PRO C 198 21.35 -26.20 34.74
N ALA C 199 22.58 -26.37 34.23
CA ALA C 199 23.07 -25.45 33.22
C ALA C 199 22.14 -25.41 32.00
N SER C 200 21.50 -26.53 31.69
CA SER C 200 20.63 -26.58 30.53
C SER C 200 19.46 -25.61 30.62
N ASP C 201 19.15 -25.09 31.81
CA ASP C 201 18.01 -24.19 31.97
C ASP C 201 18.28 -22.82 31.37
N ILE C 202 19.53 -22.41 31.31
CA ILE C 202 19.94 -21.18 30.63
C ILE C 202 20.89 -21.55 29.49
N PRO C 203 20.41 -21.56 28.25
CA PRO C 203 21.29 -21.90 27.12
C PRO C 203 22.48 -20.94 27.06
N ALA C 204 23.54 -21.39 26.39
CA ALA C 204 24.76 -20.58 26.32
C ALA C 204 24.48 -19.21 25.73
N GLN C 205 23.74 -19.17 24.64
CA GLN C 205 23.39 -17.92 23.98
C GLN C 205 22.49 -17.03 24.82
N ALA C 206 21.81 -17.58 25.83
CA ALA C 206 21.04 -16.73 26.74
C ALA C 206 21.94 -16.04 27.74
N ARG C 207 22.98 -16.73 28.21
CA ARG C 207 24.03 -16.08 29.00
C ARG C 207 24.76 -15.04 28.17
N ALA C 208 24.95 -15.31 26.88
CA ALA C 208 25.68 -14.40 26.02
C ALA C 208 25.05 -13.01 26.01
N MET C 209 23.72 -12.94 26.05
CA MET C 209 23.04 -11.66 25.91
C MET C 209 23.38 -10.68 27.03
N TYR C 210 23.69 -11.18 28.23
CA TYR C 210 24.06 -10.27 29.32
C TYR C 210 25.36 -9.53 29.04
N SER C 211 26.22 -10.07 28.18
CA SER C 211 27.44 -9.39 27.76
C SER C 211 27.17 -8.38 26.64
N ILE C 212 26.03 -8.47 25.97
CA ILE C 212 25.65 -7.48 24.97
C ILE C 212 24.84 -6.35 25.61
N ASN C 213 23.90 -6.70 26.47
CA ASN C 213 23.10 -5.78 27.26
C ASN C 213 22.95 -6.36 28.65
N PRO C 214 23.44 -5.67 29.69
CA PRO C 214 23.51 -6.29 31.01
C PRO C 214 22.17 -6.41 31.71
N ILE C 215 21.11 -5.82 31.15
CA ILE C 215 19.77 -5.90 31.72
C ILE C 215 18.87 -6.58 30.70
N ARG C 216 17.91 -7.37 31.21
CA ARG C 216 16.91 -8.05 30.41
C ARG C 216 15.57 -7.80 31.08
N ILE C 217 14.56 -7.42 30.28
CA ILE C 217 13.30 -6.89 30.80
C ILE C 217 12.12 -7.55 30.11
N ILE C 218 11.20 -8.10 30.91
CA ILE C 218 9.94 -8.69 30.46
C ILE C 218 8.84 -8.08 31.30
N PRO C 219 8.16 -7.02 30.83
CA PRO C 219 7.19 -6.32 31.69
C PRO C 219 5.86 -7.04 31.80
N ASP C 220 5.63 -8.09 31.01
CA ASP C 220 4.34 -8.78 30.96
C ASP C 220 4.47 -10.06 30.16
N VAL C 221 4.42 -11.22 30.82
CA VAL C 221 4.63 -12.47 30.10
C VAL C 221 3.46 -12.84 29.20
N ASN C 222 2.31 -12.16 29.33
CA ASN C 222 1.12 -12.49 28.56
C ASN C 222 0.77 -11.49 27.46
N ALA C 223 1.67 -10.56 27.14
CA ALA C 223 1.45 -9.67 26.04
C ALA C 223 1.86 -10.33 24.73
N GLU C 224 1.11 -10.06 23.66
CA GLU C 224 1.36 -10.75 22.39
C GLU C 224 2.63 -10.21 21.73
N PRO C 225 3.64 -11.04 21.48
CA PRO C 225 4.82 -10.56 20.76
C PRO C 225 4.46 -10.03 19.39
N GLN C 226 5.04 -8.88 19.03
CA GLN C 226 4.73 -8.23 17.77
C GLN C 226 5.85 -8.53 16.77
N PRO C 227 5.54 -9.10 15.61
CA PRO C 227 6.59 -9.46 14.66
C PRO C 227 7.02 -8.27 13.80
N LEU C 228 8.22 -8.42 13.24
CA LEU C 228 8.85 -7.42 12.38
C LEU C 228 8.39 -7.60 10.93
N HIS C 229 7.79 -6.56 10.37
CA HIS C 229 7.36 -6.56 8.97
C HIS C 229 8.38 -5.88 8.08
N MET C 230 8.61 -6.47 6.90
CA MET C 230 9.47 -5.84 5.91
C MET C 230 8.76 -4.65 5.28
N ILE C 231 9.49 -3.54 5.12
CA ILE C 231 8.92 -2.30 4.58
C ILE C 231 9.44 -2.05 3.17
N HIS C 232 10.66 -1.53 3.06
CA HIS C 232 11.37 -1.50 1.80
C HIS C 232 12.35 -2.66 1.78
N LYS C 233 12.52 -3.27 0.61
CA LYS C 233 13.28 -4.50 0.54
C LYS C 233 14.75 -4.25 0.86
N PRO C 234 15.34 -4.98 1.79
CA PRO C 234 16.76 -4.78 2.12
C PRO C 234 17.69 -5.50 1.14
N GLN C 235 18.94 -5.03 1.12
CA GLN C 235 19.96 -5.66 0.27
C GLN C 235 20.41 -7.00 0.83
N ASN C 236 20.49 -7.12 2.15
CA ASN C 236 20.75 -8.38 2.83
C ASN C 236 19.49 -8.71 3.62
N THR C 237 18.93 -9.88 3.31
CA THR C 237 17.67 -10.39 3.88
C THR C 237 17.85 -11.25 5.13
N GLU C 238 19.10 -11.51 5.57
CA GLU C 238 19.30 -12.25 6.80
C GLU C 238 18.62 -11.50 7.94
N ALA C 239 18.14 -12.23 8.94
CA ALA C 239 17.44 -11.58 10.04
C ALA C 239 18.40 -10.67 10.80
N VAL C 240 17.85 -9.63 11.41
CA VAL C 240 18.64 -8.60 12.08
C VAL C 240 18.75 -8.93 13.56
N ASN C 241 19.97 -8.87 14.08
CA ASN C 241 20.24 -9.12 15.49
C ASN C 241 19.67 -7.99 16.34
N LEU C 242 18.80 -8.33 17.30
CA LEU C 242 18.14 -7.33 18.14
C LEU C 242 18.73 -7.26 19.54
N SER C 243 19.90 -7.86 19.78
CA SER C 243 20.31 -8.15 21.15
C SER C 243 20.77 -6.93 21.94
N SER C 244 21.12 -5.82 21.29
CA SER C 244 21.67 -4.69 22.04
C SER C 244 20.60 -3.82 22.69
N GLY C 245 19.33 -3.94 22.28
CA GLY C 245 18.24 -3.20 22.88
C GLY C 245 17.48 -4.05 23.89
N VAL C 246 16.30 -3.56 24.25
CA VAL C 246 15.52 -4.20 25.30
C VAL C 246 14.20 -4.79 24.80
N LEU C 247 13.74 -4.43 23.60
CA LEU C 247 12.45 -4.90 23.12
C LEU C 247 12.50 -6.30 22.53
N ARG C 248 13.70 -6.87 22.37
CA ARG C 248 13.86 -8.19 21.78
C ARG C 248 12.86 -9.18 22.39
N ALA C 249 12.09 -9.85 21.53
CA ALA C 249 11.03 -10.74 22.01
C ALA C 249 11.60 -11.91 22.81
N VAL C 250 10.74 -12.47 23.68
CA VAL C 250 11.14 -13.53 24.60
C VAL C 250 10.70 -14.87 24.03
N SER C 251 11.53 -15.90 24.26
CA SER C 251 11.22 -17.25 23.81
C SER C 251 9.92 -17.72 24.43
N PRO C 252 8.93 -18.17 23.63
CA PRO C 252 7.65 -18.60 24.20
C PRO C 252 7.82 -19.67 25.26
N LEU C 253 8.85 -20.49 25.10
CA LEU C 253 9.23 -21.46 26.12
C LEU C 253 9.41 -20.81 27.48
N HIS C 254 10.26 -19.77 27.55
CA HIS C 254 10.54 -19.14 28.83
C HIS C 254 9.35 -18.35 29.35
N MET C 255 8.55 -17.77 28.46
CA MET C 255 7.32 -17.14 28.91
C MET C 255 6.43 -18.16 29.63
N GLN C 256 6.34 -19.36 29.06
CA GLN C 256 5.58 -20.42 29.72
C GLN C 256 6.22 -20.82 31.05
N TYR C 257 7.55 -20.96 31.07
CA TYR C 257 8.24 -21.28 32.32
C TYR C 257 7.91 -20.26 33.40
N LEU C 258 7.91 -18.98 33.04
CA LEU C 258 7.60 -17.95 34.02
C LEU C 258 6.15 -18.02 34.47
N ARG C 259 5.23 -18.29 33.55
CA ARG C 259 3.83 -18.45 33.94
C ARG C 259 3.67 -19.57 34.96
N ASN C 260 4.29 -20.72 34.70
CA ASN C 260 4.16 -21.88 35.56
C ASN C 260 4.68 -21.63 36.97
N PHE C 261 5.53 -20.64 37.14
CA PHE C 261 6.08 -20.28 38.45
C PHE C 261 5.27 -19.17 39.12
N GLY C 262 4.20 -18.72 38.50
CA GLY C 262 3.41 -17.65 39.06
C GLY C 262 3.97 -16.26 38.85
N VAL C 263 4.85 -16.10 37.86
CA VAL C 263 5.54 -14.85 37.59
C VAL C 263 4.96 -14.22 36.33
N SER C 264 4.51 -12.98 36.45
CA SER C 264 3.98 -12.26 35.30
C SER C 264 4.93 -11.21 34.74
N ALA C 265 5.97 -10.84 35.49
CA ALA C 265 6.91 -9.83 35.01
C ALA C 265 8.26 -10.13 35.64
N SER C 266 9.32 -9.96 34.85
CA SER C 266 10.68 -10.24 35.32
C SER C 266 11.67 -9.19 34.81
N THR C 267 12.73 -9.01 35.59
CA THR C 267 13.86 -8.18 35.21
C THR C 267 15.12 -8.84 35.76
N SER C 268 16.07 -9.17 34.89
CA SER C 268 17.31 -9.80 35.33
C SER C 268 18.52 -8.96 34.91
N ILE C 269 19.56 -9.01 35.74
CA ILE C 269 20.76 -8.19 35.59
C ILE C 269 21.99 -9.06 35.77
N GLY C 270 22.94 -8.95 34.85
CA GLY C 270 24.16 -9.75 34.94
C GLY C 270 25.12 -9.19 35.99
N ILE C 271 25.77 -10.10 36.71
CA ILE C 271 26.86 -9.77 37.63
C ILE C 271 28.17 -10.19 36.97
N PHE C 272 29.07 -9.25 36.76
CA PHE C 272 30.29 -9.53 36.01
C PHE C 272 31.52 -9.37 36.88
N ASN C 273 32.39 -10.38 36.85
CA ASN C 273 33.72 -10.32 37.45
C ASN C 273 34.71 -10.26 36.29
N GLU C 274 35.28 -9.07 36.07
CA GLU C 274 36.09 -8.75 34.90
C GLU C 274 35.16 -8.90 33.70
N ASP C 275 35.39 -9.83 32.78
CA ASP C 275 34.45 -10.10 31.70
C ASP C 275 33.71 -11.42 31.87
N GLU C 276 34.02 -12.17 32.93
CA GLU C 276 33.32 -13.41 33.21
C GLU C 276 31.96 -13.11 33.85
N LEU C 277 30.94 -13.85 33.45
CA LEU C 277 29.62 -13.76 34.08
C LEU C 277 29.63 -14.63 35.32
N TRP C 278 29.51 -14.02 36.48
CA TRP C 278 29.64 -14.69 37.76
C TRP C 278 28.30 -15.14 38.33
N GLY C 279 27.22 -14.49 37.93
CA GLY C 279 25.89 -14.78 38.45
C GLY C 279 24.89 -13.82 37.85
N ILE C 280 23.65 -13.95 38.29
CA ILE C 280 22.55 -13.13 37.79
C ILE C 280 21.76 -12.62 38.98
N VAL C 281 21.32 -11.37 38.91
CA VAL C 281 20.29 -10.84 39.80
C VAL C 281 18.96 -10.91 39.06
N ALA C 282 18.00 -11.64 39.63
CA ALA C 282 16.71 -11.87 38.98
C ALA C 282 15.60 -11.32 39.86
N CYS C 283 14.65 -10.62 39.24
CA CYS C 283 13.49 -10.06 39.92
C CYS C 283 12.22 -10.57 39.27
N HIS C 284 11.38 -11.22 40.07
CA HIS C 284 10.10 -11.75 39.62
C HIS C 284 8.97 -11.01 40.33
N HIS C 285 7.88 -10.79 39.59
CA HIS C 285 6.68 -10.14 40.11
C HIS C 285 5.44 -10.94 39.71
N THR C 286 4.48 -11.07 40.64
CA THR C 286 3.27 -11.83 40.35
C THR C 286 2.35 -11.10 39.36
N LYS C 287 2.36 -9.79 39.37
CA LYS C 287 1.56 -9.01 38.46
C LYS C 287 2.47 -8.36 37.43
N PRO C 288 1.94 -7.98 36.26
CA PRO C 288 2.80 -7.31 35.27
C PRO C 288 3.32 -6.00 35.84
N ARG C 289 4.51 -5.59 35.37
CA ARG C 289 5.21 -4.47 35.98
C ARG C 289 6.14 -3.79 34.97
N ALA C 290 6.05 -2.47 34.89
CA ALA C 290 6.89 -1.67 34.00
C ALA C 290 7.86 -0.82 34.80
N ILE C 291 9.11 -0.76 34.37
CA ILE C 291 10.13 0.06 35.01
C ILE C 291 10.73 0.99 33.97
N GLY C 292 10.77 2.29 34.28
CA GLY C 292 11.30 3.28 33.36
C GLY C 292 12.78 3.13 33.11
N ARG C 293 13.25 3.82 32.07
CA ARG C 293 14.66 3.71 31.68
C ARG C 293 15.58 4.15 32.81
N ARG C 294 15.17 5.18 33.56
CA ARG C 294 15.99 5.65 34.67
C ARG C 294 16.11 4.59 35.77
N ILE C 295 15.02 3.88 36.09
CA ILE C 295 15.10 2.81 37.08
C ILE C 295 16.01 1.69 36.60
N ARG C 296 15.96 1.35 35.30
CA ARG C 296 16.86 0.35 34.77
C ARG C 296 18.30 0.77 34.96
N ARG C 297 18.61 2.01 34.62
CA ARG C 297 19.96 2.52 34.84
C ARG C 297 20.36 2.42 36.30
N LEU C 298 19.47 2.80 37.22
CA LEU C 298 19.83 2.77 38.63
C LEU C 298 20.12 1.34 39.09
N LEU C 299 19.33 0.38 38.63
CA LEU C 299 19.59 -1.02 38.97
C LEU C 299 20.94 -1.48 38.42
N VAL C 300 21.23 -1.18 37.16
CA VAL C 300 22.46 -1.69 36.56
C VAL C 300 23.69 -1.04 37.21
N ARG C 301 23.61 0.26 37.49
CA ARG C 301 24.71 0.93 38.18
C ARG C 301 24.90 0.38 39.58
N THR C 302 23.80 0.09 40.28
CA THR C 302 23.95 -0.46 41.63
C THR C 302 24.59 -1.83 41.59
N VAL C 303 24.18 -2.67 40.64
CA VAL C 303 24.78 -4.00 40.53
C VAL C 303 26.25 -3.90 40.19
N GLU C 304 26.60 -3.02 39.22
CA GLU C 304 28.00 -2.87 38.84
C GLU C 304 28.84 -2.40 40.01
N PHE C 305 28.32 -1.46 40.81
CA PHE C 305 29.08 -1.04 41.98
C PHE C 305 29.27 -2.17 42.96
N ALA C 306 28.21 -2.96 43.19
CA ALA C 306 28.30 -4.09 44.13
C ALA C 306 29.35 -5.10 43.70
N ALA C 307 29.47 -5.34 42.39
CA ALA C 307 30.43 -6.34 41.92
C ALA C 307 31.86 -5.98 42.32
N GLU C 308 32.25 -4.72 42.14
CA GLU C 308 33.62 -4.29 42.46
C GLU C 308 33.92 -4.51 43.93
N ARG C 309 33.00 -4.12 44.80
CA ARG C 309 33.16 -4.33 46.22
C ARG C 309 33.21 -5.82 46.56
N LEU C 310 32.46 -6.64 45.83
CA LEU C 310 32.45 -8.08 46.07
C LEU C 310 33.81 -8.69 45.80
N TRP C 311 34.42 -8.32 44.66
CA TRP C 311 35.74 -8.84 44.34
C TRP C 311 36.80 -8.31 45.30
N LEU C 312 36.61 -7.08 45.80
CA LEU C 312 37.52 -6.61 46.84
C LEU C 312 37.42 -7.47 48.09
N ILE C 313 36.20 -7.90 48.46
CA ILE C 313 36.02 -8.71 49.66
C ILE C 313 36.57 -10.12 49.51
N HIS C 314 36.42 -10.75 48.34
CA HIS C 314 36.89 -12.15 48.25
C HIS C 314 38.42 -12.21 48.13
N GLY D 8 27.97 -36.84 -27.66
CA GLY D 8 27.59 -37.85 -26.68
C GLY D 8 28.60 -38.07 -25.58
N SER D 9 28.46 -39.18 -24.85
CA SER D 9 29.33 -39.42 -23.70
C SER D 9 30.78 -39.66 -24.14
N ASP D 10 30.98 -40.48 -25.18
CA ASP D 10 32.33 -40.74 -25.68
C ASP D 10 32.93 -39.50 -26.31
N ASP D 11 32.11 -38.70 -27.00
CA ASP D 11 32.60 -37.45 -27.59
C ASP D 11 33.05 -36.49 -26.51
N ILE D 12 32.29 -36.40 -25.41
CA ILE D 12 32.68 -35.54 -24.29
C ILE D 12 33.98 -36.03 -23.68
N SER D 13 34.10 -37.35 -23.48
CA SER D 13 35.33 -37.89 -22.88
C SER D 13 36.56 -37.62 -23.76
N LYS D 14 36.42 -37.80 -25.08
CA LYS D 14 37.52 -37.53 -26.00
C LYS D 14 37.87 -36.03 -26.01
N LEU D 15 36.86 -35.17 -25.92
CA LEU D 15 37.16 -33.74 -25.79
C LEU D 15 37.96 -33.47 -24.52
N ILE D 16 37.58 -34.12 -23.42
CA ILE D 16 38.28 -33.95 -22.14
C ILE D 16 39.70 -34.45 -22.22
N ALA D 17 39.96 -35.49 -23.01
CA ALA D 17 41.33 -36.01 -23.13
C ALA D 17 42.28 -34.95 -23.67
N ALA D 18 41.89 -34.28 -24.76
CA ALA D 18 42.75 -33.32 -25.44
C ALA D 18 42.37 -31.86 -25.16
N CYS D 19 41.60 -31.62 -24.09
CA CYS D 19 41.08 -30.29 -23.82
C CYS D 19 42.19 -29.33 -23.38
N ASP D 20 43.13 -29.81 -22.57
CA ASP D 20 44.17 -28.94 -22.04
C ASP D 20 45.03 -28.32 -23.14
N GLN D 21 45.10 -28.96 -24.30
CA GLN D 21 45.88 -28.44 -25.42
C GLN D 21 45.00 -27.77 -26.47
N GLU D 22 43.71 -27.62 -26.20
CA GLU D 22 42.76 -27.07 -27.17
C GLU D 22 43.09 -25.63 -27.49
N PRO D 23 43.10 -25.24 -28.77
CA PRO D 23 43.44 -23.86 -29.14
C PRO D 23 42.23 -22.94 -29.08
N ILE D 24 41.95 -22.40 -27.89
CA ILE D 24 40.72 -21.62 -27.72
C ILE D 24 40.83 -20.25 -28.35
N HIS D 25 42.03 -19.84 -28.78
CA HIS D 25 42.16 -18.55 -29.42
C HIS D 25 41.78 -18.55 -30.89
N ILE D 26 41.66 -19.72 -31.52
CA ILE D 26 41.34 -19.77 -32.94
C ILE D 26 40.16 -20.69 -33.22
N PRO D 27 38.99 -20.48 -32.61
CA PRO D 27 37.85 -21.36 -32.87
C PRO D 27 37.21 -21.17 -34.24
N ASN D 28 37.65 -20.19 -35.02
CA ASN D 28 37.04 -19.89 -36.32
C ASN D 28 35.51 -19.77 -36.23
N ALA D 29 35.02 -19.37 -35.06
CA ALA D 29 33.60 -19.14 -34.85
C ALA D 29 33.45 -18.16 -33.69
N ILE D 30 32.25 -17.59 -33.57
CA ILE D 30 31.96 -16.57 -32.58
C ILE D 30 30.60 -16.80 -31.94
N GLN D 31 30.39 -16.15 -30.79
CA GLN D 31 29.08 -16.14 -30.16
C GLN D 31 28.14 -15.23 -30.95
N PRO D 32 26.84 -15.55 -30.99
CA PRO D 32 25.95 -14.89 -31.95
C PRO D 32 25.40 -13.54 -31.51
N PHE D 33 25.90 -12.94 -30.43
CA PHE D 33 25.42 -11.61 -30.06
C PHE D 33 26.12 -10.46 -30.81
N GLY D 34 26.88 -10.78 -31.86
CA GLY D 34 27.47 -9.81 -32.75
C GLY D 34 27.95 -10.50 -34.00
N ALA D 35 28.43 -9.70 -34.96
CA ALA D 35 28.97 -10.24 -36.18
C ALA D 35 30.42 -9.81 -36.31
N MET D 36 31.16 -10.52 -37.16
CA MET D 36 32.59 -10.25 -37.31
C MET D 36 33.00 -10.21 -38.77
N LEU D 37 33.80 -9.22 -39.11
CA LEU D 37 34.50 -9.19 -40.38
C LEU D 37 36.00 -9.32 -40.13
N ILE D 38 36.68 -10.04 -41.01
CA ILE D 38 38.13 -10.06 -41.04
C ILE D 38 38.56 -9.63 -42.43
N VAL D 39 39.35 -8.56 -42.49
CA VAL D 39 39.76 -7.90 -43.71
C VAL D 39 41.26 -8.05 -43.84
N GLU D 40 41.73 -8.35 -45.05
CA GLU D 40 43.17 -8.37 -45.30
C GLU D 40 43.64 -6.94 -45.52
N LYS D 41 44.66 -6.54 -44.77
CA LYS D 41 45.07 -5.14 -44.82
C LYS D 41 45.61 -4.76 -46.18
N ASP D 42 46.49 -5.58 -46.73
CA ASP D 42 47.18 -5.15 -47.94
C ASP D 42 46.31 -5.32 -49.17
N THR D 43 45.56 -6.41 -49.25
CA THR D 43 44.70 -6.60 -50.41
C THR D 43 43.37 -5.88 -50.26
N GLN D 44 43.12 -5.25 -49.11
CA GLN D 44 41.91 -4.45 -48.89
C GLN D 44 40.63 -5.24 -49.11
N GLN D 45 40.67 -6.54 -48.83
CA GLN D 45 39.57 -7.45 -49.10
C GLN D 45 39.04 -8.08 -47.83
N ILE D 46 37.71 -8.25 -47.79
CA ILE D 46 37.11 -9.08 -46.75
C ILE D 46 37.49 -10.53 -47.02
N VAL D 47 38.19 -11.15 -46.08
CA VAL D 47 38.59 -12.54 -46.25
C VAL D 47 37.77 -13.50 -45.39
N TYR D 48 37.26 -13.06 -44.24
CA TYR D 48 36.35 -13.92 -43.47
C TYR D 48 35.17 -13.11 -42.96
N ALA D 49 34.01 -13.76 -42.88
CA ALA D 49 32.82 -13.16 -42.28
C ALA D 49 32.08 -14.20 -41.46
N SER D 50 31.59 -13.81 -40.28
CA SER D 50 30.79 -14.73 -39.48
C SER D 50 29.48 -15.06 -40.19
N ALA D 51 28.95 -16.27 -39.89
CA ALA D 51 27.82 -16.77 -40.65
C ALA D 51 26.59 -15.87 -40.52
N ASN D 52 26.46 -15.16 -39.42
CA ASN D 52 25.33 -14.28 -39.16
C ASN D 52 25.59 -12.83 -39.55
N SER D 53 26.60 -12.58 -40.39
CA SER D 53 26.98 -11.22 -40.76
C SER D 53 25.84 -10.43 -41.38
N ALA D 54 24.97 -11.10 -42.13
CA ALA D 54 23.91 -10.40 -42.85
C ALA D 54 22.98 -9.65 -41.90
N GLU D 55 22.53 -10.32 -40.83
CA GLU D 55 21.50 -9.70 -39.99
C GLU D 55 21.99 -8.47 -39.23
N TYR D 56 23.30 -8.21 -39.19
CA TYR D 56 23.83 -7.00 -38.56
C TYR D 56 24.18 -5.92 -39.59
N PHE D 57 24.92 -6.29 -40.64
CA PHE D 57 25.34 -5.30 -41.62
C PHE D 57 24.22 -4.84 -42.54
N SER D 58 23.08 -5.53 -42.53
CA SER D 58 21.90 -4.99 -43.20
C SER D 58 21.50 -3.65 -42.59
N VAL D 59 21.88 -3.38 -41.35
CA VAL D 59 21.56 -2.11 -40.72
C VAL D 59 22.37 -0.98 -41.35
N ALA D 60 23.60 -1.28 -41.78
CA ALA D 60 24.48 -0.28 -42.37
C ALA D 60 24.34 -0.17 -43.89
N ASP D 61 24.07 -1.28 -44.58
CA ASP D 61 23.91 -1.29 -46.04
C ASP D 61 22.71 -2.16 -46.35
N ASN D 62 21.58 -1.52 -46.68
CA ASN D 62 20.31 -2.22 -46.87
C ASN D 62 20.27 -3.08 -48.13
N THR D 63 21.33 -3.06 -48.94
CA THR D 63 21.47 -3.93 -50.10
C THR D 63 21.99 -5.32 -49.74
N ILE D 64 22.30 -5.57 -48.46
CA ILE D 64 22.78 -6.86 -47.99
C ILE D 64 21.60 -7.64 -47.39
N HIS D 65 21.36 -8.85 -47.90
CA HIS D 65 20.23 -9.69 -47.50
C HIS D 65 20.63 -11.10 -47.05
N GLU D 66 21.64 -11.70 -47.68
CA GLU D 66 22.14 -13.02 -47.32
C GLU D 66 23.64 -12.91 -47.07
N LEU D 67 24.20 -13.94 -46.44
CA LEU D 67 25.64 -13.99 -46.24
C LEU D 67 26.39 -13.92 -47.57
N SER D 68 25.81 -14.51 -48.63
CA SER D 68 26.47 -14.55 -49.92
C SER D 68 26.66 -13.15 -50.51
N ASP D 69 25.84 -12.19 -50.11
CA ASP D 69 25.93 -10.82 -50.61
C ASP D 69 27.20 -10.12 -50.21
N ILE D 70 27.88 -10.59 -49.15
CA ILE D 70 29.06 -9.89 -48.63
C ILE D 70 30.20 -9.86 -49.63
N LYS D 71 30.43 -10.95 -50.37
CA LYS D 71 31.53 -11.00 -51.32
C LYS D 71 31.53 -9.79 -52.26
N GLN D 72 30.35 -9.39 -52.72
CA GLN D 72 30.18 -8.24 -53.61
C GLN D 72 29.97 -6.93 -52.86
N ALA D 73 30.14 -6.92 -51.54
CA ALA D 73 29.95 -5.71 -50.77
C ALA D 73 31.23 -4.89 -50.73
N ASN D 74 31.07 -3.61 -50.46
CA ASN D 74 32.18 -2.66 -50.39
C ASN D 74 32.46 -2.36 -48.93
N ILE D 75 33.72 -2.48 -48.51
CA ILE D 75 34.05 -2.28 -47.11
C ILE D 75 33.65 -0.88 -46.65
N ASN D 76 33.81 0.12 -47.53
CA ASN D 76 33.42 1.47 -47.19
C ASN D 76 31.91 1.60 -46.98
N SER D 77 31.13 0.67 -47.52
CA SER D 77 29.69 0.65 -47.30
C SER D 77 29.30 0.01 -45.97
N LEU D 78 30.18 -0.81 -45.40
CA LEU D 78 29.82 -1.53 -44.19
C LEU D 78 30.28 -0.82 -42.92
N LEU D 79 31.45 -0.20 -42.93
CA LEU D 79 32.05 0.38 -41.74
C LEU D 79 32.01 1.89 -41.78
N PRO D 80 32.08 2.55 -40.62
CA PRO D 80 32.18 4.02 -40.59
C PRO D 80 33.57 4.48 -41.02
N GLU D 81 33.62 5.66 -41.65
CA GLU D 81 34.90 6.21 -42.09
C GLU D 81 35.87 6.33 -40.91
N HIS D 82 35.34 6.68 -39.73
CA HIS D 82 36.19 6.78 -38.55
C HIS D 82 36.90 5.48 -38.25
N LEU D 83 36.20 4.35 -38.40
CA LEU D 83 36.82 3.06 -38.10
C LEU D 83 37.90 2.71 -39.11
N ILE D 84 37.66 2.95 -40.40
CA ILE D 84 38.65 2.63 -41.41
C ILE D 84 39.90 3.49 -41.23
N SER D 85 39.72 4.81 -41.09
CA SER D 85 40.90 5.65 -40.92
C SER D 85 41.60 5.38 -39.59
N GLY D 86 40.86 5.03 -38.54
CA GLY D 86 41.49 4.71 -37.27
C GLY D 86 42.30 3.44 -37.33
N LEU D 87 41.81 2.43 -38.06
CA LEU D 87 42.60 1.22 -38.23
C LEU D 87 43.84 1.49 -39.08
N ALA D 88 43.69 2.33 -40.12
CA ALA D 88 44.83 2.62 -40.99
C ALA D 88 45.92 3.36 -40.25
N SER D 89 45.54 4.33 -39.43
CA SER D 89 46.52 5.14 -38.72
C SER D 89 46.93 4.54 -37.37
N ALA D 90 46.23 3.50 -36.88
CA ALA D 90 46.63 2.88 -35.63
C ALA D 90 47.94 2.15 -35.83
N ILE D 91 48.86 2.32 -34.89
CA ILE D 91 50.22 1.82 -35.09
C ILE D 91 50.50 0.56 -34.27
N ARG D 92 49.96 0.46 -33.06
CA ARG D 92 50.15 -0.74 -32.25
C ARG D 92 49.09 -1.78 -32.56
N GLU D 93 49.48 -3.04 -32.45
CA GLU D 93 48.58 -4.14 -32.71
C GLU D 93 47.71 -4.41 -31.48
N ASN D 94 46.51 -4.95 -31.73
CA ASN D 94 45.63 -5.46 -30.69
C ASN D 94 45.24 -4.37 -29.69
N GLU D 95 45.01 -3.16 -30.18
CA GLU D 95 44.44 -2.07 -29.38
C GLU D 95 43.08 -1.74 -29.98
N PRO D 96 42.00 -2.26 -29.42
CA PRO D 96 40.70 -2.11 -30.09
C PRO D 96 40.21 -0.68 -30.12
N ILE D 97 39.70 -0.28 -31.28
CA ILE D 97 39.07 1.02 -31.48
C ILE D 97 37.56 0.80 -31.44
N TRP D 98 36.88 1.64 -30.67
CA TRP D 98 35.44 1.50 -30.38
C TRP D 98 34.73 2.69 -31.01
N VAL D 99 33.89 2.41 -32.01
CA VAL D 99 33.21 3.44 -32.79
C VAL D 99 31.72 3.14 -32.85
N GLU D 100 30.90 4.14 -32.51
CA GLU D 100 29.45 3.95 -32.50
C GLU D 100 28.81 4.78 -33.60
N THR D 101 27.76 4.23 -34.18
CA THR D 101 26.87 4.90 -35.13
C THR D 101 25.50 5.02 -34.49
N ASP D 102 24.48 5.37 -35.28
CA ASP D 102 23.15 5.53 -34.70
C ASP D 102 22.58 4.21 -34.19
N ARG D 103 22.84 3.11 -34.89
CA ARG D 103 22.30 1.82 -34.49
C ARG D 103 23.33 0.73 -34.20
N LEU D 104 24.60 0.90 -34.60
CA LEU D 104 25.58 -0.17 -34.42
C LEU D 104 26.78 0.31 -33.60
N SER D 105 27.49 -0.65 -33.02
CA SER D 105 28.64 -0.41 -32.16
C SER D 105 29.77 -1.33 -32.61
N PHE D 106 30.82 -0.74 -33.18
CA PHE D 106 31.95 -1.46 -33.75
C PHE D 106 33.15 -1.46 -32.80
N LEU D 107 33.89 -2.57 -32.84
CA LEU D 107 35.15 -2.72 -32.11
C LEU D 107 36.13 -3.38 -33.08
N GLY D 108 37.09 -2.63 -33.59
CA GLY D 108 38.02 -3.16 -34.58
C GLY D 108 39.47 -2.95 -34.16
N TRP D 109 40.30 -3.94 -34.46
CA TRP D 109 41.70 -3.86 -34.13
C TRP D 109 42.52 -4.49 -35.24
N ARG D 110 43.83 -4.33 -35.10
CA ARG D 110 44.85 -4.73 -36.04
C ARG D 110 45.61 -5.94 -35.51
N HIS D 111 45.56 -7.06 -36.22
CA HIS D 111 46.30 -8.25 -35.80
C HIS D 111 47.00 -8.82 -37.02
N GLU D 112 48.34 -8.81 -37.00
CA GLU D 112 49.17 -9.34 -38.08
C GLU D 112 48.76 -8.62 -39.36
N ASN D 113 48.42 -9.35 -40.44
CA ASN D 113 48.03 -8.77 -41.72
C ASN D 113 46.55 -8.45 -41.82
N TYR D 114 45.80 -8.55 -40.72
CA TYR D 114 44.35 -8.42 -40.78
C TYR D 114 43.82 -7.30 -39.89
N TYR D 115 42.69 -6.75 -40.31
CA TYR D 115 41.82 -5.95 -39.47
C TYR D 115 40.68 -6.84 -39.06
N ILE D 116 40.40 -6.89 -37.76
CA ILE D 116 39.32 -7.69 -37.21
C ILE D 116 38.28 -6.72 -36.64
N ILE D 117 37.04 -6.87 -37.06
CA ILE D 117 35.96 -5.96 -36.67
C ILE D 117 34.82 -6.78 -36.09
N GLU D 118 34.47 -6.49 -34.84
CA GLU D 118 33.28 -7.02 -34.20
C GLU D 118 32.23 -5.92 -34.19
N VAL D 119 30.97 -6.30 -34.30
CA VAL D 119 29.89 -5.33 -34.27
C VAL D 119 28.71 -5.89 -33.50
N GLU D 120 28.14 -5.06 -32.62
CA GLU D 120 26.96 -5.40 -31.84
C GLU D 120 25.91 -4.31 -32.04
N ARG D 121 24.65 -4.66 -31.79
CA ARG D 121 23.65 -3.61 -31.69
C ARG D 121 23.81 -2.89 -30.35
N TYR D 122 23.31 -1.67 -30.29
CA TYR D 122 23.54 -0.87 -29.10
C TYR D 122 22.40 0.13 -28.93
N HIS D 123 22.11 0.44 -27.68
CA HIS D 123 21.05 1.37 -27.30
C HIS D 123 21.66 2.55 -26.57
N VAL D 124 21.35 3.76 -27.05
CA VAL D 124 21.94 4.97 -26.48
C VAL D 124 21.51 5.05 -25.03
N GLN D 125 22.47 5.27 -24.14
CA GLN D 125 22.12 5.25 -22.73
C GLN D 125 22.40 6.61 -22.13
N THR D 126 21.31 7.29 -21.75
CA THR D 126 21.31 8.65 -21.22
C THR D 126 20.86 8.65 -19.76
N SER D 127 21.82 8.75 -18.85
CA SER D 127 21.53 8.92 -17.43
C SER D 127 22.86 9.17 -16.73
N ASN D 128 22.79 9.75 -15.53
CA ASN D 128 24.00 9.91 -14.74
C ASN D 128 24.28 8.68 -13.90
N TRP D 129 23.58 7.58 -14.17
CA TRP D 129 23.69 6.38 -13.34
C TRP D 129 25.11 5.84 -13.32
N PHE D 130 25.84 5.92 -14.45
CA PHE D 130 27.18 5.39 -14.45
C PHE D 130 28.11 6.24 -13.59
N GLU D 131 27.99 7.57 -13.66
CA GLU D 131 28.83 8.42 -12.85
C GLU D 131 28.52 8.26 -11.36
N ILE D 132 27.24 8.06 -11.04
CA ILE D 132 26.83 7.80 -9.66
C ILE D 132 27.37 6.47 -9.15
N GLN D 133 27.22 5.40 -9.93
CA GLN D 133 27.74 4.10 -9.50
C GLN D 133 29.25 4.13 -9.34
N PHE D 134 29.93 4.80 -10.27
CA PHE D 134 31.38 4.92 -10.20
C PHE D 134 31.80 5.65 -8.93
N GLN D 135 31.16 6.78 -8.63
CA GLN D 135 31.55 7.51 -7.43
C GLN D 135 31.31 6.67 -6.17
N ARG D 136 30.14 6.02 -6.08
CA ARG D 136 29.88 5.17 -4.90
C ARG D 136 30.90 4.03 -4.83
N ALA D 137 31.19 3.38 -5.96
CA ALA D 137 32.14 2.29 -5.94
C ALA D 137 33.49 2.75 -5.41
N PHE D 138 33.95 3.92 -5.86
CA PHE D 138 35.24 4.43 -5.39
C PHE D 138 35.19 4.82 -3.91
N GLN D 139 34.16 5.55 -3.49
CA GLN D 139 34.11 5.92 -2.09
C GLN D 139 34.03 4.69 -1.20
N LYS D 140 33.23 3.69 -1.62
CA LYS D 140 33.11 2.49 -0.81
C LYS D 140 34.41 1.70 -0.79
N LEU D 141 35.09 1.59 -1.93
CA LEU D 141 36.34 0.86 -1.94
C LEU D 141 37.43 1.59 -1.18
N ARG D 142 37.39 2.93 -1.15
CA ARG D 142 38.38 3.69 -0.38
C ARG D 142 38.16 3.53 1.12
N ASN D 143 36.92 3.28 1.55
CA ASN D 143 36.60 3.14 2.97
C ASN D 143 37.07 1.81 3.55
N CYS D 144 37.39 0.83 2.71
CA CYS D 144 37.80 -0.49 3.17
C CYS D 144 39.22 -0.45 3.71
N LYS D 145 39.42 -0.88 4.95
CA LYS D 145 40.74 -0.87 5.58
C LYS D 145 41.29 -2.25 5.89
N THR D 146 40.52 -3.31 5.67
CA THR D 146 41.00 -4.65 5.94
C THR D 146 40.87 -5.45 4.67
N HIS D 147 41.80 -6.40 4.48
CA HIS D 147 41.75 -7.22 3.28
C HIS D 147 40.38 -7.87 3.09
N ASN D 148 39.83 -8.45 4.16
CA ASN D 148 38.58 -9.18 4.01
C ASN D 148 37.41 -8.27 3.64
N ASP D 149 37.29 -7.10 4.29
CA ASP D 149 36.21 -6.18 3.96
C ASP D 149 36.26 -5.74 2.50
N LEU D 150 37.45 -5.59 1.93
CA LEU D 150 37.56 -5.09 0.57
C LEU D 150 36.99 -6.08 -0.44
N ILE D 151 37.37 -7.35 -0.35
CA ILE D 151 36.90 -8.31 -1.35
C ILE D 151 35.39 -8.49 -1.27
N ASN D 152 34.81 -8.52 -0.06
CA ASN D 152 33.35 -8.61 0.03
C ASN D 152 32.69 -7.35 -0.51
N THR D 153 33.27 -6.17 -0.25
CA THR D 153 32.71 -4.96 -0.85
C THR D 153 32.77 -5.02 -2.37
N LEU D 154 33.87 -5.55 -2.92
CA LEU D 154 33.99 -5.65 -4.37
C LEU D 154 32.95 -6.60 -4.95
N THR D 155 32.75 -7.74 -4.29
CA THR D 155 31.78 -8.70 -4.80
C THR D 155 30.36 -8.12 -4.74
N ARG D 156 30.05 -7.41 -3.66
CA ARG D 156 28.76 -6.74 -3.55
C ARG D 156 28.58 -5.69 -4.65
N LEU D 157 29.62 -4.90 -4.92
CA LEU D 157 29.52 -3.85 -5.93
C LEU D 157 29.35 -4.43 -7.33
N ILE D 158 30.16 -5.43 -7.67
CA ILE D 158 30.06 -6.07 -8.99
C ILE D 158 28.67 -6.65 -9.19
N GLN D 159 28.08 -7.22 -8.14
CA GLN D 159 26.72 -7.72 -8.27
C GLN D 159 25.72 -6.59 -8.49
N GLU D 160 25.87 -5.50 -7.73
CA GLU D 160 24.95 -4.36 -7.89
C GLU D 160 25.01 -3.79 -9.31
N ILE D 161 26.22 -3.70 -9.87
CA ILE D 161 26.37 -3.11 -11.19
C ILE D 161 25.85 -4.05 -12.27
N SER D 162 26.25 -5.32 -12.21
CA SER D 162 25.91 -6.22 -13.31
C SER D 162 24.53 -6.85 -13.16
N GLY D 163 24.05 -7.04 -11.94
CA GLY D 163 22.77 -7.69 -11.73
C GLY D 163 22.83 -9.20 -11.86
N TYR D 164 24.02 -9.78 -12.00
CA TYR D 164 24.16 -11.22 -12.11
C TYR D 164 23.82 -11.89 -10.79
N ASP D 165 23.29 -13.11 -10.88
CA ASP D 165 22.76 -13.79 -9.70
C ASP D 165 23.84 -14.13 -8.68
N ARG D 166 24.97 -14.67 -9.13
CA ARG D 166 26.05 -15.00 -8.20
C ARG D 166 27.35 -14.37 -8.69
N VAL D 167 28.11 -13.79 -7.75
CA VAL D 167 29.40 -13.20 -8.06
C VAL D 167 30.40 -13.74 -7.05
N MET D 168 31.48 -14.33 -7.56
CA MET D 168 32.52 -14.93 -6.74
C MET D 168 33.86 -14.32 -7.10
N ILE D 169 34.82 -14.48 -6.19
CA ILE D 169 36.21 -14.12 -6.43
C ILE D 169 37.06 -15.38 -6.22
N TYR D 170 37.65 -15.88 -7.30
CA TYR D 170 38.64 -16.94 -7.20
C TYR D 170 39.99 -16.29 -6.96
N GLN D 171 40.73 -16.81 -5.98
CA GLN D 171 42.13 -16.49 -5.81
C GLN D 171 42.97 -17.72 -6.11
N PHE D 172 44.03 -17.54 -6.88
CA PHE D 172 44.95 -18.60 -7.26
C PHE D 172 46.07 -18.73 -6.23
N ASP D 173 46.52 -19.96 -6.02
CA ASP D 173 47.71 -20.26 -5.23
C ASP D 173 48.91 -20.44 -6.16
N PRO D 174 50.14 -20.55 -5.61
CA PRO D 174 51.32 -20.63 -6.51
C PRO D 174 51.20 -21.62 -7.65
N GLU D 175 50.53 -22.77 -7.47
CA GLU D 175 50.40 -23.77 -8.53
C GLU D 175 49.10 -23.64 -9.33
N TRP D 176 48.42 -22.50 -9.24
CA TRP D 176 47.25 -22.12 -10.04
C TRP D 176 45.96 -22.82 -9.67
N ASN D 177 45.89 -23.45 -8.49
CA ASN D 177 44.60 -23.91 -8.01
C ASN D 177 43.80 -22.72 -7.48
N GLY D 178 42.48 -22.83 -7.57
CA GLY D 178 41.58 -21.74 -7.24
C GLY D 178 40.85 -22.01 -5.94
N ARG D 179 40.68 -20.96 -5.14
CA ARG D 179 39.80 -20.99 -3.99
C ARG D 179 38.86 -19.81 -4.04
N VAL D 180 37.60 -20.04 -3.70
CA VAL D 180 36.61 -18.96 -3.68
C VAL D 180 36.72 -18.24 -2.35
N ILE D 181 37.31 -17.04 -2.37
CA ILE D 181 37.63 -16.35 -1.12
C ILE D 181 36.50 -15.42 -0.66
N ALA D 182 35.55 -15.10 -1.52
CA ALA D 182 34.39 -14.31 -1.16
C ALA D 182 33.33 -14.50 -2.23
N GLU D 183 32.07 -14.35 -1.81
CA GLU D 183 30.93 -14.61 -2.69
C GLU D 183 29.80 -13.68 -2.28
N SER D 184 28.96 -13.35 -3.25
CA SER D 184 27.78 -12.52 -3.05
C SER D 184 26.71 -13.07 -3.97
N VAL D 185 25.67 -13.68 -3.39
CA VAL D 185 24.72 -14.45 -4.17
C VAL D 185 23.30 -14.18 -3.67
N ARG D 186 22.34 -14.32 -4.57
CA ARG D 186 20.91 -14.21 -4.27
C ARG D 186 20.47 -15.38 -3.39
N GLN D 187 19.24 -15.26 -2.88
CA GLN D 187 18.70 -16.34 -2.08
C GLN D 187 18.32 -17.56 -2.92
N LEU D 188 18.29 -18.70 -2.22
CA LEU D 188 17.95 -20.00 -2.78
C LEU D 188 19.08 -20.48 -3.67
N PHE D 189 20.32 -20.21 -3.24
CA PHE D 189 21.48 -20.64 -3.99
C PHE D 189 22.44 -21.38 -3.07
N THR D 190 23.04 -22.43 -3.62
CA THR D 190 24.10 -23.11 -2.90
C THR D 190 25.26 -22.15 -2.70
N SER D 191 25.70 -22.00 -1.46
CA SER D 191 26.85 -21.16 -1.18
C SER D 191 28.11 -21.84 -1.70
N MET D 192 28.84 -21.14 -2.56
CA MET D 192 30.10 -21.64 -3.09
C MET D 192 31.28 -21.14 -2.28
N LEU D 193 31.02 -20.43 -1.19
CA LEU D 193 32.11 -19.85 -0.41
C LEU D 193 33.06 -20.92 0.08
N ASN D 194 34.35 -20.69 -0.11
CA ASN D 194 35.48 -21.51 0.30
C ASN D 194 35.56 -22.84 -0.45
N HIS D 195 34.76 -23.02 -1.51
CA HIS D 195 34.91 -24.15 -2.41
CA HIS D 195 34.94 -24.17 -2.37
C HIS D 195 36.22 -24.03 -3.20
N HIS D 196 36.87 -25.16 -3.45
CA HIS D 196 38.14 -25.21 -4.16
C HIS D 196 37.98 -25.82 -5.55
N PHE D 197 38.81 -25.38 -6.48
CA PHE D 197 38.91 -26.11 -7.73
C PHE D 197 40.37 -26.28 -8.12
N PRO D 198 40.70 -27.37 -8.83
CA PRO D 198 42.09 -27.64 -9.18
C PRO D 198 42.54 -26.77 -10.34
N ALA D 199 43.86 -26.61 -10.46
CA ALA D 199 44.43 -25.77 -11.51
C ALA D 199 44.01 -26.23 -12.90
N SER D 200 43.80 -27.54 -13.10
CA SER D 200 43.44 -28.09 -14.40
C SER D 200 42.09 -27.59 -14.92
N ASP D 201 41.23 -27.04 -14.05
CA ASP D 201 39.90 -26.62 -14.47
C ASP D 201 39.92 -25.36 -15.33
N ILE D 202 40.95 -24.54 -15.19
CA ILE D 202 41.18 -23.41 -16.09
C ILE D 202 42.52 -23.63 -16.79
N PRO D 203 42.49 -24.04 -18.06
CA PRO D 203 43.74 -24.28 -18.80
C PRO D 203 44.60 -23.03 -18.87
N ALA D 204 45.89 -23.25 -19.14
CA ALA D 204 46.83 -22.15 -19.21
C ALA D 204 46.40 -21.10 -20.22
N GLN D 205 46.00 -21.55 -21.41
CA GLN D 205 45.57 -20.65 -22.47
C GLN D 205 44.30 -19.89 -22.10
N ALA D 206 43.51 -20.40 -21.14
CA ALA D 206 42.35 -19.66 -20.68
C ALA D 206 42.74 -18.56 -19.72
N ARG D 207 43.69 -18.82 -18.82
CA ARG D 207 44.24 -17.76 -17.98
C ARG D 207 44.92 -16.69 -18.82
N ALA D 208 45.58 -17.10 -19.91
CA ALA D 208 46.27 -16.14 -20.76
C ALA D 208 45.31 -15.10 -21.32
N MET D 209 44.07 -15.52 -21.64
CA MET D 209 43.15 -14.63 -22.36
C MET D 209 42.87 -13.34 -21.58
N TYR D 210 42.96 -13.38 -20.24
CA TYR D 210 42.71 -12.17 -19.47
C TYR D 210 43.78 -11.10 -19.70
N SER D 211 44.98 -11.46 -20.15
CA SER D 211 45.97 -10.44 -20.49
C SER D 211 45.75 -9.81 -21.85
N ILE D 212 44.97 -10.42 -22.73
CA ILE D 212 44.64 -9.80 -24.01
C ILE D 212 43.40 -8.92 -23.90
N ASN D 213 42.39 -9.40 -23.21
CA ASN D 213 41.17 -8.67 -22.91
C ASN D 213 40.78 -9.05 -21.49
N PRO D 214 40.72 -8.09 -20.57
CA PRO D 214 40.56 -8.45 -19.15
C PRO D 214 39.13 -8.91 -18.80
N ILE D 215 38.20 -8.80 -19.73
CA ILE D 215 36.85 -9.28 -19.51
C ILE D 215 36.56 -10.39 -20.51
N ARG D 216 35.76 -11.37 -20.07
CA ARG D 216 35.30 -12.48 -20.88
C ARG D 216 33.79 -12.56 -20.68
N ILE D 217 33.04 -12.69 -21.77
CA ILE D 217 31.60 -12.53 -21.74
C ILE D 217 30.95 -13.66 -22.50
N ILE D 218 30.03 -14.37 -21.85
CA ILE D 218 29.26 -15.44 -22.46
C ILE D 218 27.79 -15.12 -22.16
N PRO D 219 27.08 -14.45 -23.07
CA PRO D 219 25.74 -13.95 -22.75
C PRO D 219 24.64 -14.98 -22.80
N ASP D 220 24.93 -16.18 -23.29
CA ASP D 220 23.93 -17.24 -23.44
C ASP D 220 24.66 -18.52 -23.80
N VAL D 221 24.72 -19.47 -22.86
CA VAL D 221 25.48 -20.70 -23.07
C VAL D 221 24.82 -21.63 -24.06
N ASN D 222 23.55 -21.41 -24.39
CA ASN D 222 22.83 -22.30 -25.29
C ASN D 222 22.63 -21.69 -26.67
N ALA D 223 23.28 -20.58 -26.96
CA ALA D 223 23.19 -19.99 -28.27
C ALA D 223 24.12 -20.73 -29.23
N GLU D 224 23.68 -20.88 -30.47
CA GLU D 224 24.42 -21.67 -31.44
C GLU D 224 25.63 -20.89 -31.93
N PRO D 225 26.86 -21.38 -31.73
CA PRO D 225 28.04 -20.67 -32.25
C PRO D 225 27.98 -20.52 -33.76
N GLN D 226 28.35 -19.32 -34.24
CA GLN D 226 28.32 -19.00 -35.66
C GLN D 226 29.70 -19.11 -36.25
N PRO D 227 29.92 -19.96 -37.25
CA PRO D 227 31.27 -20.16 -37.77
C PRO D 227 31.67 -19.11 -38.79
N LEU D 228 32.99 -18.97 -38.97
CA LEU D 228 33.57 -18.01 -39.91
C LEU D 228 33.64 -18.63 -41.30
N HIS D 229 32.98 -17.97 -42.26
CA HIS D 229 33.00 -18.39 -43.66
C HIS D 229 34.07 -17.61 -44.42
N MET D 230 34.76 -18.29 -45.32
CA MET D 230 35.71 -17.63 -46.20
C MET D 230 34.96 -16.79 -47.24
N ILE D 231 35.45 -15.59 -47.48
CA ILE D 231 34.79 -14.72 -48.45
C ILE D 231 35.68 -14.63 -49.68
N HIS D 232 36.72 -13.79 -49.63
CA HIS D 232 37.80 -13.80 -50.60
C HIS D 232 39.01 -14.51 -50.00
N LYS D 233 39.73 -15.24 -50.86
CA LYS D 233 40.80 -16.10 -50.38
C LYS D 233 41.92 -15.26 -49.76
N PRO D 234 42.35 -15.59 -48.55
CA PRO D 234 43.47 -14.87 -47.96
C PRO D 234 44.80 -15.40 -48.48
N GLN D 235 45.84 -14.58 -48.35
CA GLN D 235 47.17 -15.03 -48.74
C GLN D 235 47.70 -16.07 -47.77
N ASN D 236 47.31 -15.98 -46.50
CA ASN D 236 47.65 -16.97 -45.50
C ASN D 236 46.37 -17.65 -45.03
N THR D 237 46.29 -18.96 -45.21
CA THR D 237 45.06 -19.69 -44.88
C THR D 237 44.99 -20.13 -43.44
N GLU D 238 46.03 -19.88 -42.64
CA GLU D 238 46.01 -20.21 -41.22
C GLU D 238 44.90 -19.44 -40.51
N ALA D 239 44.35 -20.05 -39.46
CA ALA D 239 43.26 -19.45 -38.71
C ALA D 239 43.71 -18.15 -38.05
N VAL D 240 42.75 -17.25 -37.85
CA VAL D 240 42.99 -15.90 -37.34
C VAL D 240 42.73 -15.87 -35.83
N ASN D 241 43.68 -15.32 -35.09
CA ASN D 241 43.54 -15.18 -33.63
C ASN D 241 42.47 -14.14 -33.29
N LEU D 242 41.43 -14.58 -32.57
CA LEU D 242 40.26 -13.76 -32.27
C LEU D 242 40.26 -13.19 -30.86
N SER D 243 41.38 -13.31 -30.13
CA SER D 243 41.35 -13.16 -28.67
C SER D 243 41.21 -11.72 -28.18
N SER D 244 41.44 -10.71 -29.04
CA SER D 244 41.41 -9.34 -28.52
C SER D 244 40.01 -8.77 -28.37
N GLY D 245 39.01 -9.40 -28.99
CA GLY D 245 37.63 -9.00 -28.86
C GLY D 245 36.88 -9.85 -27.86
N VAL D 246 35.55 -9.76 -27.91
CA VAL D 246 34.71 -10.48 -26.97
C VAL D 246 33.83 -11.54 -27.64
N LEU D 247 33.74 -11.54 -28.96
CA LEU D 247 32.83 -12.46 -29.64
C LEU D 247 33.40 -13.86 -29.80
N ARG D 248 34.70 -14.05 -29.55
CA ARG D 248 35.33 -15.36 -29.71
C ARG D 248 34.50 -16.47 -29.09
N ALA D 249 34.24 -17.51 -29.88
CA ALA D 249 33.34 -18.59 -29.44
C ALA D 249 33.92 -19.33 -28.24
N VAL D 250 33.04 -19.95 -27.46
CA VAL D 250 33.43 -20.61 -26.22
C VAL D 250 33.53 -22.10 -26.47
N SER D 251 34.51 -22.74 -25.83
CA SER D 251 34.68 -24.17 -25.99
C SER D 251 33.41 -24.90 -25.58
N PRO D 252 32.84 -25.75 -26.45
CA PRO D 252 31.59 -26.45 -26.07
C PRO D 252 31.72 -27.19 -24.76
N LEU D 253 32.93 -27.62 -24.42
CA LEU D 253 33.21 -28.19 -23.12
C LEU D 253 32.76 -27.25 -22.00
N HIS D 254 33.25 -26.01 -22.01
CA HIS D 254 32.91 -25.10 -20.92
C HIS D 254 31.44 -24.72 -20.96
N MET D 255 30.85 -24.62 -22.15
CA MET D 255 29.41 -24.39 -22.22
C MET D 255 28.63 -25.50 -21.51
N GLN D 256 29.02 -26.75 -21.74
CA GLN D 256 28.37 -27.86 -21.04
C GLN D 256 28.60 -27.77 -19.54
N TYR D 257 29.84 -27.46 -19.14
CA TYR D 257 30.14 -27.28 -17.71
C TYR D 257 29.23 -26.24 -17.08
N LEU D 258 29.02 -25.13 -17.78
CA LEU D 258 28.15 -24.09 -17.24
C LEU D 258 26.71 -24.58 -17.17
N ARG D 259 26.27 -25.33 -18.18
CA ARG D 259 24.92 -25.89 -18.14
C ARG D 259 24.72 -26.76 -16.91
N ASN D 260 25.68 -27.66 -16.68
CA ASN D 260 25.60 -28.59 -15.57
C ASN D 260 25.59 -27.89 -14.22
N PHE D 261 26.05 -26.65 -14.15
CA PHE D 261 26.04 -25.88 -12.91
C PHE D 261 24.81 -24.99 -12.79
N GLY D 262 23.91 -25.02 -13.75
CA GLY D 262 22.74 -24.16 -13.68
C GLY D 262 22.98 -22.74 -14.12
N VAL D 263 24.02 -22.50 -14.91
CA VAL D 263 24.41 -21.16 -15.35
C VAL D 263 24.06 -21.00 -16.82
N SER D 264 23.34 -19.95 -17.15
CA SER D 264 23.05 -19.67 -18.54
C SER D 264 23.85 -18.51 -19.13
N ALA D 265 24.51 -17.70 -18.30
CA ALA D 265 25.32 -16.59 -18.78
C ALA D 265 26.41 -16.34 -17.76
N SER D 266 27.62 -16.00 -18.24
CA SER D 266 28.73 -15.71 -17.35
C SER D 266 29.52 -14.51 -17.84
N THR D 267 30.16 -13.83 -16.90
CA THR D 267 31.06 -12.73 -17.19
C THR D 267 32.20 -12.82 -16.19
N SER D 268 33.42 -12.93 -16.68
CA SER D 268 34.55 -13.02 -15.77
C SER D 268 35.53 -11.90 -16.05
N ILE D 269 36.18 -11.42 -14.99
CA ILE D 269 37.07 -10.26 -15.05
C ILE D 269 38.36 -10.61 -14.33
N GLY D 270 39.49 -10.36 -14.98
CA GLY D 270 40.76 -10.66 -14.36
C GLY D 270 41.13 -9.61 -13.32
N ILE D 271 41.70 -10.10 -12.21
CA ILE D 271 42.25 -9.24 -11.16
C ILE D 271 43.76 -9.29 -11.31
N PHE D 272 44.37 -8.14 -11.59
CA PHE D 272 45.79 -8.08 -11.91
C PHE D 272 46.57 -7.27 -10.89
N ASN D 273 47.69 -7.84 -10.45
CA ASN D 273 48.71 -7.14 -9.68
C ASN D 273 49.92 -7.03 -10.61
N GLU D 274 50.16 -5.82 -11.11
CA GLU D 274 51.15 -5.55 -12.15
C GLU D 274 50.68 -6.29 -13.40
N ASP D 275 51.43 -7.26 -13.91
CA ASP D 275 51.02 -8.08 -15.03
C ASP D 275 50.63 -9.49 -14.61
N GLU D 276 50.74 -9.80 -13.32
CA GLU D 276 50.36 -11.11 -12.80
C GLU D 276 48.86 -11.21 -12.62
N LEU D 277 48.32 -12.38 -12.97
CA LEU D 277 46.91 -12.68 -12.71
C LEU D 277 46.81 -13.26 -11.30
N TRP D 278 46.17 -12.52 -10.39
CA TRP D 278 46.07 -12.90 -9.00
C TRP D 278 44.78 -13.64 -8.69
N GLY D 279 43.74 -13.41 -9.50
CA GLY D 279 42.44 -14.03 -9.28
C GLY D 279 41.47 -13.57 -10.35
N ILE D 280 40.24 -14.05 -10.22
CA ILE D 280 39.17 -13.75 -11.16
C ILE D 280 37.92 -13.34 -10.40
N VAL D 281 37.21 -12.35 -10.93
CA VAL D 281 35.83 -12.07 -10.52
C VAL D 281 34.93 -12.75 -11.53
N ALA D 282 34.09 -13.67 -11.06
CA ALA D 282 33.23 -14.46 -11.93
C ALA D 282 31.79 -14.16 -11.58
N CYS D 283 30.98 -13.90 -12.59
CA CYS D 283 29.56 -13.61 -12.43
C CYS D 283 28.80 -14.64 -13.23
N HIS D 284 27.93 -15.39 -12.55
CA HIS D 284 27.10 -16.41 -13.13
C HIS D 284 25.63 -16.02 -12.99
N HIS D 285 24.84 -16.32 -14.01
CA HIS D 285 23.42 -15.99 -14.03
C HIS D 285 22.61 -17.20 -14.46
N THR D 286 21.48 -17.40 -13.80
CA THR D 286 20.64 -18.58 -14.02
C THR D 286 20.00 -18.57 -15.40
N LYS D 287 19.59 -17.40 -15.86
CA LYS D 287 19.00 -17.16 -17.16
C LYS D 287 19.95 -16.35 -18.02
N PRO D 288 19.79 -16.38 -19.35
CA PRO D 288 20.72 -15.62 -20.20
C PRO D 288 20.66 -14.14 -19.90
N ARG D 289 21.80 -13.46 -20.11
CA ARG D 289 21.94 -12.06 -19.74
C ARG D 289 23.00 -11.37 -20.57
N ALA D 290 22.66 -10.20 -21.12
CA ALA D 290 23.57 -9.40 -21.90
C ALA D 290 23.87 -8.10 -21.17
N ILE D 291 25.13 -7.66 -21.24
CA ILE D 291 25.56 -6.40 -20.63
C ILE D 291 26.18 -5.52 -21.72
N GLY D 292 25.72 -4.28 -21.81
CA GLY D 292 26.23 -3.36 -22.80
C GLY D 292 27.70 -3.01 -22.57
N ARG D 293 28.30 -2.37 -23.58
CA ARG D 293 29.72 -2.06 -23.53
C ARG D 293 30.07 -1.15 -22.35
N ARG D 294 29.20 -0.19 -22.04
CA ARG D 294 29.47 0.71 -20.92
C ARG D 294 29.49 -0.05 -19.59
N ILE D 295 28.56 -1.01 -19.41
CA ILE D 295 28.53 -1.82 -18.18
C ILE D 295 29.81 -2.64 -18.03
N ARG D 296 30.29 -3.22 -19.14
CA ARG D 296 31.56 -3.96 -19.09
C ARG D 296 32.70 -3.03 -18.69
N ARG D 297 32.78 -1.86 -19.32
CA ARG D 297 33.83 -0.91 -18.93
C ARG D 297 33.72 -0.57 -17.44
N LEU D 298 32.50 -0.32 -16.95
CA LEU D 298 32.36 0.03 -15.54
C LEU D 298 32.81 -1.11 -14.64
N LEU D 299 32.47 -2.35 -15.00
CA LEU D 299 32.90 -3.50 -14.23
C LEU D 299 34.43 -3.58 -14.19
N VAL D 300 35.07 -3.42 -15.35
CA VAL D 300 36.52 -3.58 -15.41
C VAL D 300 37.22 -2.45 -14.68
N ARG D 301 36.73 -1.23 -14.83
CA ARG D 301 37.35 -0.11 -14.11
C ARG D 301 37.17 -0.26 -12.60
N THR D 302 36.02 -0.78 -12.16
CA THR D 302 35.84 -0.98 -10.73
C THR D 302 36.79 -2.04 -10.21
N VAL D 303 36.96 -3.13 -10.96
CA VAL D 303 37.91 -4.17 -10.55
C VAL D 303 39.33 -3.63 -10.55
N GLU D 304 39.68 -2.83 -11.57
CA GLU D 304 41.02 -2.26 -11.66
C GLU D 304 41.32 -1.37 -10.47
N PHE D 305 40.35 -0.55 -10.07
CA PHE D 305 40.55 0.27 -8.87
C PHE D 305 40.66 -0.60 -7.63
N ALA D 306 39.82 -1.63 -7.53
CA ALA D 306 39.85 -2.50 -6.36
C ALA D 306 41.21 -3.15 -6.18
N ALA D 307 41.82 -3.58 -7.28
CA ALA D 307 43.13 -4.23 -7.16
C ALA D 307 44.15 -3.29 -6.53
N GLU D 308 44.17 -2.02 -6.94
CA GLU D 308 45.14 -1.07 -6.41
C GLU D 308 44.99 -0.94 -4.90
N ARG D 309 43.76 -0.75 -4.44
CA ARG D 309 43.51 -0.65 -3.02
C ARG D 309 43.86 -1.95 -2.31
N LEU D 310 43.66 -3.09 -2.97
CA LEU D 310 43.96 -4.37 -2.35
C LEU D 310 45.46 -4.54 -2.12
N TRP D 311 46.27 -4.23 -3.13
CA TRP D 311 47.72 -4.34 -2.96
C TRP D 311 48.24 -3.31 -1.97
N LEU D 312 47.58 -2.14 -1.88
CA LEU D 312 47.94 -1.19 -0.83
C LEU D 312 47.65 -1.75 0.56
N ILE D 313 46.50 -2.43 0.72
CA ILE D 313 46.10 -2.99 2.02
C ILE D 313 47.01 -4.13 2.43
N HIS D 314 47.50 -4.91 1.47
CA HIS D 314 48.34 -6.05 1.82
C HIS D 314 49.71 -5.60 2.33
N GLY E 8 -36.84 -19.19 24.40
CA GLY E 8 -37.59 -18.96 25.62
C GLY E 8 -39.03 -18.62 25.33
N SER E 9 -39.95 -19.01 26.23
CA SER E 9 -41.37 -18.78 25.98
C SER E 9 -41.69 -17.29 25.99
N ASP E 10 -41.10 -16.56 26.93
CA ASP E 10 -41.31 -15.11 27.01
C ASP E 10 -40.70 -14.42 25.80
N ASP E 11 -39.55 -14.91 25.34
CA ASP E 11 -38.92 -14.37 24.14
C ASP E 11 -39.82 -14.60 22.93
N ILE E 12 -40.45 -15.78 22.86
CA ILE E 12 -41.36 -16.08 21.75
C ILE E 12 -42.55 -15.14 21.77
N SER E 13 -43.18 -14.94 22.94
CA SER E 13 -44.34 -14.04 23.00
C SER E 13 -43.95 -12.60 22.65
N LYS E 14 -42.80 -12.14 23.17
CA LYS E 14 -42.34 -10.79 22.90
C LYS E 14 -42.05 -10.60 21.42
N LEU E 15 -41.46 -11.62 20.77
CA LEU E 15 -41.25 -11.59 19.33
C LEU E 15 -42.57 -11.54 18.58
N ILE E 16 -43.57 -12.32 19.04
CA ILE E 16 -44.89 -12.34 18.42
C ILE E 16 -45.55 -10.97 18.51
N ALA E 17 -45.24 -10.21 19.56
CA ALA E 17 -45.80 -8.86 19.67
C ALA E 17 -45.41 -8.00 18.47
N ALA E 18 -44.13 -7.97 18.11
CA ALA E 18 -43.63 -7.08 17.06
C ALA E 18 -43.39 -7.79 15.74
N CYS E 19 -43.96 -8.99 15.55
CA CYS E 19 -43.73 -9.79 14.35
C CYS E 19 -44.38 -9.18 13.12
N ASP E 20 -45.55 -8.56 13.30
CA ASP E 20 -46.31 -8.04 12.17
C ASP E 20 -45.52 -6.99 11.37
N GLN E 21 -44.61 -6.28 12.03
CA GLN E 21 -43.76 -5.27 11.43
C GLN E 21 -42.31 -5.72 11.25
N GLU E 22 -42.00 -7.00 11.48
CA GLU E 22 -40.61 -7.44 11.41
C GLU E 22 -40.06 -7.32 9.99
N PRO E 23 -38.84 -6.76 9.82
CA PRO E 23 -38.27 -6.61 8.47
C PRO E 23 -37.56 -7.87 7.98
N ILE E 24 -38.33 -8.78 7.37
CA ILE E 24 -37.82 -10.10 6.99
C ILE E 24 -36.91 -10.07 5.78
N HIS E 25 -36.88 -8.97 5.04
CA HIS E 25 -36.05 -8.87 3.86
C HIS E 25 -34.61 -8.50 4.17
N ILE E 26 -34.32 -8.03 5.38
CA ILE E 26 -32.96 -7.62 5.73
C ILE E 26 -32.48 -8.30 7.00
N PRO E 27 -32.45 -9.63 7.06
CA PRO E 27 -32.00 -10.30 8.30
C PRO E 27 -30.51 -10.24 8.54
N ASN E 28 -29.71 -9.69 7.62
CA ASN E 28 -28.26 -9.71 7.74
C ASN E 28 -27.73 -11.10 8.05
N ALA E 29 -28.42 -12.12 7.55
CA ALA E 29 -27.95 -13.49 7.70
C ALA E 29 -28.55 -14.33 6.59
N ILE E 30 -27.97 -15.51 6.40
CA ILE E 30 -28.39 -16.45 5.37
C ILE E 30 -28.44 -17.83 5.99
N GLN E 31 -29.13 -18.72 5.32
CA GLN E 31 -29.11 -20.12 5.68
C GLN E 31 -27.80 -20.74 5.24
N PRO E 32 -27.30 -21.75 5.95
CA PRO E 32 -25.93 -22.21 5.73
C PRO E 32 -25.76 -23.18 4.57
N PHE E 33 -26.78 -23.40 3.74
CA PHE E 33 -26.61 -24.28 2.58
C PHE E 33 -26.01 -23.55 1.38
N GLY E 34 -25.48 -22.36 1.59
CA GLY E 34 -24.74 -21.64 0.59
C GLY E 34 -24.01 -20.50 1.27
N ALA E 35 -23.21 -19.77 0.48
CA ALA E 35 -22.52 -18.60 0.98
C ALA E 35 -22.96 -17.38 0.20
N MET E 36 -22.74 -16.19 0.78
CA MET E 36 -23.15 -14.97 0.13
C MET E 36 -22.05 -13.92 0.23
N LEU E 37 -21.78 -13.27 -0.91
CA LEU E 37 -20.96 -12.07 -0.99
C LEU E 37 -21.84 -10.89 -1.42
N ILE E 38 -21.54 -9.71 -0.89
CA ILE E 38 -22.13 -8.46 -1.35
C ILE E 38 -20.99 -7.52 -1.70
N VAL E 39 -20.98 -7.06 -2.95
CA VAL E 39 -19.90 -6.27 -3.54
C VAL E 39 -20.44 -4.90 -3.92
N GLU E 40 -19.66 -3.86 -3.65
CA GLU E 40 -20.05 -2.49 -4.04
C GLU E 40 -19.71 -2.23 -5.50
N LYS E 41 -20.70 -1.76 -6.26
CA LYS E 41 -20.57 -1.71 -7.71
C LYS E 41 -19.44 -0.79 -8.15
N ASP E 42 -19.39 0.43 -7.61
CA ASP E 42 -18.42 1.40 -8.12
C ASP E 42 -17.06 1.25 -7.45
N THR E 43 -17.03 0.98 -6.14
CA THR E 43 -15.75 0.85 -5.46
C THR E 43 -15.14 -0.53 -5.66
N GLN E 44 -15.85 -1.43 -6.32
CA GLN E 44 -15.32 -2.73 -6.72
C GLN E 44 -14.77 -3.51 -5.54
N GLN E 45 -15.38 -3.32 -4.38
CA GLN E 45 -14.94 -3.92 -3.12
C GLN E 45 -16.01 -4.85 -2.57
N ILE E 46 -15.57 -5.99 -2.03
CA ILE E 46 -16.47 -6.85 -1.27
C ILE E 46 -16.77 -6.13 0.04
N VAL E 47 -18.05 -5.85 0.27
CA VAL E 47 -18.39 -5.13 1.50
C VAL E 47 -19.04 -6.04 2.53
N TYR E 48 -19.68 -7.14 2.10
CA TYR E 48 -20.19 -8.12 3.04
C TYR E 48 -19.89 -9.53 2.58
N ALA E 49 -19.66 -10.41 3.55
CA ALA E 49 -19.52 -11.84 3.29
C ALA E 49 -20.18 -12.62 4.42
N SER E 50 -20.91 -13.68 4.07
CA SER E 50 -21.51 -14.54 5.08
C SER E 50 -20.42 -15.24 5.88
N ALA E 51 -20.76 -15.59 7.13
CA ALA E 51 -19.75 -16.14 8.04
C ALA E 51 -19.15 -17.44 7.52
N ASN E 52 -19.91 -18.22 6.75
CA ASN E 52 -19.41 -19.49 6.25
C ASN E 52 -18.79 -19.38 4.88
N SER E 53 -18.49 -18.15 4.44
CA SER E 53 -17.94 -17.93 3.10
C SER E 53 -16.67 -18.74 2.88
N ALA E 54 -15.89 -18.96 3.93
CA ALA E 54 -14.63 -19.68 3.80
C ALA E 54 -14.85 -21.08 3.26
N GLU E 55 -15.83 -21.81 3.82
CA GLU E 55 -15.97 -23.21 3.43
C GLU E 55 -16.46 -23.39 2.00
N TYR E 56 -16.95 -22.34 1.35
CA TYR E 56 -17.37 -22.45 -0.04
C TYR E 56 -16.33 -21.90 -1.02
N PHE E 57 -15.87 -20.68 -0.81
CA PHE E 57 -14.95 -20.08 -1.77
C PHE E 57 -13.55 -20.67 -1.70
N SER E 58 -13.23 -21.42 -0.65
CA SER E 58 -12.00 -22.19 -0.64
C SER E 58 -11.93 -23.16 -1.81
N VAL E 59 -13.08 -23.56 -2.37
CA VAL E 59 -13.07 -24.46 -3.51
C VAL E 59 -12.60 -23.72 -4.75
N ALA E 60 -12.87 -22.42 -4.84
CA ALA E 60 -12.48 -21.62 -6.00
C ALA E 60 -11.11 -20.98 -5.85
N ASP E 61 -10.73 -20.60 -4.63
CA ASP E 61 -9.43 -19.99 -4.35
C ASP E 61 -8.88 -20.61 -3.07
N ASN E 62 -7.92 -21.54 -3.22
CA ASN E 62 -7.41 -22.28 -2.07
C ASN E 62 -6.58 -21.42 -1.13
N THR E 63 -6.33 -20.15 -1.47
CA THR E 63 -5.63 -19.27 -0.57
C THR E 63 -6.55 -18.71 0.52
N ILE E 64 -7.84 -19.03 0.46
CA ILE E 64 -8.81 -18.63 1.48
C ILE E 64 -9.03 -19.79 2.43
N HIS E 65 -8.77 -19.55 3.72
CA HIS E 65 -8.90 -20.57 4.76
C HIS E 65 -9.82 -20.16 5.88
N GLU E 66 -9.82 -18.88 6.26
CA GLU E 66 -10.70 -18.35 7.28
C GLU E 66 -11.51 -17.19 6.72
N LEU E 67 -12.56 -16.81 7.44
CA LEU E 67 -13.39 -15.68 7.01
C LEU E 67 -12.56 -14.42 6.85
N SER E 68 -11.53 -14.23 7.69
CA SER E 68 -10.74 -13.01 7.65
C SER E 68 -9.96 -12.86 6.36
N ASP E 69 -9.69 -13.96 5.65
CA ASP E 69 -8.92 -13.91 4.41
C ASP E 69 -9.61 -13.15 3.29
N ILE E 70 -10.94 -13.04 3.35
CA ILE E 70 -11.70 -12.43 2.26
C ILE E 70 -11.32 -10.95 2.07
N LYS E 71 -11.07 -10.22 3.17
CA LYS E 71 -10.70 -8.81 3.03
C LYS E 71 -9.52 -8.62 2.07
N GLN E 72 -8.52 -9.50 2.15
CA GLN E 72 -7.36 -9.51 1.27
C GLN E 72 -7.58 -10.33 0.01
N ALA E 73 -8.80 -10.77 -0.25
CA ALA E 73 -9.06 -11.60 -1.41
C ALA E 73 -9.36 -10.72 -2.62
N ASN E 74 -9.17 -11.30 -3.79
CA ASN E 74 -9.43 -10.62 -5.05
C ASN E 74 -10.75 -11.15 -5.58
N ILE E 75 -11.68 -10.25 -5.87
CA ILE E 75 -13.00 -10.67 -6.32
C ILE E 75 -12.90 -11.45 -7.63
N ASN E 76 -11.93 -11.08 -8.48
CA ASN E 76 -11.72 -11.83 -9.72
C ASN E 76 -11.27 -13.27 -9.45
N SER E 77 -10.73 -13.56 -8.27
CA SER E 77 -10.34 -14.92 -7.88
C SER E 77 -11.51 -15.77 -7.37
N LEU E 78 -12.58 -15.14 -6.88
CA LEU E 78 -13.70 -15.86 -6.28
C LEU E 78 -14.80 -16.16 -7.27
N LEU E 79 -15.08 -15.25 -8.18
CA LEU E 79 -16.22 -15.41 -9.06
C LEU E 79 -15.79 -15.81 -10.47
N PRO E 80 -16.66 -16.48 -11.22
CA PRO E 80 -16.36 -16.77 -12.63
C PRO E 80 -16.39 -15.51 -13.48
N GLU E 81 -15.54 -15.48 -14.50
CA GLU E 81 -15.51 -14.30 -15.35
C GLU E 81 -16.87 -14.05 -15.99
N HIS E 82 -17.57 -15.12 -16.38
CA HIS E 82 -18.88 -14.95 -17.00
C HIS E 82 -19.85 -14.23 -16.07
N LEU E 83 -19.82 -14.54 -14.78
CA LEU E 83 -20.73 -13.88 -13.84
C LEU E 83 -20.38 -12.41 -13.70
N ILE E 84 -19.08 -12.08 -13.67
CA ILE E 84 -18.65 -10.69 -13.55
C ILE E 84 -19.06 -9.88 -14.78
N SER E 85 -18.80 -10.41 -15.97
CA SER E 85 -19.19 -9.68 -17.17
C SER E 85 -20.70 -9.59 -17.32
N GLY E 86 -21.45 -10.60 -16.84
CA GLY E 86 -22.90 -10.53 -16.89
C GLY E 86 -23.47 -9.50 -15.94
N LEU E 87 -22.89 -9.39 -14.74
CA LEU E 87 -23.33 -8.37 -13.80
C LEU E 87 -22.99 -6.97 -14.31
N ALA E 88 -21.82 -6.82 -14.95
CA ALA E 88 -21.42 -5.51 -15.45
C ALA E 88 -22.36 -5.03 -16.54
N SER E 89 -22.75 -5.92 -17.45
CA SER E 89 -23.61 -5.54 -18.57
C SER E 89 -25.09 -5.63 -18.25
N ALA E 90 -25.48 -6.23 -17.12
CA ALA E 90 -26.89 -6.31 -16.79
C ALA E 90 -27.44 -4.93 -16.48
N ILE E 91 -28.61 -4.63 -17.04
CA ILE E 91 -29.19 -3.31 -16.93
C ILE E 91 -30.42 -3.28 -16.02
N ARG E 92 -31.20 -4.34 -16.00
CA ARG E 92 -32.36 -4.41 -15.12
C ARG E 92 -31.95 -4.89 -13.74
N GLU E 93 -32.61 -4.37 -12.72
CA GLU E 93 -32.27 -4.75 -11.36
C GLU E 93 -32.95 -6.06 -10.99
N ASN E 94 -32.32 -6.80 -10.08
CA ASN E 94 -32.95 -7.94 -9.44
C ASN E 94 -33.39 -9.01 -10.44
N GLU E 95 -32.56 -9.24 -11.47
CA GLU E 95 -32.77 -10.35 -12.40
C GLU E 95 -31.60 -11.31 -12.25
N PRO E 96 -31.79 -12.42 -11.54
CA PRO E 96 -30.64 -13.25 -11.17
C PRO E 96 -30.02 -13.92 -12.37
N ILE E 97 -28.69 -13.89 -12.40
CA ILE E 97 -27.87 -14.57 -13.39
C ILE E 97 -27.34 -15.84 -12.73
N TRP E 98 -27.48 -16.97 -13.42
CA TRP E 98 -27.15 -18.29 -12.89
C TRP E 98 -25.98 -18.82 -13.69
N VAL E 99 -24.82 -18.93 -13.03
CA VAL E 99 -23.57 -19.31 -13.68
C VAL E 99 -22.98 -20.49 -12.93
N GLU E 100 -22.67 -21.56 -13.66
CA GLU E 100 -22.11 -22.75 -13.01
C GLU E 100 -20.68 -22.94 -13.46
N THR E 101 -19.87 -23.40 -12.54
CA THR E 101 -18.54 -23.89 -12.86
C THR E 101 -18.58 -25.39 -12.59
N ASP E 102 -17.45 -26.05 -12.77
CA ASP E 102 -17.41 -27.48 -12.49
C ASP E 102 -17.55 -27.75 -10.99
N ARG E 103 -17.22 -26.77 -10.15
CA ARG E 103 -17.12 -26.94 -8.71
C ARG E 103 -18.22 -26.25 -7.91
N LEU E 104 -18.77 -25.15 -8.39
CA LEU E 104 -19.72 -24.32 -7.66
C LEU E 104 -20.84 -23.86 -8.58
N SER E 105 -21.93 -23.38 -7.97
CA SER E 105 -23.09 -22.86 -8.70
C SER E 105 -23.43 -21.48 -8.13
N PHE E 106 -23.21 -20.43 -8.92
CA PHE E 106 -23.37 -19.05 -8.51
C PHE E 106 -24.69 -18.46 -9.02
N LEU E 107 -25.28 -17.60 -8.20
CA LEU E 107 -26.49 -16.86 -8.54
C LEU E 107 -26.28 -15.41 -8.11
N GLY E 108 -26.12 -14.50 -9.06
CA GLY E 108 -25.86 -13.12 -8.72
C GLY E 108 -26.83 -12.16 -9.36
N TRP E 109 -27.15 -11.10 -8.64
CA TRP E 109 -28.03 -10.06 -9.15
C TRP E 109 -27.56 -8.69 -8.68
N ARG E 110 -28.17 -7.66 -9.23
CA ARG E 110 -27.81 -6.27 -8.95
C ARG E 110 -28.95 -5.60 -8.21
N HIS E 111 -28.67 -5.06 -7.04
CA HIS E 111 -29.67 -4.38 -6.22
C HIS E 111 -29.06 -3.08 -5.74
N GLU E 112 -29.64 -1.96 -6.18
CA GLU E 112 -29.19 -0.61 -5.83
C GLU E 112 -27.71 -0.49 -6.22
N ASN E 113 -26.81 -0.13 -5.31
CA ASN E 113 -25.39 -0.02 -5.61
C ASN E 113 -24.62 -1.32 -5.44
N TYR E 114 -25.29 -2.45 -5.21
CA TYR E 114 -24.58 -3.66 -4.86
C TYR E 114 -24.82 -4.77 -5.86
N TYR E 115 -23.83 -5.66 -5.95
CA TYR E 115 -23.96 -6.98 -6.54
C TYR E 115 -24.07 -7.97 -5.40
N ILE E 116 -25.08 -8.82 -5.44
CA ILE E 116 -25.27 -9.85 -4.44
C ILE E 116 -25.05 -11.20 -5.12
N ILE E 117 -24.17 -12.03 -4.54
CA ILE E 117 -23.81 -13.31 -5.12
C ILE E 117 -24.02 -14.40 -4.08
N GLU E 118 -24.84 -15.38 -4.41
CA GLU E 118 -24.98 -16.60 -3.64
C GLU E 118 -24.22 -17.72 -4.34
N VAL E 119 -23.67 -18.63 -3.58
CA VAL E 119 -22.96 -19.76 -4.17
C VAL E 119 -23.35 -21.02 -3.42
N GLU E 120 -23.67 -22.07 -4.17
CA GLU E 120 -24.05 -23.37 -3.61
C GLU E 120 -23.20 -24.45 -4.26
N ARG E 121 -23.08 -25.58 -3.56
CA ARG E 121 -22.52 -26.76 -4.21
C ARG E 121 -23.61 -27.43 -5.03
N TYR E 122 -23.21 -28.19 -6.04
CA TYR E 122 -24.22 -28.77 -6.91
C TYR E 122 -23.68 -30.05 -7.52
N HIS E 123 -24.59 -30.90 -7.99
CA HIS E 123 -24.21 -32.14 -8.65
C HIS E 123 -24.82 -32.11 -10.04
N VAL E 124 -23.99 -32.36 -11.05
CA VAL E 124 -24.44 -32.27 -12.43
C VAL E 124 -25.43 -33.39 -12.73
N GLN E 125 -26.32 -33.16 -13.69
CA GLN E 125 -27.38 -34.10 -14.05
C GLN E 125 -27.20 -34.60 -15.49
N THR E 126 -26.94 -35.89 -15.64
CA THR E 126 -26.72 -36.55 -16.93
C THR E 126 -27.85 -37.53 -17.20
N SER E 127 -29.04 -37.02 -17.55
CA SER E 127 -30.15 -37.90 -17.88
C SER E 127 -31.30 -37.08 -18.46
N ASN E 128 -32.21 -37.78 -19.11
CA ASN E 128 -33.41 -37.17 -19.66
C ASN E 128 -34.54 -37.09 -18.65
N TRP E 129 -34.26 -37.31 -17.35
CA TRP E 129 -35.33 -37.41 -16.38
C TRP E 129 -36.14 -36.12 -16.29
N PHE E 130 -35.47 -34.96 -16.38
CA PHE E 130 -36.22 -33.72 -16.24
C PHE E 130 -37.09 -33.45 -17.47
N GLU E 131 -36.57 -33.72 -18.68
CA GLU E 131 -37.39 -33.50 -19.87
C GLU E 131 -38.59 -34.44 -19.89
N ILE E 132 -38.40 -35.68 -19.43
CA ILE E 132 -39.53 -36.62 -19.36
C ILE E 132 -40.57 -36.13 -18.36
N GLN E 133 -40.13 -35.72 -17.17
CA GLN E 133 -41.07 -35.22 -16.16
C GLN E 133 -41.80 -33.99 -16.68
N PHE E 134 -41.09 -33.13 -17.38
CA PHE E 134 -41.66 -31.91 -17.93
C PHE E 134 -42.77 -32.25 -18.91
N GLN E 135 -42.52 -33.20 -19.81
CA GLN E 135 -43.56 -33.60 -20.76
C GLN E 135 -44.75 -34.24 -20.04
N ARG E 136 -44.49 -35.12 -19.07
CA ARG E 136 -45.60 -35.76 -18.37
C ARG E 136 -46.44 -34.74 -17.61
N ALA E 137 -45.78 -33.81 -16.91
CA ALA E 137 -46.52 -32.83 -16.12
C ALA E 137 -47.43 -31.99 -17.00
N PHE E 138 -46.94 -31.54 -18.15
CA PHE E 138 -47.76 -30.72 -19.04
C PHE E 138 -48.91 -31.52 -19.62
N GLN E 139 -48.64 -32.74 -20.10
CA GLN E 139 -49.69 -33.55 -20.68
C GLN E 139 -50.77 -33.85 -19.66
N LYS E 140 -50.37 -34.12 -18.42
CA LYS E 140 -51.35 -34.40 -17.39
C LYS E 140 -52.14 -33.14 -17.04
N LEU E 141 -51.46 -31.99 -16.94
CA LEU E 141 -52.16 -30.76 -16.62
C LEU E 141 -53.08 -30.33 -17.76
N ARG E 142 -52.71 -30.66 -19.01
CA ARG E 142 -53.58 -30.30 -20.13
C ARG E 142 -54.83 -31.18 -20.18
N ASN E 143 -54.76 -32.42 -19.71
CA ASN E 143 -55.93 -33.29 -19.71
C ASN E 143 -56.97 -32.90 -18.66
N CYS E 144 -56.61 -32.06 -17.70
CA CYS E 144 -57.54 -31.70 -16.63
C CYS E 144 -58.62 -30.76 -17.16
N LYS E 145 -59.88 -31.13 -16.94
CA LYS E 145 -60.99 -30.35 -17.47
C LYS E 145 -61.80 -29.63 -16.41
N THR E 146 -61.57 -29.87 -15.13
CA THR E 146 -62.32 -29.21 -14.07
C THR E 146 -61.35 -28.57 -13.08
N HIS E 147 -61.81 -27.50 -12.44
CA HIS E 147 -61.01 -26.83 -11.43
C HIS E 147 -60.51 -27.82 -10.37
N ASN E 148 -61.39 -28.69 -9.89
CA ASN E 148 -61.00 -29.62 -8.84
C ASN E 148 -59.92 -30.57 -9.35
N ASP E 149 -60.10 -31.11 -10.56
CA ASP E 149 -59.10 -32.01 -11.14
C ASP E 149 -57.75 -31.33 -11.27
N LEU E 150 -57.73 -30.03 -11.58
CA LEU E 150 -56.46 -29.37 -11.83
C LEU E 150 -55.63 -29.25 -10.55
N ILE E 151 -56.23 -28.74 -9.46
CA ILE E 151 -55.46 -28.53 -8.24
C ILE E 151 -54.96 -29.87 -7.68
N ASN E 152 -55.79 -30.91 -7.73
CA ASN E 152 -55.35 -32.22 -7.24
C ASN E 152 -54.27 -32.83 -8.11
N THR E 153 -54.39 -32.71 -9.44
CA THR E 153 -53.32 -33.22 -10.29
C THR E 153 -52.03 -32.47 -10.03
N LEU E 154 -52.12 -31.15 -9.82
CA LEU E 154 -50.93 -30.36 -9.56
C LEU E 154 -50.27 -30.78 -8.25
N THR E 155 -51.08 -31.02 -7.22
CA THR E 155 -50.50 -31.40 -5.93
C THR E 155 -49.82 -32.77 -6.01
N ARG E 156 -50.44 -33.72 -6.71
CA ARG E 156 -49.81 -35.03 -6.92
C ARG E 156 -48.52 -34.89 -7.74
N LEU E 157 -48.51 -34.02 -8.76
CA LEU E 157 -47.32 -33.85 -9.57
C LEU E 157 -46.18 -33.22 -8.77
N ILE E 158 -46.47 -32.17 -8.01
CA ILE E 158 -45.45 -31.51 -7.20
C ILE E 158 -44.84 -32.50 -6.23
N GLN E 159 -45.67 -33.39 -5.64
CA GLN E 159 -45.12 -34.40 -4.75
C GLN E 159 -44.25 -35.41 -5.50
N GLU E 160 -44.72 -35.91 -6.65
CA GLU E 160 -43.92 -36.88 -7.39
C GLU E 160 -42.56 -36.32 -7.76
N ILE E 161 -42.53 -35.04 -8.13
CA ILE E 161 -41.28 -34.40 -8.57
C ILE E 161 -40.37 -34.11 -7.38
N SER E 162 -40.91 -33.51 -6.32
CA SER E 162 -40.10 -33.02 -5.21
C SER E 162 -39.82 -34.08 -4.14
N GLY E 163 -40.69 -35.07 -3.98
CA GLY E 163 -40.46 -36.10 -2.99
C GLY E 163 -40.74 -35.70 -1.57
N TYR E 164 -41.34 -34.54 -1.35
CA TYR E 164 -41.64 -34.08 0.00
C TYR E 164 -42.78 -34.91 0.63
N ASP E 165 -42.77 -34.97 1.96
CA ASP E 165 -43.73 -35.82 2.67
C ASP E 165 -45.15 -35.33 2.46
N ARG E 166 -45.37 -34.02 2.60
CA ARG E 166 -46.70 -33.46 2.41
C ARG E 166 -46.65 -32.27 1.47
N VAL E 167 -47.63 -32.17 0.57
CA VAL E 167 -47.76 -31.05 -0.36
C VAL E 167 -49.20 -30.56 -0.30
N MET E 168 -49.38 -29.26 -0.03
CA MET E 168 -50.69 -28.64 0.10
C MET E 168 -50.79 -27.42 -0.80
N ILE E 169 -52.03 -27.00 -1.06
CA ILE E 169 -52.31 -25.75 -1.76
C ILE E 169 -53.20 -24.89 -0.88
N TYR E 170 -52.67 -23.74 -0.47
CA TYR E 170 -53.47 -22.70 0.19
C TYR E 170 -54.08 -21.79 -0.86
N GLN E 171 -55.36 -21.48 -0.71
CA GLN E 171 -56.01 -20.43 -1.48
C GLN E 171 -56.39 -19.29 -0.54
N PHE E 172 -56.09 -18.06 -0.95
CA PHE E 172 -56.42 -16.86 -0.19
C PHE E 172 -57.79 -16.35 -0.57
N ASP E 173 -58.49 -15.79 0.41
CA ASP E 173 -59.75 -15.08 0.21
C ASP E 173 -59.49 -13.57 0.14
N PRO E 174 -60.51 -12.76 -0.17
CA PRO E 174 -60.27 -11.30 -0.28
C PRO E 174 -59.50 -10.69 0.88
N GLU E 175 -59.70 -11.19 2.09
CA GLU E 175 -59.07 -10.62 3.27
C GLU E 175 -57.76 -11.32 3.63
N TRP E 176 -57.23 -12.14 2.72
CA TRP E 176 -55.92 -12.80 2.81
C TRP E 176 -55.88 -13.92 3.85
N ASN E 177 -57.02 -14.43 4.29
CA ASN E 177 -57.04 -15.66 5.06
C ASN E 177 -56.84 -16.85 4.12
N GLY E 178 -56.27 -17.93 4.66
CA GLY E 178 -55.91 -19.08 3.86
C GLY E 178 -56.84 -20.28 4.17
N ARG E 179 -57.15 -21.02 3.11
CA ARG E 179 -57.82 -22.32 3.26
C ARG E 179 -57.03 -23.34 2.46
N VAL E 180 -56.89 -24.54 3.02
CA VAL E 180 -56.19 -25.62 2.35
C VAL E 180 -57.19 -26.33 1.44
N ILE E 181 -57.10 -26.09 0.13
CA ILE E 181 -58.11 -26.58 -0.80
C ILE E 181 -57.77 -27.93 -1.40
N ALA E 182 -56.51 -28.37 -1.33
CA ALA E 182 -56.13 -29.68 -1.85
C ALA E 182 -54.81 -30.11 -1.24
N GLU E 183 -54.64 -31.42 -1.14
CA GLU E 183 -53.50 -31.97 -0.44
C GLU E 183 -53.12 -33.30 -1.08
N SER E 184 -51.84 -33.64 -0.95
CA SER E 184 -51.32 -34.92 -1.39
C SER E 184 -50.21 -35.27 -0.40
N VAL E 185 -50.46 -36.26 0.47
CA VAL E 185 -49.58 -36.52 1.61
C VAL E 185 -49.39 -38.02 1.80
N ARG E 186 -48.25 -38.39 2.38
CA ARG E 186 -47.91 -39.78 2.64
C ARG E 186 -48.82 -40.35 3.73
N GLN E 187 -48.82 -41.68 3.85
CA GLN E 187 -49.62 -42.33 4.88
C GLN E 187 -49.06 -42.02 6.27
N LEU E 188 -49.95 -42.06 7.28
CA LEU E 188 -49.63 -41.79 8.69
C LEU E 188 -49.35 -40.30 8.93
N PHE E 189 -50.08 -39.45 8.25
CA PHE E 189 -50.00 -38.02 8.44
C PHE E 189 -51.38 -37.46 8.68
N THR E 190 -51.47 -36.51 9.58
CA THR E 190 -52.73 -35.83 9.84
C THR E 190 -53.17 -35.09 8.58
N SER E 191 -54.40 -35.33 8.15
CA SER E 191 -54.92 -34.64 6.99
C SER E 191 -55.15 -33.17 7.32
N MET E 192 -54.53 -32.29 6.54
CA MET E 192 -54.69 -30.86 6.68
C MET E 192 -55.73 -30.30 5.74
N LEU E 193 -56.45 -31.17 5.05
CA LEU E 193 -57.45 -30.74 4.09
C LEU E 193 -58.50 -29.88 4.79
N ASN E 194 -58.85 -28.77 4.15
CA ASN E 194 -59.89 -27.83 4.57
C ASN E 194 -59.53 -26.99 5.78
N HIS E 195 -58.30 -27.05 6.27
CA HIS E 195 -57.88 -26.21 7.39
CA HIS E 195 -57.92 -26.22 7.39
C HIS E 195 -57.92 -24.74 7.00
N HIS E 196 -58.42 -23.90 7.91
CA HIS E 196 -58.39 -22.47 7.75
C HIS E 196 -57.27 -21.90 8.59
N PHE E 197 -56.61 -20.87 8.07
CA PHE E 197 -55.68 -20.10 8.88
C PHE E 197 -55.92 -18.62 8.64
N PRO E 198 -55.69 -17.79 9.65
CA PRO E 198 -55.99 -16.36 9.52
C PRO E 198 -54.92 -15.64 8.71
N ALA E 199 -55.33 -14.49 8.17
CA ALA E 199 -54.41 -13.69 7.36
C ALA E 199 -53.16 -13.34 8.15
N SER E 200 -53.29 -13.15 9.47
CA SER E 200 -52.16 -12.75 10.30
C SER E 200 -51.04 -13.79 10.33
N ASP E 201 -51.31 -15.04 9.92
CA ASP E 201 -50.29 -16.08 9.99
C ASP E 201 -49.22 -15.91 8.94
N ILE E 202 -49.53 -15.25 7.83
CA ILE E 202 -48.55 -14.86 6.82
C ILE E 202 -48.56 -13.33 6.73
N PRO E 203 -47.56 -12.67 7.30
CA PRO E 203 -47.52 -11.20 7.23
C PRO E 203 -47.52 -10.72 5.78
N ALA E 204 -47.97 -9.48 5.58
CA ALA E 204 -48.06 -8.93 4.24
C ALA E 204 -46.71 -8.93 3.53
N GLN E 205 -45.66 -8.49 4.23
CA GLN E 205 -44.33 -8.46 3.68
C GLN E 205 -43.79 -9.86 3.38
N ALA E 206 -44.36 -10.90 3.99
CA ALA E 206 -43.98 -12.27 3.66
C ALA E 206 -44.64 -12.72 2.37
N ARG E 207 -45.91 -12.35 2.16
CA ARG E 207 -46.58 -12.56 0.88
C ARG E 207 -45.87 -11.78 -0.22
N ALA E 208 -45.37 -10.59 0.11
CA ALA E 208 -44.69 -9.76 -0.87
C ALA E 208 -43.50 -10.50 -1.49
N MET E 209 -42.80 -11.30 -0.68
CA MET E 209 -41.58 -11.94 -1.14
C MET E 209 -41.82 -12.82 -2.35
N TYR E 210 -43.00 -13.42 -2.46
CA TYR E 210 -43.27 -14.29 -3.60
C TYR E 210 -43.29 -13.54 -4.92
N SER E 211 -43.56 -12.23 -4.91
CA SER E 211 -43.50 -11.45 -6.14
C SER E 211 -42.07 -11.08 -6.52
N ILE E 212 -41.15 -11.14 -5.57
CA ILE E 212 -39.74 -10.90 -5.85
C ILE E 212 -39.04 -12.20 -6.21
N ASN E 213 -39.36 -13.30 -5.51
CA ASN E 213 -38.84 -14.62 -5.86
C ASN E 213 -39.95 -15.64 -5.67
N PRO E 214 -40.36 -16.36 -6.72
CA PRO E 214 -41.58 -17.18 -6.62
C PRO E 214 -41.39 -18.45 -5.82
N ILE E 215 -40.15 -18.80 -5.47
CA ILE E 215 -39.89 -19.98 -4.65
C ILE E 215 -39.22 -19.52 -3.35
N ARG E 216 -39.57 -20.20 -2.27
CA ARG E 216 -39.00 -19.96 -0.96
C ARG E 216 -38.58 -21.31 -0.43
N ILE E 217 -37.35 -21.40 0.08
CA ILE E 217 -36.69 -22.69 0.29
C ILE E 217 -36.10 -22.73 1.69
N ILE E 218 -36.46 -23.75 2.47
CA ILE E 218 -35.93 -23.94 3.81
C ILE E 218 -35.48 -25.39 3.90
N PRO E 219 -34.21 -25.69 3.61
CA PRO E 219 -33.77 -27.08 3.52
C PRO E 219 -33.53 -27.73 4.86
N ASP E 220 -33.56 -26.97 5.95
CA ASP E 220 -33.22 -27.46 7.28
C ASP E 220 -33.59 -26.41 8.32
N VAL E 221 -34.65 -26.66 9.10
CA VAL E 221 -35.12 -25.65 10.04
C VAL E 221 -34.21 -25.49 11.25
N ASN E 222 -33.29 -26.42 11.50
CA ASN E 222 -32.45 -26.35 12.68
C ASN E 222 -31.01 -25.95 12.38
N ALA E 223 -30.69 -25.58 11.15
CA ALA E 223 -29.33 -25.17 10.86
C ALA E 223 -29.12 -23.73 11.30
N GLU E 224 -27.92 -23.45 11.80
CA GLU E 224 -27.66 -22.16 12.42
C GLU E 224 -27.54 -21.08 11.36
N PRO E 225 -28.38 -20.04 11.40
CA PRO E 225 -28.21 -18.94 10.44
C PRO E 225 -26.83 -18.33 10.56
N GLN E 226 -26.23 -18.05 9.41
CA GLN E 226 -24.91 -17.48 9.36
C GLN E 226 -25.03 -16.00 9.10
N PRO E 227 -24.50 -15.14 9.96
CA PRO E 227 -24.67 -13.70 9.79
C PRO E 227 -23.67 -13.13 8.79
N LEU E 228 -23.99 -11.94 8.30
CA LEU E 228 -23.15 -11.22 7.33
C LEU E 228 -22.10 -10.39 8.05
N HIS E 229 -20.83 -10.67 7.77
CA HIS E 229 -19.74 -9.89 8.33
C HIS E 229 -19.30 -8.81 7.34
N MET E 230 -19.01 -7.62 7.86
CA MET E 230 -18.52 -6.53 7.03
C MET E 230 -17.08 -6.78 6.63
N ILE E 231 -16.76 -6.48 5.37
CA ILE E 231 -15.41 -6.71 4.87
C ILE E 231 -14.68 -5.38 4.71
N HIS E 232 -14.95 -4.66 3.64
CA HIS E 232 -14.54 -3.26 3.54
C HIS E 232 -15.75 -2.39 3.84
N LYS E 233 -15.53 -1.30 4.55
CA LYS E 233 -16.66 -0.52 5.06
C LYS E 233 -17.44 0.05 3.87
N PRO E 234 -18.74 -0.14 3.81
CA PRO E 234 -19.51 0.40 2.70
C PRO E 234 -19.84 1.87 2.88
N GLN E 235 -20.15 2.52 1.76
CA GLN E 235 -20.52 3.92 1.75
C GLN E 235 -21.89 4.13 2.37
N ASN E 236 -22.77 3.15 2.27
CA ASN E 236 -24.07 3.17 2.91
C ASN E 236 -24.09 2.07 3.97
N THR E 237 -24.31 2.46 5.23
CA THR E 237 -24.27 1.49 6.32
C THR E 237 -25.59 0.78 6.53
N GLU E 238 -26.63 1.17 5.81
CA GLU E 238 -27.93 0.51 5.88
C GLU E 238 -27.84 -0.94 5.40
N ALA E 239 -28.69 -1.78 5.96
CA ALA E 239 -28.73 -3.20 5.61
C ALA E 239 -29.19 -3.40 4.16
N VAL E 240 -28.72 -4.48 3.54
CA VAL E 240 -28.94 -4.78 2.13
C VAL E 240 -30.13 -5.71 1.97
N ASN E 241 -31.04 -5.36 1.05
CA ASN E 241 -32.20 -6.20 0.77
C ASN E 241 -31.75 -7.48 0.09
N LEU E 242 -32.07 -8.63 0.71
CA LEU E 242 -31.63 -9.94 0.24
C LEU E 242 -32.72 -10.73 -0.47
N SER E 243 -33.85 -10.09 -0.79
CA SER E 243 -35.05 -10.85 -1.15
C SER E 243 -34.99 -11.45 -2.55
N SER E 244 -34.05 -11.02 -3.40
CA SER E 244 -34.06 -11.51 -4.78
C SER E 244 -33.46 -12.90 -4.91
N GLY E 245 -32.70 -13.35 -3.92
CA GLY E 245 -32.13 -14.68 -3.93
C GLY E 245 -32.91 -15.66 -3.06
N VAL E 246 -32.28 -16.81 -2.82
CA VAL E 246 -32.90 -17.89 -2.08
C VAL E 246 -32.22 -18.19 -0.75
N LEU E 247 -31.04 -17.64 -0.49
CA LEU E 247 -30.36 -17.92 0.77
C LEU E 247 -30.84 -17.08 1.94
N ARG E 248 -31.70 -16.08 1.69
CA ARG E 248 -32.17 -15.18 2.73
C ARG E 248 -32.61 -15.95 3.98
N ALA E 249 -32.09 -15.54 5.13
CA ALA E 249 -32.36 -16.28 6.37
C ALA E 249 -33.84 -16.18 6.75
N VAL E 250 -34.29 -17.18 7.51
CA VAL E 250 -35.71 -17.35 7.85
C VAL E 250 -35.94 -16.81 9.26
N SER E 251 -37.10 -16.20 9.46
CA SER E 251 -37.44 -15.64 10.78
C SER E 251 -37.49 -16.74 11.84
N PRO E 252 -36.78 -16.58 12.97
CA PRO E 252 -36.80 -17.61 14.02
C PRO E 252 -38.20 -17.97 14.48
N LEU E 253 -39.12 -17.01 14.42
CA LEU E 253 -40.53 -17.31 14.67
C LEU E 253 -41.04 -18.42 13.75
N HIS E 254 -40.88 -18.25 12.42
CA HIS E 254 -41.42 -19.26 11.53
C HIS E 254 -40.68 -20.58 11.63
N MET E 255 -39.38 -20.54 11.88
CA MET E 255 -38.67 -21.79 12.13
C MET E 255 -39.26 -22.53 13.32
N GLN E 256 -39.57 -21.80 14.40
CA GLN E 256 -40.21 -22.45 15.55
C GLN E 256 -41.60 -22.99 15.18
N TYR E 257 -42.37 -22.19 14.43
CA TYR E 257 -43.69 -22.65 13.98
C TYR E 257 -43.58 -23.96 13.21
N LEU E 258 -42.57 -24.09 12.34
CA LEU E 258 -42.40 -25.33 11.60
C LEU E 258 -41.99 -26.47 12.53
N ARG E 259 -41.09 -26.20 13.48
CA ARG E 259 -40.68 -27.24 14.41
C ARG E 259 -41.89 -27.79 15.15
N ASN E 260 -42.74 -26.91 15.65
CA ASN E 260 -43.92 -27.32 16.40
C ASN E 260 -44.87 -28.15 15.55
N PHE E 261 -44.79 -28.05 14.23
CA PHE E 261 -45.64 -28.81 13.32
C PHE E 261 -44.98 -30.10 12.82
N GLY E 262 -43.76 -30.40 13.25
CA GLY E 262 -43.10 -31.60 12.80
C GLY E 262 -42.41 -31.49 11.47
N VAL E 263 -42.05 -30.28 11.05
CA VAL E 263 -41.46 -30.01 9.76
C VAL E 263 -39.98 -29.70 9.97
N SER E 264 -39.12 -30.39 9.22
CA SER E 264 -37.70 -30.06 9.22
C SER E 264 -37.27 -29.32 7.95
N ALA E 265 -38.10 -29.33 6.91
CA ALA E 265 -37.78 -28.66 5.66
C ALA E 265 -39.07 -28.29 4.94
N SER E 266 -39.07 -27.11 4.32
CA SER E 266 -40.24 -26.64 3.57
C SER E 266 -39.79 -25.98 2.27
N THR E 267 -40.69 -26.00 1.29
CA THR E 267 -40.50 -25.31 0.03
C THR E 267 -41.86 -24.77 -0.42
N SER E 268 -41.97 -23.47 -0.61
CA SER E 268 -43.23 -22.87 -1.00
C SER E 268 -43.08 -22.13 -2.32
N ILE E 269 -44.15 -22.15 -3.10
CA ILE E 269 -44.17 -21.59 -4.44
C ILE E 269 -45.44 -20.77 -4.59
N GLY E 270 -45.31 -19.54 -5.04
CA GLY E 270 -46.47 -18.69 -5.24
C GLY E 270 -47.23 -19.07 -6.49
N ILE E 271 -48.55 -19.05 -6.38
CA ILE E 271 -49.46 -19.25 -7.50
C ILE E 271 -50.00 -17.90 -7.90
N PHE E 272 -49.71 -17.47 -9.12
CA PHE E 272 -50.03 -16.11 -9.54
C PHE E 272 -51.05 -16.10 -10.67
N ASN E 273 -52.07 -15.25 -10.51
CA ASN E 273 -53.01 -14.91 -11.57
C ASN E 273 -52.65 -13.47 -11.94
N GLU E 274 -51.96 -13.32 -13.07
CA GLU E 274 -51.36 -12.06 -13.50
C GLU E 274 -50.32 -11.65 -12.45
N ASP E 275 -50.51 -10.54 -11.73
CA ASP E 275 -49.58 -10.15 -10.69
C ASP E 275 -50.14 -10.34 -9.28
N GLU E 276 -51.38 -10.79 -9.15
CA GLU E 276 -51.95 -11.08 -7.84
C GLU E 276 -51.48 -12.44 -7.32
N LEU E 277 -51.26 -12.51 -6.01
CA LEU E 277 -50.96 -13.78 -5.35
C LEU E 277 -52.27 -14.47 -5.00
N TRP E 278 -52.55 -15.59 -5.67
CA TRP E 278 -53.83 -16.28 -5.55
C TRP E 278 -53.79 -17.40 -4.53
N GLY E 279 -52.61 -17.94 -4.24
CA GLY E 279 -52.46 -19.05 -3.31
C GLY E 279 -51.00 -19.43 -3.25
N ILE E 280 -50.71 -20.46 -2.45
CA ILE E 280 -49.35 -20.94 -2.27
C ILE E 280 -49.34 -22.45 -2.38
N VAL E 281 -48.31 -23.00 -3.03
CA VAL E 281 -48.02 -24.44 -2.97
C VAL E 281 -46.97 -24.64 -1.90
N ALA E 282 -47.28 -25.44 -0.89
CA ALA E 282 -46.40 -25.65 0.25
C ALA E 282 -45.99 -27.10 0.34
N CYS E 283 -44.70 -27.35 0.54
CA CYS E 283 -44.16 -28.70 0.66
C CYS E 283 -43.44 -28.79 1.99
N HIS E 284 -43.88 -29.70 2.85
CA HIS E 284 -43.29 -29.92 4.16
C HIS E 284 -42.69 -31.31 4.21
N HIS E 285 -41.54 -31.44 4.87
CA HIS E 285 -40.84 -32.71 5.02
C HIS E 285 -40.39 -32.90 6.47
N THR E 286 -40.61 -34.12 7.00
CA THR E 286 -40.31 -34.39 8.40
C THR E 286 -38.80 -34.40 8.68
N LYS E 287 -38.00 -34.82 7.72
CA LYS E 287 -36.55 -34.78 7.87
C LYS E 287 -36.00 -33.68 6.96
N PRO E 288 -34.78 -33.20 7.21
CA PRO E 288 -34.23 -32.16 6.33
C PRO E 288 -34.11 -32.69 4.90
N ARG E 289 -34.20 -31.76 3.95
CA ARG E 289 -34.26 -32.11 2.53
C ARG E 289 -33.75 -30.95 1.68
N ALA E 290 -32.82 -31.23 0.77
CA ALA E 290 -32.28 -30.22 -0.12
C ALA E 290 -32.70 -30.53 -1.56
N ILE E 291 -33.07 -29.48 -2.30
CA ILE E 291 -33.48 -29.61 -3.70
C ILE E 291 -32.59 -28.72 -4.57
N GLY E 292 -32.04 -29.31 -5.63
CA GLY E 292 -31.14 -28.59 -6.53
C GLY E 292 -31.86 -27.51 -7.34
N ARG E 293 -31.04 -26.64 -7.95
CA ARG E 293 -31.60 -25.52 -8.70
C ARG E 293 -32.48 -26.02 -9.84
N ARG E 294 -32.08 -27.12 -10.49
CA ARG E 294 -32.90 -27.65 -11.57
C ARG E 294 -34.25 -28.13 -11.07
N ILE E 295 -34.30 -28.76 -9.89
CA ILE E 295 -35.57 -29.19 -9.32
C ILE E 295 -36.45 -27.98 -8.99
N ARG E 296 -35.83 -26.92 -8.47
CA ARG E 296 -36.60 -25.70 -8.19
C ARG E 296 -37.19 -25.13 -9.46
N ARG E 297 -36.38 -25.05 -10.52
CA ARG E 297 -36.89 -24.59 -11.80
C ARG E 297 -38.04 -25.45 -12.28
N LEU E 298 -37.92 -26.79 -12.18
CA LEU E 298 -38.98 -27.67 -12.65
C LEU E 298 -40.26 -27.46 -11.84
N LEU E 299 -40.13 -27.30 -10.52
CA LEU E 299 -41.31 -27.04 -9.69
C LEU E 299 -41.98 -25.74 -10.10
N VAL E 300 -41.19 -24.67 -10.27
CA VAL E 300 -41.78 -23.36 -10.56
C VAL E 300 -42.39 -23.33 -11.95
N ARG E 301 -41.74 -23.97 -12.93
CA ARG E 301 -42.31 -24.03 -14.27
C ARG E 301 -43.62 -24.82 -14.26
N THR E 302 -43.67 -25.90 -13.47
CA THR E 302 -44.89 -26.69 -13.41
C THR E 302 -46.02 -25.89 -12.77
N VAL E 303 -45.72 -25.13 -11.72
CA VAL E 303 -46.74 -24.29 -11.09
C VAL E 303 -47.19 -23.18 -12.03
N GLU E 304 -46.24 -22.56 -12.75
CA GLU E 304 -46.58 -21.50 -13.70
C GLU E 304 -47.49 -22.02 -14.81
N PHE E 305 -47.18 -23.20 -15.36
CA PHE E 305 -48.07 -23.77 -16.37
C PHE E 305 -49.42 -24.11 -15.78
N ALA E 306 -49.43 -24.74 -14.59
CA ALA E 306 -50.68 -25.14 -13.96
C ALA E 306 -51.59 -23.95 -13.70
N ALA E 307 -51.00 -22.81 -13.30
CA ALA E 307 -51.79 -21.61 -13.07
C ALA E 307 -52.50 -21.14 -14.34
N GLU E 308 -51.80 -21.18 -15.48
CA GLU E 308 -52.37 -20.75 -16.74
C GLU E 308 -53.60 -21.56 -17.09
N ARG E 309 -53.48 -22.88 -16.96
CA ARG E 309 -54.61 -23.75 -17.22
C ARG E 309 -55.76 -23.48 -16.25
N LEU E 310 -55.45 -23.09 -15.01
CA LEU E 310 -56.46 -22.84 -14.00
C LEU E 310 -57.34 -21.66 -14.38
N TRP E 311 -56.72 -20.56 -14.82
CA TRP E 311 -57.53 -19.40 -15.17
C TRP E 311 -58.40 -19.66 -16.38
N LEU E 312 -57.92 -20.49 -17.31
CA LEU E 312 -58.76 -20.90 -18.44
C LEU E 312 -59.94 -21.74 -17.97
N ILE E 313 -59.70 -22.67 -17.02
CA ILE E 313 -60.76 -23.58 -16.55
C ILE E 313 -61.87 -22.84 -15.83
N HIS E 314 -61.55 -21.75 -15.12
CA HIS E 314 -62.62 -21.05 -14.40
C HIS E 314 -63.59 -20.34 -15.33
N GLY F 8 -27.58 37.24 23.63
CA GLY F 8 -28.46 37.68 24.69
C GLY F 8 -29.91 37.72 24.24
N SER F 9 -30.85 37.51 25.17
CA SER F 9 -32.26 37.38 24.79
C SER F 9 -32.81 38.67 24.21
N ASP F 10 -32.55 39.79 24.88
CA ASP F 10 -33.06 41.08 24.43
C ASP F 10 -32.42 41.51 23.13
N ASP F 11 -31.10 41.31 23.01
CA ASP F 11 -30.41 41.67 21.77
C ASP F 11 -30.88 40.81 20.62
N ILE F 12 -31.12 39.52 20.86
CA ILE F 12 -31.66 38.67 19.80
C ILE F 12 -33.03 39.16 19.35
N SER F 13 -33.91 39.49 20.30
CA SER F 13 -35.25 39.96 19.89
C SER F 13 -35.18 41.26 19.11
N LYS F 14 -34.36 42.21 19.57
CA LYS F 14 -34.21 43.49 18.87
C LYS F 14 -33.61 43.29 17.49
N LEU F 15 -32.62 42.39 17.39
CA LEU F 15 -32.01 42.07 16.10
C LEU F 15 -33.01 41.44 15.14
N ILE F 16 -33.86 40.54 15.63
CA ILE F 16 -34.89 39.93 14.79
C ILE F 16 -35.88 40.97 14.29
N ALA F 17 -36.12 42.01 15.09
CA ALA F 17 -37.03 43.07 14.64
C ALA F 17 -36.54 43.72 13.35
N ALA F 18 -35.25 44.08 13.30
CA ALA F 18 -34.68 44.88 12.21
C ALA F 18 -33.86 44.07 11.20
N CYS F 19 -34.00 42.75 11.17
CA CYS F 19 -33.09 41.95 10.34
C CYS F 19 -33.38 42.11 8.85
N ASP F 20 -34.65 42.19 8.46
CA ASP F 20 -35.00 42.16 7.03
C ASP F 20 -34.34 43.28 6.25
N GLN F 21 -34.06 44.41 6.90
CA GLN F 21 -33.45 45.55 6.24
C GLN F 21 -31.96 45.68 6.57
N GLU F 22 -31.39 44.70 7.26
CA GLU F 22 -29.99 44.79 7.68
C GLU F 22 -29.08 44.78 6.47
N PRO F 23 -28.09 45.67 6.40
CA PRO F 23 -27.19 45.70 5.23
C PRO F 23 -26.04 44.71 5.37
N ILE F 24 -26.27 43.46 4.95
CA ILE F 24 -25.30 42.39 5.18
C ILE F 24 -24.11 42.49 4.25
N HIS F 25 -24.16 43.35 3.24
CA HIS F 25 -23.04 43.52 2.31
C HIS F 25 -21.96 44.45 2.84
N ILE F 26 -22.23 45.24 3.87
CA ILE F 26 -21.24 46.18 4.38
C ILE F 26 -21.04 46.02 5.89
N PRO F 27 -20.68 44.83 6.38
CA PRO F 27 -20.49 44.69 7.84
C PRO F 27 -19.23 45.33 8.37
N ASN F 28 -18.35 45.88 7.53
CA ASN F 28 -17.08 46.43 8.02
C ASN F 28 -16.39 45.49 9.01
N ALA F 29 -16.60 44.19 8.82
CA ALA F 29 -15.92 43.18 9.62
C ALA F 29 -15.83 41.93 8.75
N ILE F 30 -14.93 41.02 9.14
CA ILE F 30 -14.69 39.81 8.37
C ILE F 30 -14.53 38.63 9.32
N GLN F 31 -14.66 37.40 8.74
CA GLN F 31 -14.37 36.17 9.46
C GLN F 31 -12.87 36.01 9.58
N PRO F 32 -12.39 35.37 10.64
CA PRO F 32 -10.95 35.40 10.95
C PRO F 32 -10.12 34.35 10.23
N PHE F 33 -10.65 33.62 9.25
CA PHE F 33 -9.81 32.66 8.54
C PHE F 33 -9.00 33.29 7.41
N GLY F 34 -8.96 34.60 7.36
CA GLY F 34 -8.11 35.34 6.44
C GLY F 34 -8.05 36.79 6.89
N ALA F 35 -7.23 37.56 6.18
CA ALA F 35 -7.11 38.98 6.46
C ALA F 35 -7.53 39.77 5.24
N MET F 36 -7.83 41.05 5.45
CA MET F 36 -8.30 41.89 4.36
C MET F 36 -7.60 43.25 4.41
N LEU F 37 -7.15 43.70 3.23
CA LEU F 37 -6.74 45.08 2.99
C LEU F 37 -7.67 45.74 1.99
N ILE F 38 -7.94 47.02 2.20
CA ILE F 38 -8.63 47.85 1.23
C ILE F 38 -7.73 49.03 0.92
N VAL F 39 -7.36 49.17 -0.36
CA VAL F 39 -6.41 50.16 -0.86
C VAL F 39 -7.14 51.09 -1.83
N GLU F 40 -6.84 52.38 -1.77
CA GLU F 40 -7.42 53.34 -2.70
C GLU F 40 -6.68 53.35 -4.02
N LYS F 41 -7.43 53.26 -5.13
CA LYS F 41 -6.83 53.09 -6.45
C LYS F 41 -5.96 54.30 -6.84
N ASP F 42 -6.50 55.50 -6.65
CA ASP F 42 -5.81 56.71 -7.12
C ASP F 42 -4.76 57.22 -6.14
N THR F 43 -5.04 57.19 -4.84
CA THR F 43 -4.07 57.67 -3.86
C THR F 43 -3.08 56.61 -3.44
N GLN F 44 -3.26 55.37 -3.91
CA GLN F 44 -2.29 54.30 -3.68
C GLN F 44 -2.01 54.03 -2.21
N GLN F 45 -2.99 54.22 -1.34
CA GLN F 45 -2.79 54.05 0.09
C GLN F 45 -3.70 52.99 0.70
N ILE F 46 -3.15 52.25 1.66
CA ILE F 46 -3.96 51.35 2.47
C ILE F 46 -4.88 52.20 3.33
N VAL F 47 -6.18 52.09 3.11
CA VAL F 47 -7.15 52.84 3.88
C VAL F 47 -7.90 51.98 4.90
N TYR F 48 -8.04 50.69 4.67
CA TYR F 48 -8.60 49.83 5.71
C TYR F 48 -7.79 48.54 5.82
N ALA F 49 -7.71 48.02 7.04
CA ALA F 49 -7.09 46.73 7.28
C ALA F 49 -7.91 45.98 8.31
N SER F 50 -8.10 44.68 8.09
CA SER F 50 -8.82 43.88 9.07
C SER F 50 -8.05 43.86 10.39
N ALA F 51 -8.79 43.64 11.48
CA ALA F 51 -8.19 43.75 12.80
C ALA F 51 -7.02 42.79 12.98
N ASN F 52 -7.10 41.62 12.36
CA ASN F 52 -6.08 40.58 12.48
C ASN F 52 -5.04 40.64 11.37
N SER F 53 -4.95 41.77 10.65
CA SER F 53 -4.05 41.85 9.51
C SER F 53 -2.63 41.48 9.89
N ALA F 54 -2.21 41.77 11.12
CA ALA F 54 -0.84 41.50 11.52
C ALA F 54 -0.52 40.02 11.40
N GLU F 55 -1.38 39.16 11.93
CA GLU F 55 -1.02 37.74 11.98
C GLU F 55 -0.97 37.07 10.61
N TYR F 56 -1.47 37.72 9.54
CA TYR F 56 -1.35 37.16 8.19
C TYR F 56 -0.25 37.79 7.36
N PHE F 57 -0.22 39.12 7.26
CA PHE F 57 0.77 39.75 6.39
C PHE F 57 2.17 39.71 6.97
N SER F 58 2.34 39.34 8.24
CA SER F 58 3.67 39.08 8.77
C SER F 58 4.39 37.96 8.01
N VAL F 59 3.64 37.08 7.35
CA VAL F 59 4.26 36.00 6.58
C VAL F 59 4.90 36.56 5.31
N ALA F 60 4.36 37.66 4.78
CA ALA F 60 4.89 38.29 3.57
C ALA F 60 5.93 39.36 3.87
N ASP F 61 5.78 40.10 4.98
CA ASP F 61 6.72 41.15 5.38
C ASP F 61 6.93 41.05 6.89
N ASN F 62 8.09 40.53 7.30
CA ASN F 62 8.32 40.28 8.72
C ASN F 62 8.44 41.55 9.56
N THR F 63 8.41 42.73 8.95
CA THR F 63 8.47 43.97 9.71
C THR F 63 7.12 44.36 10.31
N ILE F 64 6.08 43.61 10.02
CA ILE F 64 4.75 43.87 10.57
C ILE F 64 4.52 42.97 11.77
N HIS F 65 4.24 43.58 12.92
CA HIS F 65 4.02 42.87 14.17
C HIS F 65 2.67 43.20 14.79
N GLU F 66 2.22 44.44 14.68
CA GLU F 66 0.93 44.86 15.22
C GLU F 66 0.10 45.50 14.12
N LEU F 67 -1.20 45.64 14.38
CA LEU F 67 -2.08 46.28 13.40
C LEU F 67 -1.62 47.70 13.07
N SER F 68 -1.08 48.43 14.06
CA SER F 68 -0.71 49.81 13.83
C SER F 68 0.43 49.96 12.85
N ASP F 69 1.27 48.93 12.68
CA ASP F 69 2.41 48.98 11.78
C ASP F 69 2.01 49.13 10.31
N ILE F 70 0.79 48.74 9.94
CA ILE F 70 0.39 48.75 8.54
C ILE F 70 0.37 50.17 7.98
N LYS F 71 -0.06 51.16 8.78
CA LYS F 71 -0.06 52.55 8.34
C LYS F 71 1.29 52.97 7.77
N GLN F 72 2.36 52.52 8.42
CA GLN F 72 3.75 52.82 8.06
C GLN F 72 4.34 51.82 7.08
N ALA F 73 3.57 50.85 6.61
CA ALA F 73 4.09 49.82 5.73
C ALA F 73 3.95 50.21 4.27
N ASN F 74 4.70 49.53 3.43
CA ASN F 74 4.67 49.75 1.99
C ASN F 74 3.82 48.65 1.37
N ILE F 75 2.81 49.03 0.59
CA ILE F 75 1.91 48.06 0.01
C ILE F 75 2.68 47.10 -0.90
N ASN F 76 3.73 47.59 -1.57
CA ASN F 76 4.55 46.70 -2.39
C ASN F 76 5.24 45.64 -1.54
N SER F 77 5.42 45.86 -0.25
CA SER F 77 5.99 44.86 0.64
C SER F 77 4.98 43.80 1.06
N LEU F 78 3.68 44.12 1.00
CA LEU F 78 2.64 43.23 1.49
C LEU F 78 2.04 42.36 0.42
N LEU F 79 1.86 42.88 -0.80
CA LEU F 79 1.18 42.11 -1.81
C LEU F 79 2.20 41.57 -2.81
N PRO F 80 1.88 40.48 -3.50
CA PRO F 80 2.78 40.00 -4.56
C PRO F 80 2.71 40.93 -5.75
N GLU F 81 3.85 41.11 -6.42
CA GLU F 81 3.88 42.00 -7.57
C GLU F 81 2.82 41.61 -8.59
N HIS F 82 2.62 40.31 -8.80
CA HIS F 82 1.67 39.83 -9.79
C HIS F 82 0.27 40.36 -9.48
N LEU F 83 -0.12 40.37 -8.21
CA LEU F 83 -1.45 40.86 -7.86
C LEU F 83 -1.56 42.36 -8.10
N ILE F 84 -0.52 43.11 -7.78
CA ILE F 84 -0.57 44.57 -7.97
C ILE F 84 -0.70 44.91 -9.45
N SER F 85 0.15 44.32 -10.30
CA SER F 85 0.06 44.62 -11.72
C SER F 85 -1.24 44.10 -12.33
N GLY F 86 -1.78 43.00 -11.81
CA GLY F 86 -3.05 42.51 -12.30
C GLY F 86 -4.20 43.43 -11.94
N LEU F 87 -4.19 43.98 -10.72
CA LEU F 87 -5.21 44.95 -10.34
C LEU F 87 -5.08 46.23 -11.15
N ALA F 88 -3.85 46.63 -11.45
CA ALA F 88 -3.63 47.85 -12.21
C ALA F 88 -4.23 47.74 -13.61
N SER F 89 -4.06 46.59 -14.25
CA SER F 89 -4.56 46.39 -15.60
C SER F 89 -5.99 45.84 -15.66
N ALA F 90 -6.55 45.35 -14.55
CA ALA F 90 -7.92 44.85 -14.60
C ALA F 90 -8.88 46.01 -14.78
N ILE F 91 -9.79 45.89 -15.75
CA ILE F 91 -10.67 46.98 -16.11
C ILE F 91 -12.13 46.73 -15.71
N ARG F 92 -12.59 45.49 -15.71
CA ARG F 92 -13.96 45.24 -15.25
C ARG F 92 -13.97 45.14 -13.73
N GLU F 93 -15.05 45.61 -13.14
CA GLU F 93 -15.17 45.65 -11.70
C GLU F 93 -15.61 44.29 -11.15
N ASN F 94 -15.21 44.01 -9.91
CA ASN F 94 -15.69 42.84 -9.16
C ASN F 94 -15.37 41.52 -9.85
N GLU F 95 -14.19 41.42 -10.46
CA GLU F 95 -13.70 40.14 -11.01
C GLU F 95 -12.41 39.74 -10.30
N PRO F 96 -12.48 38.81 -9.34
CA PRO F 96 -11.31 38.55 -8.48
C PRO F 96 -10.15 37.90 -9.21
N ILE F 97 -8.96 38.40 -8.91
CA ILE F 97 -7.69 37.86 -9.38
C ILE F 97 -7.13 37.00 -8.26
N TRP F 98 -6.70 35.80 -8.60
CA TRP F 98 -6.28 34.80 -7.63
C TRP F 98 -4.78 34.55 -7.83
N VAL F 99 -3.98 34.93 -6.83
CA VAL F 99 -2.53 34.84 -6.91
C VAL F 99 -2.00 34.08 -5.71
N GLU F 100 -1.18 33.07 -5.93
CA GLU F 100 -0.62 32.31 -4.83
C GLU F 100 0.88 32.48 -4.75
N THR F 101 1.39 32.48 -3.54
CA THR F 101 2.80 32.43 -3.22
C THR F 101 3.04 31.11 -2.51
N ASP F 102 4.25 30.94 -1.96
CA ASP F 102 4.55 29.66 -1.31
C ASP F 102 3.70 29.43 -0.08
N ARG F 103 3.32 30.49 0.63
CA ARG F 103 2.62 30.34 1.88
C ARG F 103 1.24 30.96 1.92
N LEU F 104 0.92 31.90 1.03
CA LEU F 104 -0.33 32.63 1.12
C LEU F 104 -1.08 32.58 -0.20
N SER F 105 -2.39 32.83 -0.11
CA SER F 105 -3.30 32.76 -1.24
C SER F 105 -4.13 34.03 -1.25
N PHE F 106 -3.89 34.90 -2.24
CA PHE F 106 -4.51 36.19 -2.36
C PHE F 106 -5.65 36.17 -3.36
N LEU F 107 -6.68 36.92 -3.05
CA LEU F 107 -7.84 37.11 -3.90
C LEU F 107 -8.18 38.59 -3.89
N GLY F 108 -7.90 39.31 -4.98
CA GLY F 108 -8.13 40.74 -5.02
C GLY F 108 -8.99 41.18 -6.19
N TRP F 109 -9.83 42.18 -5.95
CA TRP F 109 -10.67 42.70 -7.01
C TRP F 109 -10.80 44.20 -6.87
N ARG F 110 -11.40 44.83 -7.89
CA ARG F 110 -11.57 46.27 -7.90
C ARG F 110 -13.05 46.61 -7.79
N HIS F 111 -13.38 47.45 -6.83
CA HIS F 111 -14.75 47.88 -6.58
C HIS F 111 -14.71 49.40 -6.44
N GLU F 112 -15.34 50.09 -7.40
CA GLU F 112 -15.41 51.55 -7.45
C GLU F 112 -13.99 52.09 -7.41
N ASN F 113 -13.62 52.94 -6.46
CA ASN F 113 -12.31 53.55 -6.29
C ASN F 113 -11.34 52.70 -5.47
N TYR F 114 -11.68 51.46 -5.12
CA TYR F 114 -10.81 50.69 -4.23
C TYR F 114 -10.38 49.36 -4.86
N TYR F 115 -9.21 48.91 -4.42
CA TYR F 115 -8.76 47.54 -4.55
C TYR F 115 -9.00 46.85 -3.21
N ILE F 116 -9.66 45.69 -3.26
CA ILE F 116 -9.92 44.90 -2.08
C ILE F 116 -9.11 43.62 -2.20
N ILE F 117 -8.33 43.30 -1.17
CA ILE F 117 -7.46 42.14 -1.17
C ILE F 117 -7.80 41.28 0.05
N GLU F 118 -8.19 40.03 -0.19
CA GLU F 118 -8.31 39.03 0.86
C GLU F 118 -7.13 38.09 0.76
N VAL F 119 -6.67 37.57 1.89
CA VAL F 119 -5.57 36.62 1.92
C VAL F 119 -5.85 35.51 2.93
N GLU F 120 -5.57 34.26 2.53
CA GLU F 120 -5.71 33.07 3.36
C GLU F 120 -4.38 32.32 3.39
N ARG F 121 -4.20 31.46 4.39
CA ARG F 121 -3.05 30.57 4.28
C ARG F 121 -3.34 29.48 3.25
N TYR F 122 -2.25 28.90 2.74
CA TYR F 122 -2.33 28.00 1.60
C TYR F 122 -1.25 26.94 1.73
N HIS F 123 -1.61 25.70 1.42
CA HIS F 123 -0.74 24.53 1.54
C HIS F 123 -0.70 23.82 0.19
N VAL F 124 0.51 23.69 -0.37
CA VAL F 124 0.68 23.13 -1.71
C VAL F 124 0.47 21.62 -1.68
N GLN F 125 -0.54 21.15 -2.39
CA GLN F 125 -0.83 19.72 -2.46
C GLN F 125 -0.85 19.29 -3.91
N THR F 126 0.06 18.37 -4.26
CA THR F 126 0.28 17.92 -5.63
C THR F 126 -0.28 16.51 -5.76
N SER F 127 -1.40 16.39 -6.49
CA SER F 127 -2.03 15.09 -6.74
C SER F 127 -3.07 15.24 -7.86
N ASN F 128 -3.43 14.10 -8.44
CA ASN F 128 -4.48 14.06 -9.46
C ASN F 128 -5.88 13.92 -8.86
N TRP F 129 -6.02 14.14 -7.55
CA TRP F 129 -7.30 13.87 -6.91
C TRP F 129 -8.40 14.71 -7.53
N PHE F 130 -8.10 15.97 -7.86
CA PHE F 130 -9.13 16.86 -8.40
C PHE F 130 -9.53 16.48 -9.82
N GLU F 131 -8.56 16.09 -10.67
CA GLU F 131 -8.95 15.66 -12.00
C GLU F 131 -9.76 14.37 -11.95
N ILE F 132 -9.40 13.45 -11.04
CA ILE F 132 -10.18 12.21 -10.88
C ILE F 132 -11.60 12.54 -10.46
N GLN F 133 -11.74 13.40 -9.44
CA GLN F 133 -13.06 13.76 -8.94
C GLN F 133 -13.89 14.45 -10.01
N PHE F 134 -13.26 15.34 -10.78
CA PHE F 134 -13.97 16.04 -11.86
C PHE F 134 -14.49 15.06 -12.90
N GLN F 135 -13.67 14.08 -13.30
CA GLN F 135 -14.11 13.11 -14.29
C GLN F 135 -15.27 12.26 -13.77
N ARG F 136 -15.19 11.79 -12.52
CA ARG F 136 -16.26 10.96 -11.98
C ARG F 136 -17.56 11.75 -11.85
N ALA F 137 -17.48 12.95 -11.29
CA ALA F 137 -18.67 13.76 -11.05
C ALA F 137 -19.41 14.04 -12.35
N PHE F 138 -18.66 14.37 -13.40
CA PHE F 138 -19.28 14.68 -14.68
C PHE F 138 -19.92 13.44 -15.31
N GLN F 139 -19.21 12.31 -15.32
CA GLN F 139 -19.81 11.10 -15.90
C GLN F 139 -21.06 10.69 -15.14
N LYS F 140 -21.02 10.75 -13.80
CA LYS F 140 -22.19 10.34 -13.03
C LYS F 140 -23.36 11.30 -13.24
N LEU F 141 -23.09 12.60 -13.29
CA LEU F 141 -24.16 13.55 -13.57
C LEU F 141 -24.68 13.42 -15.00
N ARG F 142 -23.82 13.01 -15.94
CA ARG F 142 -24.30 12.83 -17.30
C ARG F 142 -25.21 11.61 -17.43
N ASN F 143 -25.00 10.59 -16.58
CA ASN F 143 -25.77 9.36 -16.63
C ASN F 143 -27.19 9.54 -16.12
N CYS F 144 -27.48 10.64 -15.44
CA CYS F 144 -28.80 10.86 -14.86
C CYS F 144 -29.80 11.21 -15.95
N LYS F 145 -30.94 10.48 -15.96
CA LYS F 145 -31.96 10.67 -16.99
C LYS F 145 -33.26 11.24 -16.46
N THR F 146 -33.41 11.36 -15.14
CA THR F 146 -34.64 11.86 -14.54
C THR F 146 -34.28 13.00 -13.59
N HIS F 147 -35.21 13.94 -13.44
CA HIS F 147 -34.98 15.08 -12.55
C HIS F 147 -34.57 14.62 -11.15
N ASN F 148 -35.28 13.63 -10.60
CA ASN F 148 -35.00 13.17 -9.26
C ASN F 148 -33.64 12.49 -9.15
N ASP F 149 -33.27 11.69 -10.16
CA ASP F 149 -31.96 11.06 -10.15
C ASP F 149 -30.85 12.10 -10.04
N LEU F 150 -31.02 13.23 -10.72
CA LEU F 150 -29.94 14.21 -10.79
C LEU F 150 -29.71 14.89 -9.44
N ILE F 151 -30.78 15.38 -8.80
CA ILE F 151 -30.59 16.10 -7.54
C ILE F 151 -29.99 15.18 -6.48
N ASN F 152 -30.44 13.93 -6.44
CA ASN F 152 -29.90 13.00 -5.45
C ASN F 152 -28.43 12.67 -5.75
N THR F 153 -28.09 12.48 -7.02
CA THR F 153 -26.70 12.22 -7.37
C THR F 153 -25.83 13.40 -6.98
N LEU F 154 -26.33 14.61 -7.25
CA LEU F 154 -25.58 15.83 -6.93
C LEU F 154 -25.35 15.98 -5.45
N THR F 155 -26.38 15.69 -4.64
CA THR F 155 -26.21 15.84 -3.20
C THR F 155 -25.20 14.83 -2.67
N ARG F 156 -25.25 13.58 -3.18
CA ARG F 156 -24.26 12.60 -2.77
C ARG F 156 -22.86 13.03 -3.19
N LEU F 157 -22.71 13.56 -4.41
CA LEU F 157 -21.39 13.96 -4.89
C LEU F 157 -20.83 15.13 -4.10
N ILE F 158 -21.64 16.16 -3.83
CA ILE F 158 -21.16 17.29 -3.06
C ILE F 158 -20.70 16.82 -1.69
N GLN F 159 -21.44 15.87 -1.08
CA GLN F 159 -20.98 15.35 0.20
C GLN F 159 -19.66 14.60 0.06
N GLU F 160 -19.55 13.76 -0.97
CA GLU F 160 -18.34 12.97 -1.16
C GLU F 160 -17.12 13.86 -1.32
N ILE F 161 -17.29 14.96 -2.05
CA ILE F 161 -16.18 15.85 -2.36
C ILE F 161 -15.78 16.68 -1.15
N SER F 162 -16.77 17.28 -0.48
CA SER F 162 -16.46 18.23 0.58
C SER F 162 -16.28 17.58 1.95
N GLY F 163 -16.92 16.44 2.20
CA GLY F 163 -16.86 15.77 3.48
C GLY F 163 -17.75 16.33 4.56
N TYR F 164 -18.65 17.24 4.22
CA TYR F 164 -19.56 17.82 5.19
C TYR F 164 -20.60 16.79 5.66
N ASP F 165 -21.04 16.95 6.92
CA ASP F 165 -21.91 15.95 7.53
C ASP F 165 -23.27 15.89 6.85
N ARG F 166 -23.89 17.04 6.57
CA ARG F 166 -25.18 17.03 5.92
C ARG F 166 -25.17 17.95 4.71
N VAL F 167 -25.72 17.47 3.60
CA VAL F 167 -25.86 18.26 2.38
C VAL F 167 -27.30 18.17 1.92
N MET F 168 -27.93 19.32 1.75
CA MET F 168 -29.32 19.41 1.34
C MET F 168 -29.40 20.28 0.10
N ILE F 169 -30.52 20.15 -0.61
CA ILE F 169 -30.85 21.07 -1.69
C ILE F 169 -32.19 21.72 -1.38
N TYR F 170 -32.16 23.03 -1.16
CA TYR F 170 -33.36 23.82 -1.07
C TYR F 170 -33.79 24.23 -2.47
N GLN F 171 -35.07 24.08 -2.78
CA GLN F 171 -35.66 24.65 -3.98
C GLN F 171 -36.65 25.74 -3.59
N PHE F 172 -36.58 26.87 -4.29
CA PHE F 172 -37.48 27.99 -4.07
C PHE F 172 -38.74 27.84 -4.91
N ASP F 173 -39.86 28.29 -4.35
CA ASP F 173 -41.12 28.44 -5.06
C ASP F 173 -41.28 29.89 -5.49
N PRO F 174 -42.30 30.20 -6.31
CA PRO F 174 -42.46 31.59 -6.78
C PRO F 174 -42.35 32.67 -5.72
N GLU F 175 -42.81 32.41 -4.48
CA GLU F 175 -42.85 33.39 -3.42
C GLU F 175 -41.60 33.36 -2.53
N TRP F 176 -40.58 32.61 -2.93
CA TRP F 176 -39.27 32.50 -2.29
C TRP F 176 -39.29 31.68 -1.00
N ASN F 177 -40.32 30.87 -0.77
CA ASN F 177 -40.30 29.87 0.30
C ASN F 177 -39.45 28.68 -0.12
N GLY F 178 -38.88 28.00 0.87
CA GLY F 178 -37.94 26.90 0.61
C GLY F 178 -38.52 25.55 0.94
N ARG F 179 -38.22 24.56 0.10
CA ARG F 179 -38.50 23.16 0.43
C ARG F 179 -37.22 22.37 0.25
N VAL F 180 -36.93 21.46 1.19
CA VAL F 180 -35.73 20.63 1.12
C VAL F 180 -36.05 19.42 0.25
N ILE F 181 -35.55 19.43 -1.00
CA ILE F 181 -36.02 18.48 -2.00
C ILE F 181 -35.17 17.23 -2.08
N ALA F 182 -33.96 17.26 -1.53
CA ALA F 182 -33.10 16.08 -1.50
C ALA F 182 -32.04 16.30 -0.44
N GLU F 183 -31.59 15.21 0.16
CA GLU F 183 -30.71 15.33 1.30
C GLU F 183 -29.74 14.17 1.26
N SER F 184 -28.57 14.39 1.82
CA SER F 184 -27.57 13.33 1.95
C SER F 184 -26.84 13.58 3.26
N VAL F 185 -27.10 12.73 4.26
CA VAL F 185 -26.63 13.00 5.60
C VAL F 185 -26.11 11.71 6.21
N ARG F 186 -25.13 11.83 7.11
CA ARG F 186 -24.57 10.66 7.76
C ARG F 186 -25.56 10.09 8.77
N GLN F 187 -25.24 8.89 9.27
CA GLN F 187 -26.10 8.23 10.24
C GLN F 187 -26.15 9.01 11.55
N LEU F 188 -27.26 8.86 12.27
CA LEU F 188 -27.53 9.52 13.55
C LEU F 188 -27.86 11.01 13.38
N PHE F 189 -28.58 11.34 12.31
CA PHE F 189 -28.98 12.72 12.06
C PHE F 189 -30.46 12.81 11.77
N THR F 190 -31.08 13.88 12.27
CA THR F 190 -32.48 14.14 11.95
C THR F 190 -32.63 14.41 10.47
N SER F 191 -33.53 13.68 9.82
CA SER F 191 -33.79 13.89 8.41
C SER F 191 -34.49 15.21 8.21
N MET F 192 -33.91 16.09 7.39
CA MET F 192 -34.51 17.37 7.06
C MET F 192 -35.26 17.32 5.75
N LEU F 193 -35.35 16.15 5.13
CA LEU F 193 -36.04 16.00 3.85
C LEU F 193 -37.50 16.43 3.98
N ASN F 194 -37.96 17.20 3.01
CA ASN F 194 -39.32 17.73 2.87
C ASN F 194 -39.65 18.83 3.87
N HIS F 195 -38.68 19.26 4.68
CA HIS F 195 -38.89 20.38 5.59
CA HIS F 195 -38.94 20.37 5.58
C HIS F 195 -39.09 21.67 4.80
N HIS F 196 -40.03 22.49 5.25
CA HIS F 196 -40.32 23.79 4.65
C HIS F 196 -39.74 24.92 5.48
N PHE F 197 -39.33 25.99 4.82
CA PHE F 197 -39.02 27.20 5.55
C PHE F 197 -39.60 28.42 4.85
N PRO F 198 -39.98 29.43 5.61
CA PRO F 198 -40.61 30.62 5.03
C PRO F 198 -39.60 31.53 4.36
N ALA F 199 -40.08 32.32 3.40
CA ALA F 199 -39.20 33.20 2.63
C ALA F 199 -38.44 34.17 3.52
N SER F 200 -39.06 34.62 4.61
CA SER F 200 -38.41 35.59 5.49
C SER F 200 -37.12 35.05 6.11
N ASP F 201 -36.90 33.74 6.08
CA ASP F 201 -35.73 33.14 6.72
C ASP F 201 -34.46 33.43 5.94
N ILE F 202 -34.58 33.65 4.65
CA ILE F 202 -33.49 34.12 3.80
C ILE F 202 -33.87 35.47 3.24
N PRO F 203 -33.34 36.56 3.80
CA PRO F 203 -33.68 37.89 3.31
C PRO F 203 -33.32 38.04 1.84
N ALA F 204 -33.98 39.00 1.18
CA ALA F 204 -33.73 39.21 -0.24
C ALA F 204 -32.26 39.48 -0.52
N GLN F 205 -31.64 40.36 0.27
CA GLN F 205 -30.23 40.70 0.09
C GLN F 205 -29.30 39.53 0.32
N ALA F 206 -29.75 38.50 1.06
CA ALA F 206 -28.97 37.28 1.23
C ALA F 206 -29.02 36.40 -0.01
N ARG F 207 -30.21 36.32 -0.64
CA ARG F 207 -30.31 35.68 -1.95
C ARG F 207 -29.47 36.43 -2.99
N ALA F 208 -29.43 37.75 -2.88
CA ALA F 208 -28.71 38.55 -3.86
C ALA F 208 -27.24 38.17 -3.92
N MET F 209 -26.62 37.85 -2.77
CA MET F 209 -25.18 37.65 -2.76
C MET F 209 -24.74 36.48 -3.64
N TYR F 210 -25.58 35.46 -3.78
CA TYR F 210 -25.16 34.31 -4.59
C TYR F 210 -24.93 34.67 -6.06
N SER F 211 -25.57 35.74 -6.54
CA SER F 211 -25.32 36.20 -7.90
C SER F 211 -24.05 37.03 -8.01
N ILE F 212 -23.50 37.51 -6.90
CA ILE F 212 -22.21 38.20 -6.90
C ILE F 212 -21.06 37.23 -6.69
N ASN F 213 -21.22 36.26 -5.78
CA ASN F 213 -20.26 35.18 -5.57
C ASN F 213 -21.05 33.91 -5.31
N PRO F 214 -20.91 32.89 -6.16
CA PRO F 214 -21.83 31.74 -6.10
C PRO F 214 -21.60 30.81 -4.91
N ILE F 215 -20.52 30.98 -4.16
CA ILE F 215 -20.27 30.16 -2.98
C ILE F 215 -20.21 31.08 -1.77
N ARG F 216 -20.67 30.57 -0.64
CA ARG F 216 -20.65 31.26 0.64
C ARG F 216 -20.07 30.30 1.66
N ILE F 217 -19.13 30.78 2.49
CA ILE F 217 -18.32 29.90 3.34
C ILE F 217 -18.28 30.44 4.76
N ILE F 218 -18.63 29.59 5.72
CA ILE F 218 -18.54 29.89 7.15
C ILE F 218 -17.77 28.75 7.78
N PRO F 219 -16.46 28.89 7.96
CA PRO F 219 -15.64 27.76 8.44
C PRO F 219 -15.72 27.54 9.94
N ASP F 220 -16.33 28.44 10.70
CA ASP F 220 -16.37 28.34 12.16
C ASP F 220 -17.33 29.38 12.73
N VAL F 221 -18.52 28.92 13.18
CA VAL F 221 -19.54 29.85 13.64
C VAL F 221 -19.24 30.48 14.98
N ASN F 222 -18.25 29.97 15.71
CA ASN F 222 -17.94 30.52 17.02
C ASN F 222 -16.68 31.36 17.01
N ALA F 223 -16.14 31.64 15.83
CA ALA F 223 -14.98 32.50 15.70
C ALA F 223 -15.40 33.95 15.73
N GLU F 224 -14.59 34.77 16.39
CA GLU F 224 -14.95 36.15 16.62
C GLU F 224 -14.75 36.97 15.35
N PRO F 225 -15.78 37.63 14.82
CA PRO F 225 -15.57 38.50 13.65
C PRO F 225 -14.56 39.60 13.96
N GLN F 226 -13.68 39.85 13.00
CA GLN F 226 -12.66 40.88 13.13
C GLN F 226 -13.09 42.13 12.39
N PRO F 227 -13.13 43.28 13.05
CA PRO F 227 -13.60 44.51 12.38
C PRO F 227 -12.49 45.18 11.56
N LEU F 228 -12.93 46.02 10.63
CA LEU F 228 -12.05 46.76 9.74
C LEU F 228 -11.62 48.08 10.40
N HIS F 229 -10.32 48.28 10.55
CA HIS F 229 -9.76 49.52 11.09
C HIS F 229 -9.32 50.48 9.98
N MET F 230 -9.61 51.76 10.18
CA MET F 230 -9.15 52.79 9.24
C MET F 230 -7.64 53.00 9.40
N ILE F 231 -6.95 53.13 8.27
CA ILE F 231 -5.51 53.29 8.28
C ILE F 231 -5.14 54.71 7.87
N HIS F 232 -5.16 55.00 6.57
CA HIS F 232 -5.08 56.38 6.09
C HIS F 232 -6.49 56.82 5.76
N LYS F 233 -6.80 58.07 6.09
CA LYS F 233 -8.18 58.52 5.97
C LYS F 233 -8.59 58.50 4.50
N PRO F 234 -9.67 57.81 4.14
CA PRO F 234 -10.08 57.76 2.73
C PRO F 234 -10.84 59.01 2.33
N GLN F 235 -10.86 59.24 1.01
CA GLN F 235 -11.58 60.40 0.48
C GLN F 235 -13.10 60.19 0.52
N ASN F 236 -13.57 58.96 0.37
CA ASN F 236 -14.99 58.66 0.51
C ASN F 236 -15.15 57.76 1.72
N THR F 237 -15.87 58.24 2.73
CA THR F 237 -15.97 57.54 4.00
C THR F 237 -17.07 56.48 4.04
N GLU F 238 -17.87 56.33 2.98
CA GLU F 238 -18.89 55.30 2.96
C GLU F 238 -18.28 53.92 3.15
N ALA F 239 -19.07 53.02 3.75
CA ALA F 239 -18.62 51.66 3.97
C ALA F 239 -18.41 50.95 2.63
N VAL F 240 -17.49 49.99 2.61
CA VAL F 240 -17.09 49.33 1.38
C VAL F 240 -17.86 48.03 1.22
N ASN F 241 -18.43 47.83 0.03
CA ASN F 241 -19.13 46.60 -0.28
C ASN F 241 -18.12 45.45 -0.36
N LEU F 242 -18.29 44.42 0.47
CA LEU F 242 -17.34 43.33 0.56
C LEU F 242 -17.82 42.07 -0.16
N SER F 243 -18.88 42.15 -0.97
CA SER F 243 -19.64 40.96 -1.34
C SER F 243 -18.96 40.07 -2.39
N SER F 244 -17.95 40.55 -3.13
CA SER F 244 -17.39 39.69 -4.17
C SER F 244 -16.42 38.65 -3.65
N GLY F 245 -15.93 38.81 -2.42
CA GLY F 245 -15.05 37.85 -1.81
C GLY F 245 -15.78 36.93 -0.85
N VAL F 246 -15.01 36.20 -0.06
CA VAL F 246 -15.56 35.19 0.84
C VAL F 246 -15.29 35.49 2.31
N LEU F 247 -14.47 36.47 2.65
CA LEU F 247 -14.22 36.77 4.05
C LEU F 247 -15.31 37.61 4.71
N ARG F 248 -16.26 38.12 3.93
CA ARG F 248 -17.33 38.95 4.46
C ARG F 248 -17.96 38.35 5.71
N ALA F 249 -18.05 39.15 6.77
CA ALA F 249 -18.56 38.68 8.05
C ALA F 249 -20.03 38.30 7.96
N VAL F 250 -20.46 37.44 8.88
CA VAL F 250 -21.81 36.87 8.86
C VAL F 250 -22.69 37.62 9.85
N SER F 251 -23.96 37.79 9.50
CA SER F 251 -24.89 38.44 10.42
C SER F 251 -24.96 37.62 11.69
N PRO F 252 -24.72 38.21 12.86
CA PRO F 252 -24.74 37.42 14.11
C PRO F 252 -26.03 36.64 14.31
N LEU F 253 -27.13 37.14 13.76
CA LEU F 253 -28.38 36.39 13.75
C LEU F 253 -28.19 35.00 13.15
N HIS F 254 -27.62 34.92 11.95
CA HIS F 254 -27.47 33.61 11.31
C HIS F 254 -26.45 32.74 12.02
N MET F 255 -25.41 33.36 12.58
CA MET F 255 -24.47 32.58 13.39
C MET F 255 -25.19 31.91 14.56
N GLN F 256 -26.08 32.66 15.23
CA GLN F 256 -26.86 32.06 16.31
C GLN F 256 -27.79 30.97 15.79
N TYR F 257 -28.49 31.22 14.68
CA TYR F 257 -29.35 30.20 14.10
C TYR F 257 -28.59 28.92 13.80
N LEU F 258 -27.37 29.05 13.30
CA LEU F 258 -26.57 27.85 13.01
C LEU F 258 -26.17 27.15 14.31
N ARG F 259 -25.79 27.90 15.34
CA ARG F 259 -25.45 27.29 16.63
C ARG F 259 -26.62 26.46 17.14
N ASN F 260 -27.82 27.05 17.11
CA ASN F 260 -29.01 26.39 17.63
C ASN F 260 -29.35 25.11 16.88
N PHE F 261 -28.84 24.93 15.65
CA PHE F 261 -29.10 23.75 14.84
C PHE F 261 -28.01 22.68 14.97
N GLY F 262 -27.00 22.91 15.79
CA GLY F 262 -25.91 21.96 15.94
C GLY F 262 -24.87 22.04 14.85
N VAL F 263 -24.79 23.16 14.13
CA VAL F 263 -23.90 23.35 13.01
C VAL F 263 -22.80 24.31 13.40
N SER F 264 -21.54 23.90 13.21
CA SER F 264 -20.41 24.79 13.44
C SER F 264 -19.78 25.30 12.14
N ALA F 265 -20.12 24.70 11.00
CA ALA F 265 -19.55 25.14 9.73
C ALA F 265 -20.56 24.88 8.62
N SER F 266 -20.65 25.84 7.69
CA SER F 266 -21.58 25.71 6.57
C SER F 266 -20.92 26.23 5.31
N THR F 267 -21.37 25.69 4.17
CA THR F 267 -20.97 26.13 2.85
C THR F 267 -22.18 26.02 1.93
N SER F 268 -22.58 27.12 1.32
CA SER F 268 -23.74 27.09 0.45
C SER F 268 -23.38 27.57 -0.95
N ILE F 269 -24.03 26.99 -1.95
CA ILE F 269 -23.73 27.23 -3.35
C ILE F 269 -25.03 27.47 -4.08
N GLY F 270 -25.11 28.56 -4.84
CA GLY F 270 -26.33 28.88 -5.56
C GLY F 270 -26.50 28.02 -6.80
N ILE F 271 -27.74 27.58 -7.03
CA ILE F 271 -28.11 26.84 -8.23
C ILE F 271 -28.86 27.80 -9.14
N PHE F 272 -28.33 28.05 -10.33
CA PHE F 272 -28.87 29.06 -11.21
C PHE F 272 -29.38 28.44 -12.49
N ASN F 273 -30.57 28.87 -12.92
CA ASN F 273 -31.12 28.60 -14.25
C ASN F 273 -31.08 29.93 -14.99
N GLU F 274 -30.13 30.07 -15.91
CA GLU F 274 -29.88 31.33 -16.62
C GLU F 274 -29.50 32.37 -15.57
N ASP F 275 -30.29 33.42 -15.36
CA ASP F 275 -29.98 34.44 -14.37
C ASP F 275 -30.80 34.30 -13.09
N GLU F 276 -31.80 33.42 -13.08
CA GLU F 276 -32.65 33.20 -11.92
C GLU F 276 -32.01 32.24 -10.92
N LEU F 277 -32.18 32.54 -9.63
CA LEU F 277 -31.76 31.61 -8.57
C LEU F 277 -32.84 30.58 -8.33
N TRP F 278 -32.55 29.34 -8.66
CA TRP F 278 -33.53 28.27 -8.58
C TRP F 278 -33.51 27.51 -7.26
N GLY F 279 -32.38 27.52 -6.56
CA GLY F 279 -32.25 26.77 -5.31
C GLY F 279 -30.87 26.96 -4.75
N ILE F 280 -30.61 26.27 -3.64
CA ILE F 280 -29.34 26.34 -2.94
C ILE F 280 -28.89 24.92 -2.61
N VAL F 281 -27.60 24.66 -2.76
CA VAL F 281 -26.97 23.48 -2.17
C VAL F 281 -26.35 23.95 -0.87
N ALA F 282 -26.77 23.36 0.25
CA ALA F 282 -26.32 23.79 1.56
C ALA F 282 -25.62 22.63 2.24
N CYS F 283 -24.46 22.91 2.82
CA CYS F 283 -23.66 21.92 3.52
C CYS F 283 -23.44 22.38 4.96
N HIS F 284 -23.88 21.56 5.90
CA HIS F 284 -23.71 21.83 7.32
C HIS F 284 -22.81 20.76 7.92
N HIS F 285 -21.97 21.17 8.86
CA HIS F 285 -21.06 20.26 9.54
C HIS F 285 -21.15 20.54 11.04
N THR F 286 -21.14 19.46 11.83
CA THR F 286 -21.33 19.58 13.27
C THR F 286 -20.14 20.25 13.95
N LYS F 287 -18.93 19.96 13.49
CA LYS F 287 -17.71 20.56 14.00
C LYS F 287 -17.11 21.49 12.95
N PRO F 288 -16.22 22.41 13.33
CA PRO F 288 -15.64 23.33 12.34
C PRO F 288 -14.88 22.60 11.24
N ARG F 289 -14.87 23.21 10.05
CA ARG F 289 -14.31 22.58 8.87
C ARG F 289 -13.88 23.65 7.89
N ALA F 290 -12.66 23.54 7.38
CA ALA F 290 -12.10 24.47 6.40
C ALA F 290 -11.92 23.75 5.07
N ILE F 291 -12.30 24.43 3.98
CA ILE F 291 -12.14 23.89 2.63
C ILE F 291 -11.29 24.87 1.82
N GLY F 292 -10.25 24.34 1.17
CA GLY F 292 -9.37 25.16 0.37
C GLY F 292 -10.06 25.69 -0.89
N ARG F 293 -9.37 26.64 -1.54
CA ARG F 293 -9.92 27.29 -2.73
C ARG F 293 -10.19 26.29 -3.85
N ARG F 294 -9.32 25.30 -4.00
CA ARG F 294 -9.53 24.32 -5.05
C ARG F 294 -10.81 23.52 -4.81
N ILE F 295 -11.09 23.17 -3.55
CA ILE F 295 -12.33 22.46 -3.23
C ILE F 295 -13.54 23.35 -3.53
N ARG F 296 -13.45 24.64 -3.23
CA ARG F 296 -14.56 25.55 -3.52
C ARG F 296 -14.83 25.58 -5.02
N ARG F 297 -13.77 25.73 -5.82
CA ARG F 297 -13.91 25.73 -7.27
C ARG F 297 -14.54 24.42 -7.75
N LEU F 298 -14.08 23.28 -7.20
CA LEU F 298 -14.65 22.00 -7.62
C LEU F 298 -16.14 21.91 -7.27
N LEU F 299 -16.51 22.37 -6.07
CA LEU F 299 -17.91 22.34 -5.68
C LEU F 299 -18.76 23.17 -6.62
N VAL F 300 -18.30 24.40 -6.92
CA VAL F 300 -19.08 25.31 -7.74
C VAL F 300 -19.17 24.78 -9.17
N ARG F 301 -18.07 24.21 -9.68
CA ARG F 301 -18.11 23.65 -11.03
C ARG F 301 -19.05 22.45 -11.10
N THR F 302 -19.06 21.62 -10.05
CA THR F 302 -19.97 20.49 -10.07
C THR F 302 -21.42 20.96 -10.02
N VAL F 303 -21.72 21.99 -9.23
CA VAL F 303 -23.08 22.51 -9.20
C VAL F 303 -23.46 23.11 -10.55
N GLU F 304 -22.57 23.89 -11.15
CA GLU F 304 -22.87 24.52 -12.43
C GLU F 304 -23.09 23.48 -13.53
N PHE F 305 -22.26 22.42 -13.55
CA PHE F 305 -22.45 21.35 -14.52
C PHE F 305 -23.79 20.65 -14.29
N ALA F 306 -24.11 20.36 -13.02
CA ALA F 306 -25.35 19.67 -12.72
C ALA F 306 -26.57 20.47 -13.15
N ALA F 307 -26.53 21.79 -12.96
CA ALA F 307 -27.68 22.62 -13.31
C ALA F 307 -28.03 22.54 -14.80
N GLU F 308 -27.01 22.58 -15.66
CA GLU F 308 -27.27 22.56 -17.11
C GLU F 308 -28.03 21.29 -17.49
N ARG F 309 -27.56 20.15 -16.96
CA ARG F 309 -28.22 18.88 -17.22
C ARG F 309 -29.65 18.88 -16.69
N LEU F 310 -29.88 19.59 -15.58
CA LEU F 310 -31.21 19.67 -14.97
C LEU F 310 -32.19 20.40 -15.88
N TRP F 311 -31.77 21.53 -16.44
CA TRP F 311 -32.64 22.26 -17.35
C TRP F 311 -32.86 21.47 -18.64
N LEU F 312 -31.86 20.67 -19.04
CA LEU F 312 -32.07 19.77 -20.18
C LEU F 312 -33.14 18.74 -19.87
N ILE F 313 -33.13 18.20 -18.64
CA ILE F 313 -34.10 17.18 -18.22
C ILE F 313 -35.51 17.76 -18.14
N HIS F 314 -35.64 19.05 -17.79
CA HIS F 314 -36.96 19.68 -17.65
C HIS F 314 -37.62 19.82 -19.03
N GLY G 8 8.78 -15.40 -9.16
CA GLY G 8 8.96 -13.99 -8.87
C GLY G 8 9.73 -13.69 -7.59
N SER G 9 10.44 -12.56 -7.60
CA SER G 9 11.36 -12.25 -6.49
C SER G 9 10.62 -11.97 -5.18
N ASP G 10 9.58 -11.13 -5.22
CA ASP G 10 8.85 -10.81 -3.99
C ASP G 10 8.10 -12.02 -3.46
N ASP G 11 7.55 -12.83 -4.37
CA ASP G 11 6.88 -14.05 -3.94
C ASP G 11 7.86 -15.00 -3.27
N ILE G 12 9.08 -15.11 -3.81
CA ILE G 12 10.11 -15.96 -3.19
C ILE G 12 10.49 -15.45 -1.80
N SER G 13 10.67 -14.13 -1.65
CA SER G 13 11.00 -13.61 -0.31
C SER G 13 9.87 -13.90 0.68
N LYS G 14 8.62 -13.72 0.23
CA LYS G 14 7.48 -14.02 1.11
C LYS G 14 7.45 -15.49 1.49
N LEU G 15 7.76 -16.38 0.54
CA LEU G 15 7.79 -17.80 0.85
C LEU G 15 8.88 -18.13 1.85
N ILE G 16 10.08 -17.55 1.68
CA ILE G 16 11.16 -17.81 2.61
C ILE G 16 10.83 -17.32 4.00
N ALA G 17 10.02 -16.25 4.11
CA ALA G 17 9.61 -15.78 5.42
C ALA G 17 8.90 -16.88 6.21
N ALA G 18 7.94 -17.56 5.57
CA ALA G 18 7.08 -18.54 6.23
C ALA G 18 7.46 -19.99 5.94
N CYS G 19 8.68 -20.25 5.46
CA CYS G 19 9.06 -21.60 5.07
C CYS G 19 9.20 -22.53 6.27
N ASP G 20 9.72 -22.03 7.38
CA ASP G 20 9.97 -22.87 8.56
C ASP G 20 8.70 -23.49 9.12
N GLN G 21 7.54 -22.85 8.93
CA GLN G 21 6.25 -23.35 9.41
C GLN G 21 5.40 -23.94 8.30
N GLU G 22 5.95 -24.09 7.09
CA GLU G 22 5.17 -24.54 5.95
C GLU G 22 4.66 -25.97 6.15
N PRO G 23 3.37 -26.24 5.87
CA PRO G 23 2.84 -27.59 6.08
C PRO G 23 3.06 -28.48 4.86
N ILE G 24 4.22 -29.12 4.78
CA ILE G 24 4.60 -29.88 3.59
C ILE G 24 3.91 -31.23 3.47
N HIS G 25 3.26 -31.71 4.52
CA HIS G 25 2.57 -32.99 4.45
C HIS G 25 1.18 -32.88 3.83
N ILE G 26 0.60 -31.69 3.77
CA ILE G 26 -0.77 -31.54 3.28
C ILE G 26 -0.84 -30.52 2.16
N PRO G 27 -0.09 -30.67 1.07
CA PRO G 27 -0.13 -29.67 0.00
C PRO G 27 -1.40 -29.68 -0.83
N ASN G 28 -2.33 -30.61 -0.59
CA ASN G 28 -3.54 -30.75 -1.40
C ASN G 28 -3.23 -30.77 -2.89
N ALA G 29 -2.04 -31.25 -3.26
CA ALA G 29 -1.67 -31.38 -4.66
C ALA G 29 -0.61 -32.47 -4.78
N ILE G 30 -0.37 -32.92 -6.02
CA ILE G 30 0.58 -34.00 -6.31
C ILE G 30 1.44 -33.63 -7.51
N GLN G 31 2.58 -34.36 -7.66
CA GLN G 31 3.39 -34.31 -8.87
C GLN G 31 2.71 -35.09 -9.99
N PRO G 32 2.90 -34.67 -11.25
CA PRO G 32 2.08 -35.23 -12.34
C PRO G 32 2.58 -36.53 -12.93
N PHE G 33 3.54 -37.25 -12.33
CA PHE G 33 3.92 -38.54 -12.90
C PHE G 33 3.01 -39.67 -12.45
N GLY G 34 1.91 -39.34 -11.79
CA GLY G 34 0.90 -40.32 -11.44
C GLY G 34 -0.36 -39.59 -11.04
N ALA G 35 -1.40 -40.37 -10.76
CA ALA G 35 -2.67 -39.81 -10.32
C ALA G 35 -3.00 -40.34 -8.93
N MET G 36 -3.92 -39.65 -8.25
CA MET G 36 -4.28 -40.00 -6.88
C MET G 36 -5.79 -39.96 -6.68
N LEU G 37 -6.32 -40.99 -6.03
CA LEU G 37 -7.68 -40.99 -5.51
C LEU G 37 -7.64 -41.07 -3.99
N ILE G 38 -8.56 -40.37 -3.34
CA ILE G 38 -8.77 -40.49 -1.90
C ILE G 38 -10.23 -40.84 -1.69
N VAL G 39 -10.48 -41.99 -1.06
CA VAL G 39 -11.79 -42.60 -0.90
C VAL G 39 -12.14 -42.65 0.58
N GLU G 40 -13.39 -42.36 0.92
CA GLU G 40 -13.83 -42.46 2.31
C GLU G 40 -14.08 -43.92 2.65
N LYS G 41 -13.51 -44.36 3.77
CA LYS G 41 -13.45 -45.79 4.06
C LYS G 41 -14.84 -46.40 4.21
N ASP G 42 -15.75 -45.71 4.91
CA ASP G 42 -17.03 -46.30 5.25
C ASP G 42 -18.03 -46.24 4.09
N THR G 43 -18.10 -45.11 3.39
CA THR G 43 -19.03 -45.00 2.27
C THR G 43 -18.43 -45.50 0.95
N GLN G 44 -17.11 -45.74 0.91
CA GLN G 44 -16.41 -46.19 -0.29
C GLN G 44 -16.66 -45.28 -1.49
N GLN G 45 -16.71 -43.97 -1.24
CA GLN G 45 -16.91 -43.00 -2.30
C GLN G 45 -15.66 -42.15 -2.47
N ILE G 46 -15.35 -41.84 -3.73
CA ILE G 46 -14.22 -40.97 -4.05
C ILE G 46 -14.53 -39.56 -3.56
N VAL G 47 -13.72 -39.07 -2.62
CA VAL G 47 -13.90 -37.72 -2.09
C VAL G 47 -12.85 -36.75 -2.62
N TYR G 48 -11.66 -37.21 -2.98
CA TYR G 48 -10.71 -36.32 -3.64
C TYR G 48 -10.10 -37.03 -4.83
N ALA G 49 -9.84 -36.28 -5.88
CA ALA G 49 -9.17 -36.82 -7.06
C ALA G 49 -8.20 -35.79 -7.62
N SER G 50 -7.03 -36.27 -8.03
CA SER G 50 -6.08 -35.40 -8.70
C SER G 50 -6.62 -34.98 -10.07
N ALA G 51 -6.17 -33.81 -10.53
CA ALA G 51 -6.74 -33.21 -11.73
C ALA G 51 -6.52 -34.08 -12.97
N ASN G 52 -5.41 -34.83 -13.03
CA ASN G 52 -5.08 -35.61 -14.21
C ASN G 52 -5.54 -37.06 -14.14
N SER G 53 -6.45 -37.39 -13.21
CA SER G 53 -6.90 -38.76 -13.08
C SER G 53 -7.51 -39.27 -14.39
N ALA G 54 -8.08 -38.37 -15.20
CA ALA G 54 -8.72 -38.78 -16.45
C ALA G 54 -7.75 -39.49 -17.38
N GLU G 55 -6.58 -38.89 -17.61
CA GLU G 55 -5.63 -39.48 -18.54
C GLU G 55 -4.97 -40.74 -17.97
N TYR G 56 -5.16 -41.03 -16.67
CA TYR G 56 -4.64 -42.25 -16.05
C TYR G 56 -5.71 -43.33 -15.93
N PHE G 57 -6.86 -43.02 -15.35
CA PHE G 57 -7.89 -44.04 -15.21
C PHE G 57 -8.63 -44.35 -16.50
N SER G 58 -8.46 -43.53 -17.55
CA SER G 58 -8.99 -43.91 -18.85
C SER G 58 -8.39 -45.24 -19.31
N VAL G 59 -7.22 -45.58 -18.79
CA VAL G 59 -6.57 -46.84 -19.14
C VAL G 59 -7.28 -48.03 -18.48
N ALA G 60 -7.89 -47.82 -17.32
CA ALA G 60 -8.61 -48.90 -16.64
C ALA G 60 -10.09 -48.95 -17.01
N ASP G 61 -10.72 -47.79 -17.20
CA ASP G 61 -12.13 -47.71 -17.59
C ASP G 61 -12.26 -46.60 -18.63
N ASN G 62 -12.48 -46.98 -19.89
CA ASN G 62 -12.47 -46.02 -20.99
C ASN G 62 -13.63 -45.06 -20.97
N THR G 63 -14.58 -45.19 -20.03
CA THR G 63 -15.67 -44.24 -19.94
C THR G 63 -15.22 -42.94 -19.30
N ILE G 64 -13.97 -42.84 -18.88
CA ILE G 64 -13.43 -41.63 -18.30
C ILE G 64 -12.66 -40.90 -19.39
N HIS G 65 -13.07 -39.67 -19.66
CA HIS G 65 -12.51 -38.75 -20.65
C HIS G 65 -12.13 -37.41 -20.02
N GLU G 66 -12.92 -36.95 -19.05
CA GLU G 66 -12.65 -35.74 -18.30
C GLU G 66 -12.68 -36.07 -16.81
N LEU G 67 -12.15 -35.13 -16.03
CA LEU G 67 -12.18 -35.27 -14.58
C LEU G 67 -13.58 -35.48 -14.05
N SER G 68 -14.58 -34.85 -14.67
CA SER G 68 -15.95 -34.90 -14.17
C SER G 68 -16.54 -36.29 -14.20
N ASP G 69 -16.01 -37.17 -15.06
CA ASP G 69 -16.53 -38.52 -15.17
C ASP G 69 -16.28 -39.33 -13.91
N ILE G 70 -15.27 -38.97 -13.13
CA ILE G 70 -14.94 -39.72 -11.93
C ILE G 70 -16.04 -39.63 -10.88
N LYS G 71 -16.64 -38.44 -10.72
CA LYS G 71 -17.74 -38.30 -9.77
C LYS G 71 -18.82 -39.34 -10.01
N GLN G 72 -19.12 -39.60 -11.28
CA GLN G 72 -20.11 -40.59 -11.66
C GLN G 72 -19.52 -41.98 -11.85
N ALA G 73 -18.24 -42.16 -11.50
CA ALA G 73 -17.61 -43.47 -11.64
C ALA G 73 -17.70 -44.26 -10.34
N ASN G 74 -17.62 -45.59 -10.48
CA ASN G 74 -17.63 -46.52 -9.37
C ASN G 74 -16.21 -47.04 -9.14
N ILE G 75 -15.75 -47.00 -7.89
CA ILE G 75 -14.37 -47.36 -7.60
C ILE G 75 -14.07 -48.79 -8.03
N ASN G 76 -15.06 -49.69 -7.95
CA ASN G 76 -14.86 -51.07 -8.35
C ASN G 76 -14.51 -51.19 -9.83
N SER G 77 -14.88 -50.19 -10.65
CA SER G 77 -14.52 -50.15 -12.07
C SER G 77 -13.12 -49.62 -12.30
N LEU G 78 -12.57 -48.86 -11.36
CA LEU G 78 -11.29 -48.17 -11.54
C LEU G 78 -10.10 -48.95 -10.98
N LEU G 79 -10.25 -49.61 -9.85
CA LEU G 79 -9.14 -50.28 -9.20
C LEU G 79 -9.23 -51.78 -9.36
N PRO G 80 -8.12 -52.50 -9.19
CA PRO G 80 -8.19 -53.97 -9.22
C PRO G 80 -8.90 -54.49 -7.98
N GLU G 81 -9.67 -55.57 -8.17
CA GLU G 81 -10.40 -56.16 -7.05
C GLU G 81 -9.45 -56.54 -5.93
N HIS G 82 -8.25 -57.02 -6.30
CA HIS G 82 -7.25 -57.41 -5.32
C HIS G 82 -6.89 -56.25 -4.41
N LEU G 83 -6.72 -55.05 -4.99
CA LEU G 83 -6.33 -53.89 -4.20
C LEU G 83 -7.45 -53.42 -3.28
N ILE G 84 -8.70 -53.39 -3.78
CA ILE G 84 -9.82 -52.93 -2.96
C ILE G 84 -10.04 -53.87 -1.78
N SER G 85 -10.08 -55.17 -2.05
CA SER G 85 -10.27 -56.12 -0.95
C SER G 85 -9.09 -56.13 0.01
N GLY G 86 -7.87 -55.90 -0.49
CA GLY G 86 -6.73 -55.82 0.39
C GLY G 86 -6.74 -54.59 1.29
N LEU G 87 -7.20 -53.45 0.75
CA LEU G 87 -7.31 -52.25 1.57
C LEU G 87 -8.44 -52.37 2.59
N ALA G 88 -9.57 -52.97 2.20
CA ALA G 88 -10.70 -53.05 3.11
C ALA G 88 -10.37 -53.89 4.34
N SER G 89 -9.66 -55.00 4.14
CA SER G 89 -9.36 -55.96 5.18
C SER G 89 -8.10 -55.64 5.99
N ALA G 90 -7.28 -54.70 5.55
CA ALA G 90 -6.07 -54.34 6.28
C ALA G 90 -6.41 -53.64 7.59
N ILE G 91 -5.66 -53.96 8.63
CA ILE G 91 -5.94 -53.45 9.97
C ILE G 91 -4.93 -52.39 10.42
N ARG G 92 -3.69 -52.47 9.97
CA ARG G 92 -2.70 -51.44 10.28
C ARG G 92 -2.79 -50.31 9.26
N GLU G 93 -2.60 -49.08 9.72
CA GLU G 93 -2.65 -47.90 8.88
C GLU G 93 -1.28 -47.57 8.29
N ASN G 94 -1.28 -46.89 7.14
CA ASN G 94 -0.07 -46.34 6.48
C ASN G 94 0.95 -47.43 6.15
N GLU G 95 0.47 -48.58 5.70
CA GLU G 95 1.32 -49.66 5.20
C GLU G 95 0.98 -49.89 3.73
N PRO G 96 1.76 -49.35 2.79
CA PRO G 96 1.32 -49.36 1.38
C PRO G 96 1.29 -50.76 0.76
N ILE G 97 0.23 -51.01 0.00
CA ILE G 97 0.03 -52.21 -0.79
C ILE G 97 0.32 -51.90 -2.25
N TRP G 98 1.08 -52.78 -2.92
CA TRP G 98 1.54 -52.58 -4.28
C TRP G 98 0.92 -53.64 -5.18
N VAL G 99 0.04 -53.21 -6.10
CA VAL G 99 -0.71 -54.13 -6.96
C VAL G 99 -0.57 -53.69 -8.41
N GLU G 100 -0.27 -54.63 -9.30
CA GLU G 100 -0.08 -54.30 -10.70
C GLU G 100 -1.12 -54.94 -11.61
N THR G 101 -1.40 -54.24 -12.72
CA THR G 101 -2.14 -54.74 -13.87
C THR G 101 -1.18 -54.73 -15.07
N ASP G 102 -1.71 -55.01 -16.26
CA ASP G 102 -0.87 -55.00 -17.46
C ASP G 102 -0.42 -53.60 -17.85
N ARG G 103 -1.23 -52.57 -17.54
CA ARG G 103 -0.98 -51.20 -17.94
C ARG G 103 -0.75 -50.23 -16.77
N LEU G 104 -1.14 -50.57 -15.55
CA LEU G 104 -1.08 -49.66 -14.42
C LEU G 104 -0.39 -50.30 -13.23
N SER G 105 0.12 -49.44 -12.33
CA SER G 105 0.82 -49.84 -11.11
C SER G 105 0.25 -49.03 -9.95
N PHE G 106 -0.46 -49.70 -9.04
CA PHE G 106 -1.16 -49.05 -7.94
C PHE G 106 -0.39 -49.21 -6.64
N LEU G 107 -0.42 -48.14 -5.83
CA LEU G 107 0.15 -48.13 -4.49
C LEU G 107 -0.88 -47.46 -3.59
N GLY G 108 -1.57 -48.25 -2.78
CA GLY G 108 -2.65 -47.74 -1.95
C GLY G 108 -2.44 -48.11 -0.51
N TRP G 109 -2.89 -47.24 0.39
CA TRP G 109 -2.80 -47.50 1.82
C TRP G 109 -4.01 -46.92 2.54
N ARG G 110 -4.05 -47.17 3.85
CA ARG G 110 -5.11 -46.75 4.74
C ARG G 110 -4.59 -45.62 5.61
N HIS G 111 -5.25 -44.47 5.59
CA HIS G 111 -4.87 -43.35 6.44
C HIS G 111 -6.12 -42.78 7.07
N GLU G 112 -6.25 -42.92 8.39
CA GLU G 112 -7.38 -42.35 9.12
C GLU G 112 -8.71 -42.81 8.53
N ASN G 113 -9.52 -41.84 8.08
CA ASN G 113 -10.84 -42.08 7.52
C ASN G 113 -10.83 -42.43 6.05
N TYR G 114 -9.67 -42.50 5.41
CA TYR G 114 -9.60 -42.64 3.97
C TYR G 114 -8.68 -43.78 3.51
N TYR G 115 -8.94 -44.22 2.29
CA TYR G 115 -7.99 -44.97 1.49
C TYR G 115 -7.33 -44.00 0.52
N ILE G 116 -6.01 -44.01 0.47
CA ILE G 116 -5.28 -43.16 -0.46
C ILE G 116 -4.64 -44.08 -1.49
N ILE G 117 -4.93 -43.85 -2.77
CA ILE G 117 -4.43 -44.71 -3.84
C ILE G 117 -3.69 -43.84 -4.83
N GLU G 118 -2.41 -44.15 -5.07
CA GLU G 118 -1.63 -43.57 -6.14
C GLU G 118 -1.53 -44.58 -7.29
N VAL G 119 -1.49 -44.07 -8.51
CA VAL G 119 -1.40 -44.93 -9.68
C VAL G 119 -0.41 -44.33 -10.69
N GLU G 120 0.44 -45.18 -11.24
CA GLU G 120 1.41 -44.79 -12.25
C GLU G 120 1.23 -45.68 -13.46
N ARG G 121 1.68 -45.21 -14.63
CA ARG G 121 1.67 -46.11 -15.78
C ARG G 121 2.79 -47.13 -15.64
N TYR G 122 2.58 -48.30 -16.24
CA TYR G 122 3.52 -49.38 -15.99
C TYR G 122 3.59 -50.31 -17.19
N HIS G 123 4.81 -50.68 -17.54
CA HIS G 123 5.11 -51.58 -18.64
C HIS G 123 5.97 -52.69 -18.07
N VAL G 124 5.54 -53.95 -18.19
CA VAL G 124 6.31 -55.03 -17.60
C VAL G 124 7.57 -55.29 -18.42
N GLN G 125 8.71 -55.27 -17.74
CA GLN G 125 10.03 -55.50 -18.31
C GLN G 125 10.65 -56.70 -17.61
N THR G 126 10.96 -57.74 -18.37
CA THR G 126 11.49 -58.98 -17.83
C THR G 126 12.97 -59.06 -18.20
N SER G 127 13.83 -59.00 -17.18
CA SER G 127 15.27 -59.12 -17.37
C SER G 127 15.93 -59.43 -16.03
N ASN G 128 17.14 -59.95 -16.11
CA ASN G 128 17.94 -60.26 -14.94
C ASN G 128 18.76 -59.07 -14.46
N TRP G 129 18.48 -57.88 -14.99
CA TRP G 129 19.32 -56.74 -14.68
C TRP G 129 19.29 -56.42 -13.19
N PHE G 130 18.12 -56.54 -12.57
CA PHE G 130 18.03 -56.17 -11.16
C PHE G 130 18.76 -57.15 -10.27
N GLU G 131 18.63 -58.45 -10.54
CA GLU G 131 19.32 -59.44 -9.72
C GLU G 131 20.83 -59.34 -9.89
N ILE G 132 21.29 -59.03 -11.11
CA ILE G 132 22.72 -58.83 -11.30
C ILE G 132 23.20 -57.63 -10.50
N GLN G 133 22.49 -56.49 -10.63
CA GLN G 133 22.91 -55.29 -9.91
C GLN G 133 22.87 -55.47 -8.41
N PHE G 134 21.84 -56.16 -7.91
CA PHE G 134 21.70 -56.46 -6.49
C PHE G 134 22.85 -57.32 -5.99
N GLN G 135 23.21 -58.36 -6.73
CA GLN G 135 24.32 -59.21 -6.30
C GLN G 135 25.63 -58.43 -6.28
N ARG G 136 25.86 -57.57 -7.29
CA ARG G 136 27.08 -56.77 -7.30
C ARG G 136 27.16 -55.84 -6.10
N ALA G 137 26.05 -55.15 -5.78
CA ALA G 137 26.06 -54.20 -4.68
C ALA G 137 26.42 -54.87 -3.36
N PHE G 138 25.81 -56.04 -3.09
CA PHE G 138 26.09 -56.75 -1.85
C PHE G 138 27.53 -57.26 -1.84
N GLN G 139 28.00 -57.81 -2.96
CA GLN G 139 29.37 -58.30 -3.00
C GLN G 139 30.37 -57.20 -2.70
N LYS G 140 30.16 -56.02 -3.31
CA LYS G 140 31.08 -54.90 -3.10
C LYS G 140 30.97 -54.32 -1.69
N LEU G 141 29.76 -54.22 -1.15
CA LEU G 141 29.61 -53.67 0.20
C LEU G 141 30.23 -54.58 1.26
N ARG G 142 30.28 -55.88 0.99
CA ARG G 142 30.94 -56.82 1.90
C ARG G 142 32.46 -56.65 1.91
N ASN G 143 33.05 -56.16 0.81
CA ASN G 143 34.50 -55.92 0.77
C ASN G 143 34.93 -54.70 1.57
N CYS G 144 34.01 -53.82 1.94
CA CYS G 144 34.40 -52.58 2.61
C CYS G 144 34.78 -52.84 4.06
N LYS G 145 35.98 -52.36 4.42
CA LYS G 145 36.53 -52.60 5.74
C LYS G 145 36.65 -51.32 6.56
N THR G 146 36.44 -50.15 5.95
CA THR G 146 36.56 -48.86 6.63
C THR G 146 35.34 -47.99 6.32
N HIS G 147 35.02 -47.10 7.27
CA HIS G 147 33.91 -46.18 7.07
C HIS G 147 34.05 -45.42 5.76
N ASN G 148 35.25 -44.93 5.46
CA ASN G 148 35.45 -44.12 4.27
C ASN G 148 35.20 -44.94 2.99
N ASP G 149 35.73 -46.16 2.94
CA ASP G 149 35.50 -47.03 1.78
C ASP G 149 34.02 -47.33 1.58
N LEU G 150 33.28 -47.49 2.67
CA LEU G 150 31.89 -47.91 2.55
C LEU G 150 31.03 -46.84 1.89
N ILE G 151 31.12 -45.60 2.38
CA ILE G 151 30.27 -44.53 1.84
C ILE G 151 30.61 -44.28 0.37
N ASN G 152 31.90 -44.34 0.02
CA ASN G 152 32.28 -44.12 -1.37
C ASN G 152 31.79 -45.24 -2.27
N THR G 153 31.90 -46.50 -1.81
CA THR G 153 31.37 -47.59 -2.61
C THR G 153 29.86 -47.48 -2.76
N LEU G 154 29.17 -47.08 -1.68
CA LEU G 154 27.72 -46.93 -1.73
C LEU G 154 27.32 -45.84 -2.72
N THR G 155 28.04 -44.72 -2.71
CA THR G 155 27.69 -43.63 -3.63
C THR G 155 27.95 -44.03 -5.08
N ARG G 156 29.06 -44.72 -5.35
CA ARG G 156 29.29 -45.21 -6.71
C ARG G 156 28.22 -46.20 -7.13
N LEU G 157 27.80 -47.08 -6.23
CA LEU G 157 26.80 -48.08 -6.56
C LEU G 157 25.46 -47.43 -6.86
N ILE G 158 25.05 -46.46 -6.04
CA ILE G 158 23.80 -45.77 -6.28
C ILE G 158 23.82 -45.10 -7.65
N GLN G 159 24.96 -44.50 -8.02
CA GLN G 159 25.01 -43.88 -9.35
C GLN G 159 24.91 -44.93 -10.47
N GLU G 160 25.61 -46.05 -10.32
CA GLU G 160 25.52 -47.09 -11.35
C GLU G 160 24.11 -47.63 -11.49
N ILE G 161 23.38 -47.75 -10.38
CA ILE G 161 22.03 -48.32 -10.43
C ILE G 161 21.04 -47.32 -11.02
N SER G 162 21.09 -46.07 -10.55
CA SER G 162 20.08 -45.08 -10.94
C SER G 162 20.45 -44.32 -12.20
N GLY G 163 21.74 -44.16 -12.50
CA GLY G 163 22.17 -43.40 -13.65
C GLY G 163 22.13 -41.90 -13.49
N TYR G 164 21.89 -41.40 -12.27
CA TYR G 164 21.84 -39.97 -12.01
C TYR G 164 23.23 -39.34 -12.13
N ASP G 165 23.24 -38.06 -12.51
CA ASP G 165 24.49 -37.38 -12.81
C ASP G 165 25.36 -37.21 -11.56
N ARG G 166 24.76 -36.80 -10.45
CA ARG G 166 25.49 -36.57 -9.22
C ARG G 166 24.80 -37.31 -8.09
N VAL G 167 25.59 -37.98 -7.23
CA VAL G 167 25.06 -38.64 -6.04
C VAL G 167 25.94 -38.25 -4.86
N MET G 168 25.32 -37.71 -3.82
CA MET G 168 26.02 -37.26 -2.63
C MET G 168 25.45 -37.96 -1.41
N ILE G 169 26.22 -37.94 -0.34
CA ILE G 169 25.77 -38.39 0.98
C ILE G 169 25.92 -37.22 1.94
N TYR G 170 24.79 -36.73 2.45
CA TYR G 170 24.81 -35.77 3.53
C TYR G 170 24.83 -36.56 4.84
N GLN G 171 25.71 -36.15 5.75
CA GLN G 171 25.69 -36.62 7.12
C GLN G 171 25.28 -35.47 8.02
N PHE G 172 24.35 -35.72 8.93
CA PHE G 172 23.91 -34.72 9.89
C PHE G 172 24.83 -34.77 11.09
N ASP G 173 25.10 -33.61 11.67
CA ASP G 173 25.80 -33.48 12.93
C ASP G 173 24.77 -33.28 14.04
N PRO G 174 25.18 -33.29 15.32
CA PRO G 174 24.18 -33.23 16.40
C PRO G 174 23.06 -32.22 16.21
N GLU G 175 23.36 -31.09 15.57
CA GLU G 175 22.41 -29.99 15.43
C GLU G 175 21.68 -30.00 14.09
N TRP G 176 21.80 -31.08 13.32
CA TRP G 176 21.10 -31.29 12.06
C TRP G 176 21.67 -30.44 10.91
N ASN G 177 22.87 -29.88 11.07
CA ASN G 177 23.57 -29.31 9.92
C ASN G 177 24.16 -30.43 9.06
N GLY G 178 24.26 -30.18 7.77
CA GLY G 178 24.64 -31.21 6.80
C GLY G 178 26.06 -31.01 6.27
N ARG G 179 26.77 -32.12 6.10
CA ARG G 179 28.05 -32.10 5.38
C ARG G 179 28.07 -33.20 4.34
N VAL G 180 28.61 -32.90 3.17
CA VAL G 180 28.72 -33.87 2.09
C VAL G 180 30.00 -34.68 2.31
N ILE G 181 29.86 -35.93 2.77
CA ILE G 181 31.03 -36.70 3.17
C ILE G 181 31.59 -37.56 2.05
N ALA G 182 30.81 -37.80 1.00
CA ALA G 182 31.32 -38.55 -0.15
C ALA G 182 30.40 -38.27 -1.32
N GLU G 183 30.99 -38.31 -2.51
CA GLU G 183 30.30 -37.89 -3.73
C GLU G 183 30.79 -38.74 -4.88
N SER G 184 29.92 -38.92 -5.87
CA SER G 184 30.25 -39.66 -7.09
C SER G 184 29.51 -38.98 -8.22
N VAL G 185 30.24 -38.30 -9.11
CA VAL G 185 29.62 -37.41 -10.09
C VAL G 185 30.29 -37.55 -11.44
N ARG G 186 29.53 -37.26 -12.50
CA ARG G 186 30.02 -37.34 -13.86
C ARG G 186 31.02 -36.21 -14.14
N GLN G 187 31.73 -36.33 -15.26
CA GLN G 187 32.66 -35.30 -15.68
C GLN G 187 31.91 -34.02 -16.02
N LEU G 188 32.61 -32.89 -15.88
CA LEU G 188 32.07 -31.57 -16.17
C LEU G 188 31.06 -31.13 -15.10
N PHE G 189 31.33 -31.48 -13.84
CA PHE G 189 30.49 -31.06 -12.73
C PHE G 189 31.32 -30.49 -11.60
N THR G 190 30.80 -29.44 -10.97
CA THR G 190 31.44 -28.89 -9.78
C THR G 190 31.43 -29.91 -8.65
N SER G 191 32.59 -30.12 -8.05
CA SER G 191 32.68 -31.03 -6.91
C SER G 191 32.01 -30.44 -5.69
N MET G 192 31.06 -31.18 -5.11
CA MET G 192 30.37 -30.78 -3.90
C MET G 192 30.97 -31.40 -2.64
N LEU G 193 32.08 -32.11 -2.76
CA LEU G 193 32.67 -32.78 -1.61
C LEU G 193 33.08 -31.78 -0.53
N ASN G 194 32.74 -32.10 0.71
CA ASN G 194 33.04 -31.35 1.93
C ASN G 194 32.26 -30.05 2.06
N HIS G 195 31.22 -29.86 1.26
CA HIS G 195 30.42 -28.66 1.39
CA HIS G 195 30.36 -28.69 1.35
C HIS G 195 29.49 -28.78 2.60
N HIS G 196 29.36 -27.68 3.33
CA HIS G 196 28.50 -27.62 4.51
C HIS G 196 27.21 -26.91 4.16
N PHE G 197 26.12 -27.35 4.75
CA PHE G 197 24.90 -26.56 4.67
C PHE G 197 24.26 -26.49 6.04
N PRO G 198 23.59 -25.39 6.35
CA PRO G 198 23.02 -25.21 7.69
C PRO G 198 21.76 -26.04 7.88
N ALA G 199 21.46 -26.31 9.15
CA ALA G 199 20.30 -27.13 9.47
C ALA G 199 19.02 -26.53 8.90
N SER G 200 18.96 -25.20 8.82
CA SER G 200 17.75 -24.55 8.33
C SER G 200 17.42 -24.92 6.90
N ASP G 201 18.37 -25.51 6.17
CA ASP G 201 18.17 -25.80 4.76
C ASP G 201 17.22 -26.98 4.55
N ILE G 202 17.17 -27.90 5.51
CA ILE G 202 16.19 -28.98 5.49
C ILE G 202 15.30 -28.81 6.71
N PRO G 203 14.07 -28.33 6.56
CA PRO G 203 13.17 -28.17 7.72
C PRO G 203 12.97 -29.49 8.46
N ALA G 204 12.58 -29.36 9.75
CA ALA G 204 12.38 -30.54 10.58
C ALA G 204 11.34 -31.48 9.99
N GLN G 205 10.21 -30.93 9.53
CA GLN G 205 9.19 -31.77 8.93
C GLN G 205 9.68 -32.43 7.64
N ALA G 206 10.72 -31.88 7.02
CA ALA G 206 11.26 -32.55 5.84
C ALA G 206 12.11 -33.76 6.24
N ARG G 207 12.90 -33.62 7.31
CA ARG G 207 13.59 -34.78 7.84
C ARG G 207 12.62 -35.85 8.32
N ALA G 208 11.51 -35.42 8.93
CA ALA G 208 10.52 -36.38 9.43
C ALA G 208 9.98 -37.25 8.31
N MET G 209 9.79 -36.70 7.11
CA MET G 209 9.15 -37.44 6.03
C MET G 209 9.95 -38.68 5.65
N TYR G 210 11.28 -38.63 5.81
CA TYR G 210 12.08 -39.81 5.49
C TYR G 210 11.75 -40.97 6.42
N SER G 211 11.20 -40.68 7.59
CA SER G 211 10.76 -41.72 8.51
C SER G 211 9.40 -42.30 8.15
N ILE G 212 8.62 -41.61 7.32
CA ILE G 212 7.32 -42.12 6.86
C ILE G 212 7.46 -42.92 5.56
N ASN G 213 8.29 -42.43 4.65
CA ASN G 213 8.66 -43.09 3.41
C ASN G 213 10.14 -42.82 3.20
N PRO G 214 10.98 -43.86 3.14
CA PRO G 214 12.43 -43.62 3.15
C PRO G 214 12.96 -43.06 1.85
N ILE G 215 12.14 -43.02 0.80
CA ILE G 215 12.56 -42.43 -0.46
C ILE G 215 11.66 -41.25 -0.78
N ARG G 216 12.25 -40.24 -1.41
CA ARG G 216 11.57 -39.04 -1.88
C ARG G 216 11.97 -38.84 -3.32
N ILE G 217 10.98 -38.58 -4.18
CA ILE G 217 11.18 -38.62 -5.62
C ILE G 217 10.60 -37.37 -6.26
N ILE G 218 11.42 -36.66 -7.01
CA ILE G 218 11.03 -35.49 -7.79
C ILE G 218 11.53 -35.77 -9.19
N PRO G 219 10.70 -36.32 -10.08
CA PRO G 219 11.20 -36.72 -11.40
C PRO G 219 11.36 -35.58 -12.37
N ASP G 220 10.85 -34.39 -12.04
CA ASP G 220 10.86 -33.25 -12.97
C ASP G 220 10.49 -31.99 -12.20
N VAL G 221 11.48 -31.13 -11.94
CA VAL G 221 11.24 -29.94 -11.11
C VAL G 221 10.41 -28.88 -11.83
N ASN G 222 10.22 -29.02 -13.13
CA ASN G 222 9.48 -28.04 -13.89
C ASN G 222 8.11 -28.53 -14.29
N ALA G 223 7.69 -29.67 -13.77
CA ALA G 223 6.37 -30.19 -14.10
C ALA G 223 5.33 -29.50 -13.25
N GLU G 224 4.18 -29.22 -13.86
CA GLU G 224 3.14 -28.42 -13.20
C GLU G 224 2.37 -29.30 -12.22
N PRO G 225 2.37 -28.97 -10.93
CA PRO G 225 1.62 -29.79 -9.96
C PRO G 225 0.14 -29.85 -10.29
N GLN G 226 -0.44 -31.04 -10.10
CA GLN G 226 -1.86 -31.27 -10.33
C GLN G 226 -2.56 -31.24 -8.99
N PRO G 227 -3.53 -30.36 -8.79
CA PRO G 227 -4.17 -30.25 -7.48
C PRO G 227 -5.25 -31.30 -7.27
N LEU G 228 -5.57 -31.51 -5.99
CA LEU G 228 -6.59 -32.47 -5.56
C LEU G 228 -7.95 -31.78 -5.58
N HIS G 229 -8.86 -32.28 -6.40
CA HIS G 229 -10.20 -31.73 -6.51
C HIS G 229 -11.19 -32.55 -5.70
N MET G 230 -12.09 -31.85 -5.01
CA MET G 230 -13.13 -32.54 -4.28
C MET G 230 -14.13 -33.14 -5.26
N ILE G 231 -14.54 -34.38 -5.00
CA ILE G 231 -15.47 -35.09 -5.87
C ILE G 231 -16.83 -35.16 -5.20
N HIS G 232 -16.97 -36.07 -4.24
CA HIS G 232 -18.10 -36.06 -3.31
C HIS G 232 -17.64 -35.50 -1.97
N LYS G 233 -18.51 -34.74 -1.31
CA LYS G 233 -18.12 -34.05 -0.09
C LYS G 233 -17.78 -35.04 1.02
N PRO G 234 -16.62 -34.95 1.66
CA PRO G 234 -16.30 -35.82 2.78
C PRO G 234 -16.88 -35.30 4.09
N GLN G 235 -17.04 -36.21 5.08
CA GLN G 235 -17.58 -35.77 6.36
C GLN G 235 -16.61 -34.86 7.11
N ASN G 236 -15.31 -35.06 6.95
CA ASN G 236 -14.32 -34.16 7.51
C ASN G 236 -13.56 -33.51 6.36
N THR G 237 -13.63 -32.19 6.27
CA THR G 237 -13.04 -31.44 5.17
C THR G 237 -11.58 -31.09 5.39
N GLU G 238 -10.99 -31.43 6.55
CA GLU G 238 -9.57 -31.16 6.77
C GLU G 238 -8.74 -31.83 5.68
N ALA G 239 -7.60 -31.21 5.39
CA ALA G 239 -6.71 -31.74 4.36
C ALA G 239 -6.15 -33.10 4.79
N VAL G 240 -5.86 -33.93 3.78
CA VAL G 240 -5.42 -35.31 3.98
C VAL G 240 -3.91 -35.38 3.94
N ASN G 241 -3.31 -36.05 4.92
CA ASN G 241 -1.86 -36.25 4.92
C ASN G 241 -1.48 -37.20 3.78
N LEU G 242 -0.61 -36.73 2.89
CA LEU G 242 -0.23 -37.49 1.71
C LEU G 242 1.16 -38.11 1.83
N SER G 243 1.75 -38.09 3.02
CA SER G 243 3.19 -38.32 3.14
C SER G 243 3.60 -39.77 2.97
N SER G 244 2.67 -40.73 3.01
CA SER G 244 3.11 -42.13 2.92
C SER G 244 3.42 -42.55 1.49
N GLY G 245 3.00 -41.78 0.49
CA GLY G 245 3.28 -42.10 -0.90
C GLY G 245 4.43 -41.29 -1.48
N VAL G 246 4.55 -41.38 -2.79
CA VAL G 246 5.65 -40.75 -3.51
C VAL G 246 5.20 -39.62 -4.42
N LEU G 247 3.89 -39.49 -4.66
CA LEU G 247 3.33 -38.47 -5.53
C LEU G 247 3.17 -37.12 -4.84
N ARG G 248 3.37 -37.06 -3.52
CA ARG G 248 3.20 -35.82 -2.77
C ARG G 248 3.95 -34.66 -3.43
N ALA G 249 3.22 -33.56 -3.66
CA ALA G 249 3.74 -32.40 -4.37
C ALA G 249 4.87 -31.72 -3.58
N VAL G 250 5.72 -31.01 -4.31
CA VAL G 250 6.93 -30.41 -3.74
C VAL G 250 6.72 -28.92 -3.49
N SER G 251 7.29 -28.42 -2.39
CA SER G 251 7.22 -27.01 -2.07
C SER G 251 7.90 -26.20 -3.17
N PRO G 252 7.22 -25.21 -3.76
CA PRO G 252 7.83 -24.45 -4.87
C PRO G 252 9.17 -23.84 -4.53
N LEU G 253 9.40 -23.50 -3.26
CA LEU G 253 10.71 -23.08 -2.80
C LEU G 253 11.80 -24.07 -3.20
N HIS G 254 11.59 -25.36 -2.86
CA HIS G 254 12.62 -26.36 -3.13
C HIS G 254 12.78 -26.59 -4.63
N MET G 255 11.69 -26.52 -5.38
CA MET G 255 11.80 -26.62 -6.84
C MET G 255 12.69 -25.52 -7.40
N GLN G 256 12.50 -24.28 -6.93
CA GLN G 256 13.37 -23.20 -7.37
C GLN G 256 14.82 -23.42 -6.94
N TYR G 257 15.03 -23.84 -5.69
CA TYR G 257 16.39 -24.11 -5.24
C TYR G 257 17.09 -25.09 -6.16
N LEU G 258 16.39 -26.17 -6.54
CA LEU G 258 16.98 -27.17 -7.41
C LEU G 258 17.25 -26.59 -8.80
N ARG G 259 16.33 -25.76 -9.30
CA ARG G 259 16.56 -25.11 -10.59
C ARG G 259 17.85 -24.29 -10.57
N ASN G 260 18.02 -23.47 -9.53
CA ASN G 260 19.20 -22.59 -9.44
C ASN G 260 20.50 -23.38 -9.36
N PHE G 261 20.43 -24.65 -8.96
CA PHE G 261 21.58 -25.51 -8.86
C PHE G 261 21.82 -26.33 -10.12
N GLY G 262 20.99 -26.16 -11.15
CA GLY G 262 21.13 -26.92 -12.38
C GLY G 262 20.54 -28.30 -12.33
N VAL G 263 19.60 -28.54 -11.42
CA VAL G 263 19.02 -29.86 -11.18
C VAL G 263 17.60 -29.86 -11.74
N SER G 264 17.30 -30.84 -12.59
CA SER G 264 15.95 -31.01 -13.10
C SER G 264 15.21 -32.17 -12.47
N ALA G 265 15.90 -33.06 -11.77
CA ALA G 265 15.28 -34.20 -11.12
C ALA G 265 16.13 -34.63 -9.93
N SER G 266 15.47 -35.01 -8.84
CA SER G 266 16.19 -35.47 -7.66
C SER G 266 15.49 -36.69 -7.06
N THR G 267 16.28 -37.52 -6.39
CA THR G 267 15.78 -38.67 -5.63
C THR G 267 16.64 -38.81 -4.39
N SER G 268 16.03 -38.74 -3.22
CA SER G 268 16.79 -38.85 -1.99
C SER G 268 16.26 -40.00 -1.13
N ILE G 269 17.19 -40.60 -0.38
CA ILE G 269 16.93 -41.80 0.41
C ILE G 269 17.50 -41.59 1.80
N GLY G 270 16.69 -41.91 2.82
CA GLY G 270 17.15 -41.74 4.20
C GLY G 270 18.10 -42.86 4.60
N ILE G 271 19.15 -42.48 5.34
CA ILE G 271 20.07 -43.43 5.96
C ILE G 271 19.76 -43.46 7.43
N PHE G 272 19.34 -44.63 7.94
CA PHE G 272 18.84 -44.74 9.30
C PHE G 272 19.74 -45.65 10.13
N ASN G 273 20.08 -45.19 11.34
CA ASN G 273 20.76 -46.00 12.34
C ASN G 273 19.72 -46.27 13.42
N GLU G 274 19.18 -47.49 13.42
CA GLU G 274 18.02 -47.85 14.24
C GLU G 274 16.87 -46.96 13.78
N ASP G 275 16.33 -46.09 14.63
CA ASP G 275 15.30 -45.15 14.19
C ASP G 275 15.80 -43.72 14.06
N GLU G 276 17.06 -43.45 14.38
CA GLU G 276 17.61 -42.12 14.15
C GLU G 276 17.96 -41.93 12.68
N LEU G 277 17.72 -40.73 12.17
CA LEU G 277 18.15 -40.38 10.83
C LEU G 277 19.61 -39.92 10.87
N TRP G 278 20.50 -40.67 10.21
CA TRP G 278 21.93 -40.41 10.24
C TRP G 278 22.39 -39.57 9.06
N GLY G 279 21.66 -39.62 7.95
CA GLY G 279 22.07 -38.89 6.77
C GLY G 279 21.10 -39.16 5.64
N ILE G 280 21.43 -38.59 4.47
CA ILE G 280 20.61 -38.74 3.27
C ILE G 280 21.54 -39.10 2.12
N VAL G 281 21.08 -40.01 1.26
CA VAL G 281 21.68 -40.21 -0.05
C VAL G 281 20.82 -39.42 -1.03
N ALA G 282 21.42 -38.46 -1.72
CA ALA G 282 20.72 -37.57 -2.63
C ALA G 282 21.27 -37.73 -4.03
N CYS G 283 20.39 -37.84 -5.01
CA CYS G 283 20.76 -38.00 -6.41
C CYS G 283 20.15 -36.87 -7.22
N HIS G 284 20.98 -36.09 -7.90
CA HIS G 284 20.56 -34.98 -8.74
C HIS G 284 20.90 -35.28 -10.19
N HIS G 285 20.02 -34.86 -11.10
CA HIS G 285 20.18 -35.05 -12.53
C HIS G 285 19.90 -33.76 -13.26
N THR G 286 20.73 -33.45 -14.27
CA THR G 286 20.65 -32.19 -14.99
C THR G 286 19.41 -32.10 -15.87
N LYS G 287 18.98 -33.21 -16.46
CA LYS G 287 17.73 -33.26 -17.20
C LYS G 287 16.72 -34.16 -16.48
N PRO G 288 15.42 -34.07 -16.81
CA PRO G 288 14.42 -34.88 -16.09
C PRO G 288 14.69 -36.38 -16.20
N ARG G 289 14.24 -37.11 -15.17
CA ARG G 289 14.54 -38.53 -15.08
C ARG G 289 13.46 -39.24 -14.25
N ALA G 290 12.96 -40.36 -14.78
CA ALA G 290 11.91 -41.13 -14.13
C ALA G 290 12.49 -42.45 -13.61
N ILE G 291 12.07 -42.84 -12.41
CA ILE G 291 12.55 -44.06 -11.77
C ILE G 291 11.35 -44.97 -11.52
N GLY G 292 11.43 -46.20 -12.02
CA GLY G 292 10.37 -47.18 -11.82
C GLY G 292 10.32 -47.67 -10.37
N ARG G 293 9.21 -48.33 -10.03
CA ARG G 293 9.05 -48.82 -8.66
C ARG G 293 10.12 -49.83 -8.28
N ARG G 294 10.51 -50.69 -9.23
CA ARG G 294 11.57 -51.66 -8.94
C ARG G 294 12.90 -50.98 -8.69
N ILE G 295 13.21 -49.92 -9.46
CA ILE G 295 14.45 -49.17 -9.23
C ILE G 295 14.44 -48.55 -7.84
N ARG G 296 13.28 -48.03 -7.42
CA ARG G 296 13.18 -47.45 -6.08
C ARG G 296 13.44 -48.50 -5.02
N ARG G 297 12.78 -49.66 -5.12
CA ARG G 297 13.01 -50.71 -4.15
C ARG G 297 14.49 -51.11 -4.12
N LEU G 298 15.11 -51.24 -5.29
CA LEU G 298 16.51 -51.64 -5.31
C LEU G 298 17.41 -50.61 -4.62
N LEU G 299 17.15 -49.32 -4.87
CA LEU G 299 17.93 -48.27 -4.21
C LEU G 299 17.74 -48.33 -2.71
N VAL G 300 16.49 -48.46 -2.26
CA VAL G 300 16.22 -48.42 -0.82
C VAL G 300 16.83 -49.65 -0.14
N ARG G 301 16.73 -50.81 -0.78
CA ARG G 301 17.32 -52.01 -0.19
C ARG G 301 18.84 -51.89 -0.15
N THR G 302 19.46 -51.32 -1.19
CA THR G 302 20.92 -51.18 -1.17
C THR G 302 21.36 -50.25 -0.05
N VAL G 303 20.63 -49.14 0.15
CA VAL G 303 20.96 -48.24 1.25
C VAL G 303 20.74 -48.93 2.60
N GLU G 304 19.67 -49.70 2.73
CA GLU G 304 19.39 -50.40 3.98
C GLU G 304 20.52 -51.38 4.30
N PHE G 305 20.99 -52.11 3.29
CA PHE G 305 22.10 -53.03 3.49
C PHE G 305 23.35 -52.28 3.88
N ALA G 306 23.64 -51.17 3.19
CA ALA G 306 24.83 -50.38 3.47
C ALA G 306 24.84 -49.83 4.89
N ALA G 307 23.69 -49.40 5.40
CA ALA G 307 23.65 -48.85 6.74
C ALA G 307 24.09 -49.87 7.79
N GLU G 308 23.60 -51.10 7.67
CA GLU G 308 23.94 -52.13 8.64
C GLU G 308 25.44 -52.36 8.68
N ARG G 309 26.04 -52.46 7.49
CA ARG G 309 27.48 -52.63 7.41
C ARG G 309 28.22 -51.45 8.02
N LEU G 310 27.66 -50.25 7.89
CA LEU G 310 28.31 -49.07 8.44
C LEU G 310 28.36 -49.11 9.97
N TRP G 311 27.25 -49.45 10.60
CA TRP G 311 27.25 -49.50 12.06
C TRP G 311 28.13 -50.64 12.55
N LEU G 312 28.22 -51.72 11.78
CA LEU G 312 29.16 -52.79 12.10
C LEU G 312 30.60 -52.30 12.00
N ILE G 313 30.92 -51.49 10.98
CA ILE G 313 32.31 -51.06 10.77
C ILE G 313 32.78 -50.13 11.87
N HIS G 314 31.98 -49.13 12.22
CA HIS G 314 32.42 -48.16 13.23
C HIS G 314 31.36 -47.84 14.28
N GLY H 8 -14.90 6.27 18.07
CA GLY H 8 -14.97 6.97 16.81
C GLY H 8 -15.95 6.34 15.83
N SER H 9 -15.58 6.36 14.54
CA SER H 9 -16.47 5.85 13.50
C SER H 9 -16.74 4.37 13.68
N ASP H 10 -15.70 3.62 14.04
CA ASP H 10 -15.81 2.19 14.24
C ASP H 10 -16.75 1.88 15.40
N ASP H 11 -16.64 2.64 16.48
CA ASP H 11 -17.49 2.46 17.64
C ASP H 11 -18.94 2.81 17.30
N ILE H 12 -19.15 3.90 16.55
CA ILE H 12 -20.51 4.32 16.19
C ILE H 12 -21.18 3.26 15.32
N SER H 13 -20.49 2.76 14.30
CA SER H 13 -21.10 1.73 13.44
C SER H 13 -21.39 0.47 14.23
N LYS H 14 -20.47 0.08 15.13
CA LYS H 14 -20.68 -1.12 15.94
C LYS H 14 -21.91 -0.99 16.83
N LEU H 15 -22.12 0.19 17.43
CA LEU H 15 -23.34 0.42 18.21
C LEU H 15 -24.58 0.41 17.36
N ILE H 16 -24.55 1.04 16.17
CA ILE H 16 -25.73 1.09 15.32
C ILE H 16 -26.16 -0.30 14.86
N ALA H 17 -25.21 -1.21 14.67
CA ALA H 17 -25.58 -2.56 14.22
C ALA H 17 -26.55 -3.24 15.19
N ALA H 18 -26.22 -3.25 16.48
CA ALA H 18 -26.95 -3.97 17.50
C ALA H 18 -27.84 -3.07 18.37
N CYS H 19 -28.21 -1.89 17.88
CA CYS H 19 -28.87 -0.90 18.73
C CYS H 19 -30.26 -1.34 19.18
N ASP H 20 -31.08 -1.89 18.29
CA ASP H 20 -32.46 -2.23 18.66
C ASP H 20 -32.52 -3.30 19.75
N GLN H 21 -31.48 -4.12 19.87
CA GLN H 21 -31.43 -5.15 20.88
C GLN H 21 -30.58 -4.75 22.07
N GLU H 22 -30.14 -3.50 22.11
CA GLU H 22 -29.27 -3.04 23.19
C GLU H 22 -30.05 -3.05 24.51
N PRO H 23 -29.48 -3.60 25.58
CA PRO H 23 -30.21 -3.61 26.85
C PRO H 23 -30.00 -2.31 27.63
N ILE H 24 -30.83 -1.32 27.32
CA ILE H 24 -30.64 0.01 27.90
C ILE H 24 -31.07 0.07 29.35
N HIS H 25 -31.75 -0.96 29.84
CA HIS H 25 -32.17 -0.98 31.24
C HIS H 25 -31.08 -1.42 32.19
N ILE H 26 -30.01 -2.03 31.71
CA ILE H 26 -28.96 -2.54 32.58
C ILE H 26 -27.58 -2.03 32.14
N PRO H 27 -27.38 -0.72 32.00
CA PRO H 27 -26.08 -0.23 31.53
C PRO H 27 -24.94 -0.36 32.53
N ASN H 28 -25.21 -0.81 33.75
CA ASN H 28 -24.18 -0.87 34.79
C ASN H 28 -23.41 0.44 34.91
N ALA H 29 -24.08 1.55 34.61
CA ALA H 29 -23.49 2.88 34.75
C ALA H 29 -24.60 3.90 34.94
N ILE H 30 -24.22 5.10 35.40
CA ILE H 30 -25.18 6.18 35.68
C ILE H 30 -24.64 7.50 35.14
N GLN H 31 -25.57 8.48 34.98
CA GLN H 31 -25.15 9.84 34.69
C GLN H 31 -24.59 10.49 35.93
N PRO H 32 -23.61 11.39 35.80
CA PRO H 32 -22.87 11.87 36.97
C PRO H 32 -23.54 13.01 37.73
N PHE H 33 -24.80 13.37 37.48
CA PHE H 33 -25.42 14.38 38.34
C PHE H 33 -25.97 13.80 39.65
N GLY H 34 -25.61 12.56 39.96
CA GLY H 34 -25.92 11.95 41.24
C GLY H 34 -25.06 10.72 41.42
N ALA H 35 -25.22 10.09 42.58
CA ALA H 35 -24.53 8.85 42.89
C ALA H 35 -25.55 7.75 43.17
N MET H 36 -25.10 6.51 43.07
CA MET H 36 -25.97 5.36 43.25
C MET H 36 -25.30 4.30 44.09
N LEU H 37 -26.05 3.75 45.04
CA LEU H 37 -25.67 2.54 45.77
C LEU H 37 -26.67 1.45 45.45
N ILE H 38 -26.18 0.22 45.32
CA ILE H 38 -27.02 -0.96 45.23
C ILE H 38 -26.60 -1.87 46.38
N VAL H 39 -27.56 -2.15 47.28
CA VAL H 39 -27.33 -2.86 48.53
C VAL H 39 -28.14 -4.15 48.48
N GLU H 40 -27.57 -5.25 48.98
CA GLU H 40 -28.34 -6.48 49.04
C GLU H 40 -29.29 -6.45 50.24
N LYS H 41 -30.54 -6.82 49.97
CA LYS H 41 -31.66 -6.55 50.87
C LYS H 41 -31.51 -7.26 52.21
N ASP H 42 -31.09 -8.53 52.21
CA ASP H 42 -31.10 -9.29 53.45
C ASP H 42 -29.88 -9.01 54.31
N THR H 43 -28.69 -8.97 53.73
CA THR H 43 -27.47 -8.75 54.49
C THR H 43 -27.15 -7.27 54.70
N GLN H 44 -27.88 -6.37 54.04
CA GLN H 44 -27.63 -4.94 54.13
C GLN H 44 -26.20 -4.59 53.75
N GLN H 45 -25.67 -5.24 52.73
CA GLN H 45 -24.31 -4.96 52.26
C GLN H 45 -24.35 -4.30 50.90
N ILE H 46 -23.47 -3.32 50.72
CA ILE H 46 -23.30 -2.63 49.45
C ILE H 46 -22.67 -3.58 48.45
N VAL H 47 -23.37 -3.85 47.36
CA VAL H 47 -22.82 -4.74 46.36
C VAL H 47 -22.34 -3.93 45.15
N TYR H 48 -22.95 -2.79 44.89
CA TYR H 48 -22.46 -1.92 43.83
C TYR H 48 -22.46 -0.47 44.27
N ALA H 49 -21.49 0.30 43.76
CA ALA H 49 -21.43 1.73 43.99
C ALA H 49 -21.01 2.43 42.72
N SER H 50 -21.63 3.57 42.44
CA SER H 50 -21.21 4.38 41.30
C SER H 50 -19.80 4.90 41.55
N ALA H 51 -19.06 5.15 40.45
CA ALA H 51 -17.65 5.49 40.58
C ALA H 51 -17.45 6.78 41.37
N ASN H 52 -18.40 7.70 41.32
CA ASN H 52 -18.30 9.00 41.96
C ASN H 52 -18.94 9.03 43.35
N SER H 53 -19.23 7.87 43.94
CA SER H 53 -19.93 7.83 45.23
C SER H 53 -19.21 8.62 46.32
N ALA H 54 -17.87 8.68 46.25
CA ALA H 54 -17.12 9.35 47.30
C ALA H 54 -17.49 10.83 47.39
N GLU H 55 -17.55 11.52 46.26
CA GLU H 55 -17.76 12.97 46.28
C GLU H 55 -19.18 13.34 46.72
N TYR H 56 -20.10 12.39 46.77
CA TYR H 56 -21.45 12.61 47.28
C TYR H 56 -21.61 12.16 48.73
N PHE H 57 -21.24 10.92 49.04
CA PHE H 57 -21.42 10.42 50.39
C PHE H 57 -20.41 10.99 51.37
N SER H 58 -19.36 11.66 50.88
CA SER H 58 -18.50 12.41 51.79
C SER H 58 -19.28 13.50 52.51
N VAL H 59 -20.37 13.98 51.90
CA VAL H 59 -21.22 14.99 52.53
C VAL H 59 -22.07 14.37 53.64
N ALA H 60 -22.42 13.09 53.51
CA ALA H 60 -23.24 12.40 54.49
C ALA H 60 -22.40 11.75 55.58
N ASP H 61 -21.22 11.23 55.23
CA ASP H 61 -20.28 10.65 56.20
C ASP H 61 -18.89 11.13 55.78
N ASN H 62 -18.37 12.11 56.53
CA ASN H 62 -17.11 12.78 56.18
C ASN H 62 -15.87 11.90 56.36
N THR H 63 -16.00 10.68 56.86
CA THR H 63 -14.87 9.76 56.93
C THR H 63 -14.62 9.04 55.61
N ILE H 64 -15.45 9.27 54.59
CA ILE H 64 -15.28 8.68 53.27
C ILE H 64 -14.57 9.66 52.35
N HIS H 65 -13.47 9.19 51.73
CA HIS H 65 -12.63 9.98 50.85
C HIS H 65 -12.49 9.41 49.45
N GLU H 66 -12.36 8.08 49.30
CA GLU H 66 -12.22 7.47 47.99
C GLU H 66 -13.26 6.36 47.82
N LEU H 67 -13.38 5.91 46.57
CA LEU H 67 -14.27 4.80 46.26
C LEU H 67 -13.95 3.58 47.10
N SER H 68 -12.67 3.36 47.42
CA SER H 68 -12.25 2.19 48.18
C SER H 68 -12.78 2.19 49.60
N ASP H 69 -13.08 3.36 50.17
CA ASP H 69 -13.58 3.42 51.55
C ASP H 69 -14.95 2.76 51.71
N ILE H 70 -15.70 2.63 50.62
CA ILE H 70 -17.04 2.06 50.69
C ILE H 70 -17.01 0.60 51.12
N LYS H 71 -16.00 -0.16 50.67
CA LYS H 71 -15.89 -1.58 51.04
C LYS H 71 -15.95 -1.79 52.55
N GLN H 72 -15.30 -0.90 53.32
CA GLN H 72 -15.27 -0.96 54.79
C GLN H 72 -16.40 -0.20 55.45
N ALA H 73 -17.32 0.41 54.69
CA ALA H 73 -18.35 1.25 55.27
C ALA H 73 -19.65 0.49 55.54
N ASN H 74 -20.42 1.03 56.49
CA ASN H 74 -21.73 0.53 56.88
C ASN H 74 -22.80 1.51 56.39
N ILE H 75 -23.85 0.98 55.75
CA ILE H 75 -24.85 1.84 55.13
C ILE H 75 -25.55 2.74 56.15
N ASN H 76 -25.70 2.29 57.39
CA ASN H 76 -26.42 3.10 58.37
C ASN H 76 -25.76 4.45 58.64
N SER H 77 -24.47 4.58 58.36
CA SER H 77 -23.82 5.89 58.43
C SER H 77 -23.98 6.72 57.16
N LEU H 78 -24.29 6.08 56.02
CA LEU H 78 -24.37 6.76 54.73
C LEU H 78 -25.78 7.25 54.40
N LEU H 79 -26.80 6.51 54.78
CA LEU H 79 -28.17 6.84 54.44
C LEU H 79 -28.91 7.38 55.66
N PRO H 80 -29.98 8.14 55.44
CA PRO H 80 -30.79 8.59 56.58
C PRO H 80 -31.53 7.43 57.22
N GLU H 81 -31.73 7.55 58.55
CA GLU H 81 -32.45 6.51 59.29
C GLU H 81 -33.83 6.25 58.70
N HIS H 82 -34.55 7.32 58.35
CA HIS H 82 -35.88 7.20 57.79
C HIS H 82 -35.87 6.41 56.49
N LEU H 83 -34.88 6.65 55.63
CA LEU H 83 -34.83 5.97 54.34
C LEU H 83 -34.54 4.48 54.51
N ILE H 84 -33.62 4.12 55.41
CA ILE H 84 -33.29 2.72 55.62
C ILE H 84 -34.49 1.98 56.20
N SER H 85 -35.08 2.52 57.26
CA SER H 85 -36.22 1.84 57.87
C SER H 85 -37.43 1.82 56.96
N GLY H 86 -37.62 2.86 56.14
CA GLY H 86 -38.73 2.85 55.21
C GLY H 86 -38.58 1.83 54.09
N LEU H 87 -37.36 1.68 53.58
CA LEU H 87 -37.15 0.64 52.58
C LEU H 87 -37.29 -0.75 53.18
N ALA H 88 -36.81 -0.92 54.43
CA ALA H 88 -36.87 -2.25 55.05
C ALA H 88 -38.30 -2.72 55.26
N SER H 89 -39.18 -1.83 55.72
CA SER H 89 -40.54 -2.20 56.05
C SER H 89 -41.52 -2.15 54.87
N ALA H 90 -41.11 -1.60 53.72
CA ALA H 90 -41.98 -1.52 52.55
C ALA H 90 -42.23 -2.90 51.94
N ILE H 91 -43.44 -3.09 51.43
CA ILE H 91 -43.82 -4.39 50.89
C ILE H 91 -43.88 -4.41 49.36
N ARG H 92 -44.21 -3.30 48.72
CA ARG H 92 -44.27 -3.25 47.26
C ARG H 92 -42.93 -2.92 46.62
N GLU H 93 -42.68 -3.52 45.46
CA GLU H 93 -41.45 -3.30 44.73
C GLU H 93 -41.54 -2.10 43.79
N ASN H 94 -40.37 -1.49 43.56
CA ASN H 94 -40.19 -0.42 42.57
C ASN H 94 -41.11 0.76 42.85
N GLU H 95 -41.28 1.09 44.13
CA GLU H 95 -42.00 2.30 44.54
C GLU H 95 -41.02 3.22 45.25
N PRO H 96 -40.46 4.22 44.56
CA PRO H 96 -39.37 5.00 45.15
C PRO H 96 -39.82 5.83 46.33
N ILE H 97 -39.02 5.82 47.38
CA ILE H 97 -39.18 6.65 48.55
C ILE H 97 -38.21 7.81 48.42
N TRP H 98 -38.70 9.01 48.70
CA TRP H 98 -37.95 10.24 48.51
C TRP H 98 -37.72 10.86 49.89
N VAL H 99 -36.46 10.90 50.33
CA VAL H 99 -36.10 11.41 51.64
C VAL H 99 -35.00 12.45 51.47
N GLU H 100 -35.18 13.61 52.08
CA GLU H 100 -34.22 14.68 51.97
C GLU H 100 -33.59 14.93 53.33
N THR H 101 -32.35 15.36 53.31
CA THR H 101 -31.62 15.85 54.47
C THR H 101 -31.32 17.33 54.27
N ASP H 102 -30.48 17.88 55.16
CA ASP H 102 -30.09 19.27 55.03
C ASP H 102 -29.22 19.53 53.80
N ARG H 103 -28.42 18.54 53.36
CA ARG H 103 -27.56 18.74 52.20
C ARG H 103 -27.77 17.77 51.03
N LEU H 104 -28.47 16.65 51.22
CA LEU H 104 -28.62 15.63 50.17
C LEU H 104 -30.08 15.24 49.98
N SER H 105 -30.36 14.65 48.81
CA SER H 105 -31.70 14.23 48.42
C SER H 105 -31.65 12.80 47.89
N PHE H 106 -32.20 11.86 48.66
CA PHE H 106 -32.16 10.44 48.35
C PHE H 106 -33.47 9.97 47.74
N LEU H 107 -33.36 9.07 46.78
CA LEU H 107 -34.49 8.40 46.14
C LEU H 107 -34.14 6.92 46.07
N GLY H 108 -34.74 6.13 46.94
CA GLY H 108 -34.42 4.71 47.01
C GLY H 108 -35.66 3.85 46.90
N TRP H 109 -35.50 2.70 46.26
CA TRP H 109 -36.60 1.77 46.11
C TRP H 109 -36.11 0.34 46.26
N ARG H 110 -37.05 -0.60 46.25
CA ARG H 110 -36.78 -2.02 46.44
C ARG H 110 -36.91 -2.70 45.09
N HIS H 111 -35.84 -3.34 44.63
CA HIS H 111 -35.86 -4.06 43.35
C HIS H 111 -35.22 -5.42 43.55
N GLU H 112 -36.04 -6.47 43.46
CA GLU H 112 -35.56 -7.84 43.59
C GLU H 112 -34.80 -8.02 44.91
N ASN H 113 -33.55 -8.41 44.84
CA ASN H 113 -32.74 -8.68 46.02
C ASN H 113 -32.06 -7.49 46.63
N TYR H 114 -32.20 -6.34 46.00
CA TYR H 114 -31.52 -5.16 46.51
C TYR H 114 -32.37 -3.93 46.64
N TYR H 115 -31.83 -2.98 47.38
CA TYR H 115 -32.42 -1.69 47.59
C TYR H 115 -31.54 -0.86 46.69
N ILE H 116 -32.14 0.00 45.88
CA ILE H 116 -31.36 0.84 44.99
C ILE H 116 -31.54 2.25 45.51
N ILE H 117 -30.43 2.95 45.73
CA ILE H 117 -30.48 4.30 46.29
C ILE H 117 -29.79 5.23 45.32
N GLU H 118 -30.50 6.23 44.83
CA GLU H 118 -29.91 7.35 44.11
C GLU H 118 -29.82 8.52 45.07
N VAL H 119 -28.78 9.33 44.92
CA VAL H 119 -28.61 10.49 45.78
C VAL H 119 -28.15 11.65 44.93
N GLU H 120 -28.76 12.81 45.17
CA GLU H 120 -28.41 14.03 44.47
C GLU H 120 -28.10 15.13 45.47
N ARG H 121 -27.36 16.12 45.00
CA ARG H 121 -27.18 17.32 45.80
C ARG H 121 -28.49 18.08 45.81
N TYR H 122 -28.72 18.83 46.88
CA TYR H 122 -30.03 19.44 47.04
C TYR H 122 -29.89 20.76 47.79
N HIS H 123 -30.65 21.75 47.35
CA HIS H 123 -30.61 23.08 47.92
C HIS H 123 -32.01 23.47 48.36
N VAL H 124 -32.14 23.91 49.62
CA VAL H 124 -33.46 24.23 50.13
C VAL H 124 -33.99 25.47 49.42
N GLN H 125 -35.20 25.38 48.89
CA GLN H 125 -35.84 26.46 48.15
C GLN H 125 -37.14 26.85 48.82
N THR H 126 -37.21 28.08 49.28
CA THR H 126 -38.40 28.61 49.94
C THR H 126 -39.01 29.59 48.96
N SER H 127 -40.10 29.17 48.30
CA SER H 127 -40.81 30.07 47.41
C SER H 127 -42.13 29.44 47.04
N ASN H 128 -43.07 30.30 46.65
CA ASN H 128 -44.34 29.84 46.13
C ASN H 128 -44.32 29.67 44.63
N TRP H 129 -43.13 29.67 44.02
CA TRP H 129 -43.05 29.65 42.56
C TRP H 129 -43.73 28.41 41.98
N PHE H 130 -43.57 27.28 42.66
CA PHE H 130 -44.16 26.04 42.16
C PHE H 130 -45.68 26.07 42.28
N GLU H 131 -46.19 26.58 43.39
CA GLU H 131 -47.64 26.64 43.58
C GLU H 131 -48.28 27.59 42.58
N ILE H 132 -47.61 28.71 42.29
CA ILE H 132 -48.13 29.66 41.31
C ILE H 132 -48.13 29.04 39.91
N GLN H 133 -47.01 28.42 39.51
CA GLN H 133 -46.95 27.84 38.18
C GLN H 133 -47.97 26.72 38.02
N PHE H 134 -48.11 25.88 39.04
CA PHE H 134 -49.08 24.80 39.01
C PHE H 134 -50.50 25.32 38.91
N GLN H 135 -50.85 26.31 39.74
CA GLN H 135 -52.20 26.87 39.69
C GLN H 135 -52.48 27.46 38.32
N ARG H 136 -51.52 28.22 37.79
CA ARG H 136 -51.70 28.85 36.49
C ARG H 136 -51.84 27.80 35.39
N ALA H 137 -51.05 26.72 35.47
CA ALA H 137 -51.15 25.66 34.47
C ALA H 137 -52.54 25.04 34.43
N PHE H 138 -53.12 24.76 35.60
CA PHE H 138 -54.45 24.16 35.62
C PHE H 138 -55.49 25.11 35.06
N GLN H 139 -55.42 26.39 35.45
CA GLN H 139 -56.41 27.36 35.00
C GLN H 139 -56.43 27.44 33.49
N LYS H 140 -55.24 27.42 32.87
CA LYS H 140 -55.17 27.49 31.43
C LYS H 140 -55.64 26.19 30.78
N LEU H 141 -55.23 25.05 31.32
CA LEU H 141 -55.61 23.78 30.71
C LEU H 141 -57.11 23.53 30.80
N ARG H 142 -57.76 24.05 31.86
CA ARG H 142 -59.21 23.93 31.97
C ARG H 142 -59.92 24.81 30.96
N ASN H 143 -59.30 25.93 30.55
CA ASN H 143 -59.90 26.82 29.56
C ASN H 143 -59.85 26.27 28.14
N CYS H 144 -59.03 25.24 27.89
CA CYS H 144 -58.89 24.69 26.55
C CYS H 144 -60.12 23.86 26.20
N LYS H 145 -60.73 24.16 25.07
CA LYS H 145 -61.96 23.50 24.69
C LYS H 145 -61.81 22.61 23.45
N THR H 146 -60.68 22.66 22.76
CA THR H 146 -60.47 21.86 21.56
C THR H 146 -59.17 21.07 21.71
N HIS H 147 -59.13 19.90 21.07
CA HIS H 147 -57.94 19.06 21.12
C HIS H 147 -56.70 19.84 20.70
N ASN H 148 -56.80 20.60 19.60
CA ASN H 148 -55.62 21.30 19.11
C ASN H 148 -55.15 22.36 20.11
N ASP H 149 -56.09 23.10 20.70
CA ASP H 149 -55.72 24.11 21.69
C ASP H 149 -54.96 23.51 22.85
N LEU H 150 -55.35 22.31 23.29
CA LEU H 150 -54.80 21.76 24.51
C LEU H 150 -53.32 21.41 24.33
N ILE H 151 -52.97 20.72 23.25
CA ILE H 151 -51.57 20.32 23.07
C ILE H 151 -50.68 21.56 22.95
N ASN H 152 -51.15 22.60 22.27
CA ASN H 152 -50.35 23.82 22.16
C ASN H 152 -50.16 24.48 23.51
N THR H 153 -51.23 24.54 24.31
CA THR H 153 -51.10 25.11 25.64
C THR H 153 -50.17 24.29 26.51
N LEU H 154 -50.24 22.96 26.39
CA LEU H 154 -49.38 22.09 27.19
C LEU H 154 -47.92 22.31 26.82
N THR H 155 -47.62 22.43 25.53
CA THR H 155 -46.25 22.63 25.11
C THR H 155 -45.73 23.98 25.57
N ARG H 156 -46.55 25.04 25.47
CA ARG H 156 -46.15 26.34 25.98
C ARG H 156 -45.92 26.31 27.48
N LEU H 157 -46.80 25.61 28.21
CA LEU H 157 -46.68 25.54 29.66
C LEU H 157 -45.44 24.77 30.09
N ILE H 158 -45.18 23.63 29.44
CA ILE H 158 -43.99 22.86 29.75
C ILE H 158 -42.75 23.72 29.53
N GLN H 159 -42.75 24.53 28.46
CA GLN H 159 -41.60 25.42 28.23
C GLN H 159 -41.48 26.48 29.32
N GLU H 160 -42.59 27.12 29.68
CA GLU H 160 -42.54 28.17 30.71
C GLU H 160 -42.05 27.61 32.04
N ILE H 161 -42.46 26.39 32.37
CA ILE H 161 -42.05 25.81 33.64
C ILE H 161 -40.59 25.37 33.59
N SER H 162 -40.18 24.70 32.50
CA SER H 162 -38.85 24.10 32.42
C SER H 162 -37.79 25.06 31.88
N GLY H 163 -38.16 26.03 31.06
CA GLY H 163 -37.18 26.94 30.52
C GLY H 163 -36.35 26.36 29.39
N TYR H 164 -36.71 25.17 28.91
CA TYR H 164 -35.99 24.53 27.81
C TYR H 164 -36.23 25.27 26.50
N ASP H 165 -35.25 25.19 25.61
CA ASP H 165 -35.30 25.97 24.38
C ASP H 165 -36.44 25.52 23.49
N ARG H 166 -36.61 24.22 23.30
CA ARG H 166 -37.68 23.71 22.45
C ARG H 166 -38.46 22.64 23.20
N VAL H 167 -39.79 22.69 23.06
CA VAL H 167 -40.68 21.69 23.65
C VAL H 167 -41.62 21.21 22.56
N MET H 168 -41.66 19.91 22.34
CA MET H 168 -42.48 19.31 21.31
C MET H 168 -43.31 18.21 21.93
N ILE H 169 -44.36 17.81 21.20
CA ILE H 169 -45.16 16.65 21.56
C ILE H 169 -45.13 15.69 20.39
N TYR H 170 -44.52 14.52 20.61
CA TYR H 170 -44.62 13.42 19.66
C TYR H 170 -45.89 12.66 19.95
N GLN H 171 -46.65 12.35 18.91
CA GLN H 171 -47.76 11.43 19.00
C GLN H 171 -47.41 10.18 18.23
N PHE H 172 -47.69 9.03 18.83
CA PHE H 172 -47.45 7.76 18.17
C PHE H 172 -48.69 7.38 17.37
N ASP H 173 -48.45 6.72 16.25
CA ASP H 173 -49.48 6.11 15.43
C ASP H 173 -49.58 4.63 15.77
N PRO H 174 -50.55 3.91 15.20
CA PRO H 174 -50.66 2.48 15.52
C PRO H 174 -49.37 1.68 15.43
N GLU H 175 -48.48 1.98 14.47
CA GLU H 175 -47.27 1.18 14.29
C GLU H 175 -46.05 1.75 15.01
N TRP H 176 -46.24 2.73 15.90
CA TRP H 176 -45.19 3.32 16.75
C TRP H 176 -44.25 4.28 16.00
N ASN H 177 -44.66 4.76 14.83
CA ASN H 177 -43.99 5.88 14.19
C ASN H 177 -44.40 7.17 14.88
N GLY H 178 -43.50 8.15 14.87
CA GLY H 178 -43.70 9.39 15.59
C GLY H 178 -44.00 10.55 14.65
N ARG H 179 -44.92 11.41 15.06
CA ARG H 179 -45.16 12.68 14.38
C ARG H 179 -45.21 13.79 15.41
N VAL H 180 -44.61 14.93 15.09
CA VAL H 180 -44.60 16.08 16.00
C VAL H 180 -45.87 16.90 15.77
N ILE H 181 -46.81 16.83 16.71
CA ILE H 181 -48.12 17.44 16.53
C ILE H 181 -48.23 18.87 17.04
N ALA H 182 -47.29 19.32 17.88
CA ALA H 182 -47.26 20.68 18.38
C ALA H 182 -45.88 20.98 18.93
N GLU H 183 -45.52 22.26 18.94
CA GLU H 183 -44.17 22.65 19.29
C GLU H 183 -44.23 24.03 19.95
N SER H 184 -43.26 24.30 20.82
CA SER H 184 -43.11 25.61 21.45
C SER H 184 -41.62 25.88 21.57
N VAL H 185 -41.11 26.80 20.76
CA VAL H 185 -39.68 26.95 20.64
C VAL H 185 -39.32 28.43 20.54
N ARG H 186 -38.12 28.76 21.02
CA ARG H 186 -37.63 30.12 21.00
C ARG H 186 -37.28 30.56 19.57
N GLN H 187 -37.04 31.85 19.44
CA GLN H 187 -36.62 32.42 18.16
C GLN H 187 -35.26 31.85 17.75
N LEU H 188 -35.04 31.82 16.43
CA LEU H 188 -33.79 31.36 15.84
C LEU H 188 -33.65 29.84 15.95
N PHE H 189 -34.77 29.13 15.83
CA PHE H 189 -34.76 27.67 15.86
C PHE H 189 -35.54 27.13 14.68
N THR H 190 -35.03 26.04 14.09
CA THR H 190 -35.73 25.36 13.02
C THR H 190 -37.04 24.81 13.53
N SER H 191 -38.13 25.11 12.83
CA SER H 191 -39.42 24.56 13.21
C SER H 191 -39.43 23.07 12.92
N MET H 192 -39.70 22.27 13.95
CA MET H 192 -39.83 20.82 13.82
C MET H 192 -41.28 20.37 13.68
N LEU H 193 -42.21 21.31 13.56
CA LEU H 193 -43.62 20.98 13.48
C LEU H 193 -43.89 20.04 12.29
N ASN H 194 -44.65 18.98 12.55
CA ASN H 194 -45.09 17.99 11.57
C ASN H 194 -43.97 17.12 11.04
N HIS H 195 -42.79 17.15 11.65
CA HIS H 195 -41.74 16.23 11.23
CA HIS H 195 -41.72 16.24 11.27
C HIS H 195 -42.09 14.81 11.65
N HIS H 196 -41.94 13.88 10.70
CA HIS H 196 -42.22 12.47 10.94
C HIS H 196 -40.91 11.76 11.23
N PHE H 197 -40.94 10.80 12.14
CA PHE H 197 -39.78 9.94 12.33
C PHE H 197 -40.23 8.48 12.41
N PRO H 198 -39.36 7.56 11.98
CA PRO H 198 -39.74 6.16 11.91
C PRO H 198 -39.78 5.48 13.27
N ALA H 199 -40.56 4.40 13.34
CA ALA H 199 -40.72 3.68 14.60
C ALA H 199 -39.41 3.16 15.15
N SER H 200 -38.46 2.81 14.27
CA SER H 200 -37.18 2.27 14.71
C SER H 200 -36.37 3.27 15.53
N ASP H 201 -36.68 4.57 15.47
CA ASP H 201 -35.85 5.58 16.13
C ASP H 201 -36.02 5.57 17.64
N ILE H 202 -37.16 5.12 18.15
CA ILE H 202 -37.34 4.85 19.57
C ILE H 202 -37.59 3.37 19.71
N PRO H 203 -36.59 2.60 20.14
CA PRO H 203 -36.78 1.15 20.29
C PRO H 203 -37.91 0.87 21.27
N ALA H 204 -38.52 -0.31 21.10
CA ALA H 204 -39.62 -0.70 21.98
C ALA H 204 -39.17 -0.67 23.44
N GLN H 205 -37.97 -1.16 23.70
CA GLN H 205 -37.43 -1.20 25.05
C GLN H 205 -37.27 0.20 25.64
N ALA H 206 -37.14 1.22 24.80
CA ALA H 206 -37.07 2.60 25.29
C ALA H 206 -38.45 3.16 25.59
N ARG H 207 -39.44 2.86 24.75
CA ARG H 207 -40.82 3.25 25.05
C ARG H 207 -41.30 2.59 26.33
N ALA H 208 -40.86 1.36 26.59
CA ALA H 208 -41.26 0.66 27.80
C ALA H 208 -40.85 1.44 29.05
N MET H 209 -39.71 2.14 28.99
CA MET H 209 -39.19 2.80 30.18
C MET H 209 -40.15 3.87 30.70
N TYR H 210 -40.91 4.52 29.81
CA TYR H 210 -41.81 5.57 30.28
C TYR H 210 -42.91 5.02 31.19
N SER H 211 -43.21 3.73 31.07
CA SER H 211 -44.15 3.09 31.99
C SER H 211 -43.50 2.70 33.31
N ILE H 212 -42.18 2.66 33.38
CA ILE H 212 -41.47 2.39 34.63
C ILE H 212 -41.18 3.68 35.39
N ASN H 213 -40.78 4.74 34.69
CA ASN H 213 -40.63 6.07 35.26
C ASN H 213 -41.12 7.05 34.19
N PRO H 214 -42.15 7.84 34.46
CA PRO H 214 -42.76 8.63 33.37
C PRO H 214 -41.92 9.82 32.94
N ILE H 215 -40.83 10.12 33.64
CA ILE H 215 -39.93 11.18 33.25
C ILE H 215 -38.55 10.58 33.00
N ARG H 216 -37.86 11.13 31.99
CA ARG H 216 -36.51 10.72 31.60
C ARG H 216 -35.68 11.98 31.49
N ILE H 217 -34.49 11.96 32.08
CA ILE H 217 -33.71 13.17 32.29
C ILE H 217 -32.28 12.97 31.82
N ILE H 218 -31.81 13.86 30.95
CA ILE H 218 -30.43 13.89 30.50
C ILE H 218 -29.96 15.34 30.68
N PRO H 219 -29.33 15.69 31.80
CA PRO H 219 -28.99 17.12 32.02
C PRO H 219 -27.76 17.58 31.26
N ASP H 220 -27.04 16.67 30.60
CA ASP H 220 -25.77 17.01 29.99
C ASP H 220 -25.31 15.87 29.10
N VAL H 221 -25.42 16.04 27.77
CA VAL H 221 -25.08 14.94 26.88
C VAL H 221 -23.59 14.68 26.81
N ASN H 222 -22.77 15.60 27.31
CA ASN H 222 -21.32 15.45 27.25
C ASN H 222 -20.73 15.10 28.60
N ALA H 223 -21.57 14.76 29.58
CA ALA H 223 -21.06 14.34 30.88
C ALA H 223 -20.61 12.90 30.78
N GLU H 224 -19.52 12.58 31.46
CA GLU H 224 -18.93 11.26 31.33
C GLU H 224 -19.74 10.25 32.15
N PRO H 225 -20.29 9.20 31.54
CA PRO H 225 -21.02 8.20 32.32
C PRO H 225 -20.12 7.56 33.38
N GLN H 226 -20.69 7.35 34.57
CA GLN H 226 -19.97 6.75 35.69
C GLN H 226 -20.33 5.29 35.81
N PRO H 227 -19.38 4.36 35.76
CA PRO H 227 -19.72 2.94 35.83
C PRO H 227 -19.91 2.47 37.27
N LEU H 228 -20.64 1.35 37.39
CA LEU H 228 -20.92 0.73 38.68
C LEU H 228 -19.81 -0.25 39.04
N HIS H 229 -19.15 -0.02 40.17
CA HIS H 229 -18.11 -0.91 40.63
C HIS H 229 -18.67 -1.91 41.62
N MET H 230 -18.24 -3.16 41.51
CA MET H 230 -18.62 -4.18 42.48
C MET H 230 -17.85 -3.95 43.79
N ILE H 231 -18.55 -4.06 44.91
CA ILE H 231 -17.94 -3.82 46.23
C ILE H 231 -17.79 -5.16 46.94
N HIS H 232 -18.90 -5.68 47.47
CA HIS H 232 -18.99 -7.08 47.90
C HIS H 232 -19.73 -7.86 46.83
N LYS H 233 -19.28 -9.06 46.55
CA LYS H 233 -19.82 -9.82 45.42
C LYS H 233 -21.25 -10.24 45.69
N PRO H 234 -22.20 -9.98 44.79
CA PRO H 234 -23.60 -10.34 45.00
C PRO H 234 -23.90 -11.80 44.69
N GLN H 235 -25.04 -12.25 45.24
CA GLN H 235 -25.50 -13.61 44.97
C GLN H 235 -25.96 -13.79 43.53
N ASN H 236 -26.48 -12.74 42.91
CA ASN H 236 -26.86 -12.77 41.51
C ASN H 236 -25.91 -11.85 40.76
N THR H 237 -25.12 -12.41 39.85
CA THR H 237 -24.11 -11.64 39.15
C THR H 237 -24.64 -10.96 37.90
N GLU H 238 -25.90 -11.22 37.55
CA GLU H 238 -26.53 -10.54 36.44
C GLU H 238 -26.58 -9.04 36.70
N ALA H 239 -26.58 -8.27 35.63
CA ALA H 239 -26.66 -6.83 35.76
C ALA H 239 -28.00 -6.44 36.37
N VAL H 240 -28.01 -5.33 37.10
CA VAL H 240 -29.16 -4.91 37.89
C VAL H 240 -30.00 -3.93 37.07
N ASN H 241 -31.31 -4.17 37.02
CA ASN H 241 -32.20 -3.26 36.32
C ASN H 241 -32.24 -1.92 37.05
N LEU H 242 -31.85 -0.84 36.36
CA LEU H 242 -31.76 0.49 36.95
C LEU H 242 -32.91 1.41 36.55
N SER H 243 -33.95 0.89 35.92
CA SER H 243 -34.88 1.74 35.19
C SER H 243 -35.83 2.53 36.09
N SER H 244 -35.93 2.22 37.38
CA SER H 244 -36.93 2.90 38.19
C SER H 244 -36.49 4.29 38.62
N GLY H 245 -35.20 4.61 38.56
CA GLY H 245 -34.71 5.92 38.92
C GLY H 245 -34.45 6.79 37.71
N VAL H 246 -33.75 7.89 37.96
CA VAL H 246 -33.51 8.89 36.93
C VAL H 246 -32.04 8.98 36.53
N LEU H 247 -31.14 8.41 37.32
CA LEU H 247 -29.70 8.46 37.08
C LEU H 247 -29.24 7.45 36.03
N ARG H 248 -30.12 6.56 35.59
CA ARG H 248 -29.75 5.53 34.62
C ARG H 248 -29.00 6.13 33.43
N ALA H 249 -27.85 5.55 33.11
CA ALA H 249 -26.98 6.09 32.07
C ALA H 249 -27.65 6.02 30.70
N VAL H 250 -27.20 6.89 29.80
CA VAL H 250 -27.81 7.03 28.49
C VAL H 250 -26.99 6.29 27.45
N SER H 251 -27.69 5.69 26.49
CA SER H 251 -27.02 4.97 25.41
C SER H 251 -26.12 5.91 24.62
N PRO H 252 -24.83 5.61 24.46
CA PRO H 252 -23.95 6.53 23.71
C PRO H 252 -24.48 6.85 22.34
N LEU H 253 -25.20 5.90 21.73
CA LEU H 253 -25.89 6.17 20.48
C LEU H 253 -26.77 7.41 20.59
N HIS H 254 -27.66 7.43 21.58
CA HIS H 254 -28.58 8.55 21.66
C HIS H 254 -27.89 9.86 22.04
N MET H 255 -26.85 9.80 22.88
CA MET H 255 -26.09 11.00 23.18
C MET H 255 -25.49 11.59 21.91
N GLN H 256 -24.94 10.75 21.04
CA GLN H 256 -24.42 11.26 19.77
C GLN H 256 -25.54 11.83 18.93
N TYR H 257 -26.68 11.13 18.86
CA TYR H 257 -27.81 11.66 18.10
C TYR H 257 -28.15 13.06 18.59
N LEU H 258 -28.17 13.25 19.91
CA LEU H 258 -28.52 14.55 20.46
C LEU H 258 -27.48 15.61 20.13
N ARG H 259 -26.20 15.24 20.19
CA ARG H 259 -25.14 16.18 19.79
C ARG H 259 -25.35 16.63 18.35
N ASN H 260 -25.64 15.69 17.46
CA ASN H 260 -25.83 16.02 16.05
C ASN H 260 -27.00 16.98 15.83
N PHE H 261 -27.93 17.06 16.76
CA PHE H 261 -29.08 17.94 16.64
C PHE H 261 -28.87 19.28 17.35
N GLY H 262 -27.71 19.49 17.99
CA GLY H 262 -27.44 20.70 18.72
C GLY H 262 -27.99 20.76 20.12
N VAL H 263 -28.25 19.60 20.74
CA VAL H 263 -28.91 19.48 22.03
C VAL H 263 -27.90 19.09 23.09
N SER H 264 -27.88 19.83 24.19
CA SER H 264 -27.03 19.48 25.33
C SER H 264 -27.80 18.86 26.49
N ALA H 265 -29.12 18.98 26.51
CA ALA H 265 -29.91 18.43 27.58
C ALA H 265 -31.30 18.12 27.06
N SER H 266 -31.88 17.03 27.54
CA SER H 266 -33.23 16.67 27.16
C SER H 266 -33.99 16.20 28.39
N THR H 267 -35.30 16.39 28.35
CA THR H 267 -36.20 15.88 29.35
C THR H 267 -37.47 15.45 28.64
N SER H 268 -37.82 14.18 28.76
CA SER H 268 -39.00 13.64 28.11
C SER H 268 -39.95 13.07 29.15
N ILE H 269 -41.23 13.17 28.86
CA ILE H 269 -42.30 12.81 29.79
C ILE H 269 -43.32 12.01 29.01
N GLY H 270 -43.71 10.87 29.55
CA GLY H 270 -44.67 10.05 28.85
C GLY H 270 -46.08 10.62 28.97
N ILE H 271 -46.80 10.59 27.85
CA ILE H 271 -48.21 10.95 27.83
C ILE H 271 -48.98 9.65 27.74
N PHE H 272 -49.78 9.35 28.76
CA PHE H 272 -50.45 8.07 28.89
C PHE H 272 -51.97 8.24 28.82
N ASN H 273 -52.61 7.44 27.97
CA ASN H 273 -54.06 7.28 27.91
C ASN H 273 -54.37 5.89 28.45
N GLU H 274 -54.92 5.85 29.67
CA GLU H 274 -55.05 4.61 30.44
C GLU H 274 -53.63 4.12 30.71
N ASP H 275 -53.23 2.93 30.26
CA ASP H 275 -51.87 2.45 30.42
C ASP H 275 -51.08 2.45 29.12
N GLU H 276 -51.70 2.83 28.01
CA GLU H 276 -51.00 2.90 26.74
C GLU H 276 -50.13 4.15 26.70
N LEU H 277 -48.97 4.03 26.08
CA LEU H 277 -48.15 5.21 25.83
C LEU H 277 -48.68 5.85 24.55
N TRP H 278 -49.24 7.05 24.68
CA TRP H 278 -49.90 7.73 23.56
C TRP H 278 -48.96 8.68 22.84
N GLY H 279 -47.95 9.19 23.54
CA GLY H 279 -47.02 10.14 22.96
C GLY H 279 -46.03 10.56 24.02
N ILE H 280 -45.13 11.46 23.61
CA ILE H 280 -44.08 11.94 24.50
C ILE H 280 -44.04 13.46 24.41
N VAL H 281 -43.82 14.12 25.54
CA VAL H 281 -43.44 15.52 25.59
C VAL H 281 -41.93 15.58 25.71
N ALA H 282 -41.27 16.23 24.75
CA ALA H 282 -39.82 16.27 24.70
C ALA H 282 -39.35 17.71 24.82
N CYS H 283 -38.39 17.95 25.69
CA CYS H 283 -37.82 19.26 25.89
C CYS H 283 -36.32 19.19 25.63
N HIS H 284 -35.85 19.96 24.66
CA HIS H 284 -34.45 20.02 24.29
C HIS H 284 -33.90 21.40 24.62
N HIS H 285 -32.66 21.43 25.10
CA HIS H 285 -31.99 22.68 25.43
C HIS H 285 -30.61 22.67 24.79
N THR H 286 -30.24 23.83 24.23
CA THR H 286 -29.01 23.93 23.45
C THR H 286 -27.76 23.85 24.34
N LYS H 287 -27.81 24.38 25.54
CA LYS H 287 -26.73 24.25 26.51
C LYS H 287 -27.19 23.40 27.69
N PRO H 288 -26.27 22.88 28.51
CA PRO H 288 -26.69 22.01 29.61
C PRO H 288 -27.65 22.70 30.57
N ARG H 289 -28.48 21.88 31.22
CA ARG H 289 -29.55 22.40 32.07
C ARG H 289 -29.86 21.37 33.14
N ALA H 290 -29.89 21.81 34.40
CA ALA H 290 -30.15 20.92 35.52
C ALA H 290 -31.57 21.15 35.99
N ILE H 291 -32.27 20.06 36.30
CA ILE H 291 -33.67 20.11 36.67
C ILE H 291 -33.83 19.46 38.05
N GLY H 292 -34.42 20.21 38.99
CA GLY H 292 -34.63 19.70 40.34
C GLY H 292 -35.73 18.66 40.43
N ARG H 293 -35.74 17.94 41.56
CA ARG H 293 -36.76 16.90 41.78
C ARG H 293 -38.17 17.49 41.79
N ARG H 294 -38.32 18.67 42.38
CA ARG H 294 -39.62 19.33 42.39
C ARG H 294 -40.06 19.73 40.97
N ILE H 295 -39.13 20.23 40.15
CA ILE H 295 -39.48 20.56 38.77
C ILE H 295 -39.94 19.32 38.03
N ARG H 296 -39.27 18.19 38.28
CA ARG H 296 -39.67 16.93 37.67
C ARG H 296 -41.08 16.55 38.09
N ARG H 297 -41.35 16.60 39.40
CA ARG H 297 -42.70 16.31 39.89
C ARG H 297 -43.73 17.24 39.23
N LEU H 298 -43.40 18.53 39.14
CA LEU H 298 -44.33 19.50 38.57
C LEU H 298 -44.60 19.21 37.10
N LEU H 299 -43.56 18.87 36.34
CA LEU H 299 -43.75 18.53 34.94
C LEU H 299 -44.65 17.30 34.79
N VAL H 300 -44.39 16.27 35.59
CA VAL H 300 -45.16 15.04 35.43
C VAL H 300 -46.61 15.28 35.84
N ARG H 301 -46.83 16.05 36.91
CA ARG H 301 -48.21 16.32 37.33
C ARG H 301 -48.96 17.14 36.29
N THR H 302 -48.29 18.11 35.67
CA THR H 302 -48.95 18.91 34.64
C THR H 302 -49.30 18.04 33.43
N VAL H 303 -48.38 17.16 33.02
CA VAL H 303 -48.68 16.29 31.89
C VAL H 303 -49.83 15.35 32.24
N GLU H 304 -49.84 14.84 33.47
CA GLU H 304 -50.91 13.94 33.88
C GLU H 304 -52.27 14.64 33.87
N PHE H 305 -52.32 15.88 34.36
CA PHE H 305 -53.58 16.62 34.30
C PHE H 305 -54.00 16.87 32.87
N ALA H 306 -53.06 17.29 32.02
CA ALA H 306 -53.39 17.56 30.62
C ALA H 306 -53.96 16.32 29.95
N ALA H 307 -53.39 15.14 30.24
CA ALA H 307 -53.87 13.91 29.62
C ALA H 307 -55.34 13.68 29.92
N GLU H 308 -55.75 13.90 31.18
CA GLU H 308 -57.15 13.69 31.53
C GLU H 308 -58.05 14.59 30.70
N ARG H 309 -57.68 15.87 30.60
CA ARG H 309 -58.46 16.81 29.81
C ARG H 309 -58.47 16.45 28.32
N LEU H 310 -57.35 15.88 27.84
CA LEU H 310 -57.25 15.49 26.43
C LEU H 310 -58.21 14.35 26.12
N TRP H 311 -58.27 13.34 26.99
CA TRP H 311 -59.18 12.22 26.79
C TRP H 311 -60.64 12.64 26.96
N LEU H 312 -60.92 13.60 27.84
CA LEU H 312 -62.26 14.17 27.91
C LEU H 312 -62.64 14.86 26.61
N ILE H 313 -61.71 15.61 26.02
CA ILE H 313 -62.00 16.32 24.78
C ILE H 313 -62.22 15.33 23.63
N HIS H 314 -61.50 14.21 23.64
CA HIS H 314 -61.63 13.21 22.56
C HIS H 314 -63.03 12.59 22.56
C1A LBV I . 47.62 34.95 -2.39
C1B LBV I . 44.04 32.32 -1.95
O1B LBV I . 39.13 29.00 -4.83
C1C LBV I . 45.70 29.31 -4.72
O1C LBV I . 43.69 27.50 -7.07
C1D LBV I . 50.08 30.49 -6.42
C2A LBV I . 47.61 35.46 -1.06
C2B LBV I . 42.76 31.84 -1.93
O2B LBV I . 38.65 30.48 -3.25
C2C LBV I . 46.31 28.13 -5.18
O2C LBV I . 45.38 27.38 -8.57
C2D LBV I . 50.15 30.03 -7.79
C3A LBV I . 46.43 34.93 -0.45
C3B LBV I . 42.70 30.72 -2.80
C3C LBV I . 47.61 28.43 -5.57
C3D LBV I . 51.48 29.96 -8.17
C4A LBV I . 45.76 34.13 -1.43
C4B LBV I . 43.99 30.53 -3.32
C4C LBV I . 47.79 29.82 -5.36
C4D LBV I . 52.27 30.36 -7.06
CAA LBV I . 45.99 35.14 0.87
CAB LBV I . 41.56 29.88 -3.09
CAC LBV I . 45.65 26.86 -5.19
CAD LBV I . 52.10 29.58 -9.39
CBA LBV I . 46.68 35.92 1.85
CBB LBV I . 40.76 30.45 -4.13
CBC LBV I . 45.56 26.30 -6.53
CBD LBV I . 51.45 29.17 -10.54
CGB LBV I . 39.40 29.93 -4.07
CGC LBV I . 44.82 27.14 -7.45
CHB LBV I . 44.57 33.42 -1.26
CHC LBV I . 44.43 29.55 -4.21
CHD LBV I . 48.93 30.68 -5.62
CMA LBV I . 47.53 36.86 -1.23
CMB LBV I . 41.70 32.38 -1.18
CMC LBV I . 48.58 27.54 -6.07
CMD LBV I . 48.97 29.74 -8.54
N_A LBV I . 46.50 34.18 -2.56
O_A LBV I . 48.46 35.15 -3.30
N_B LBV I . 44.77 31.53 -2.78
N_C LBV I . 46.63 30.30 -4.86
N_D LBV I . 51.40 30.66 -6.04
O_D LBV I . 53.51 30.47 -6.90
CL CL J . 29.53 18.96 -9.75
C1A LBV K . -7.84 10.29 -45.48
C1B LBV K . -7.50 8.67 -41.32
O1B LBV K . -5.31 7.47 -35.73
C1C LBV K . -8.63 12.58 -39.53
O1C LBV K . -7.22 13.67 -35.94
C1D LBV K . -9.24 16.02 -42.90
C2A LBV K . -8.23 9.08 -46.09
C2B LBV K . -7.19 8.05 -40.14
O2B LBV K . -5.62 9.63 -35.22
C2C LBV K . -9.36 13.63 -38.90
O2C LBV K . -6.93 15.62 -37.06
C2D LBV K . -8.71 17.25 -42.37
C3A LBV K . -8.11 8.08 -45.05
C3B LBV K . -7.39 8.99 -39.10
C3C LBV K . -9.65 14.58 -39.88
C3D LBV K . -9.17 18.30 -43.17
C4A LBV K . -7.67 8.73 -43.88
C4B LBV K . -7.82 10.18 -39.67
C4C LBV K . -9.09 14.14 -41.10
C4D LBV K . -9.98 17.76 -44.18
CAA LBV K . -8.40 6.71 -45.14
CAB LBV K . -7.20 8.78 -37.70
CAC LBV K . -9.70 13.64 -37.51
CAD LBV K . -8.98 19.70 -43.13
CBA LBV K . -8.86 6.02 -46.30
CBB LBV K . -5.82 8.97 -37.38
CBC LBV K . -9.07 14.78 -36.82
CBD LBV K . -8.22 20.36 -42.20
CGB LBV K . -5.57 8.66 -35.99
CGC LBV K . -7.62 14.67 -36.60
CHB LBV K . -7.45 8.14 -42.63
CHC LBV K . -8.12 11.39 -39.01
CHD LBV K . -9.05 14.70 -42.41
CMA LBV K . -7.33 8.91 -47.15
CMB LBV K . -6.77 6.71 -39.99
CMC LBV K . -10.37 15.78 -39.72
CMD LBV K . -7.87 17.30 -41.23
N_A LBV K . -7.51 10.04 -44.17
O_A LBV K . -7.76 11.41 -45.98
N_B LBV K . -7.87 9.95 -41.03
N_C LBV K . -8.50 12.94 -40.83
N_D LBV K . -9.99 16.40 -43.99
O_D LBV K . -10.59 18.27 -45.12
CL CL L . -4.14 10.94 -20.47
C1A LBV M . 14.57 -24.15 30.12
C1B LBV M . 15.60 -20.24 28.28
O1B LBV M . 15.37 -13.86 27.77
C1C LBV M . 16.15 -18.37 32.27
O1C LBV M . 15.02 -15.16 33.86
C1D LBV M . 14.95 -21.25 35.98
C2A LBV M . 15.02 -24.98 29.07
C2B LBV M . 15.72 -19.07 27.54
O2B LBV M . 14.76 -14.88 25.89
C2C LBV M . 16.84 -17.90 33.42
O2C LBV M . 15.44 -16.05 35.87
C2D LBV M . 14.41 -20.38 37.03
C3A LBV M . 15.42 -24.09 28.02
C3B LBV M . 15.91 -18.00 28.46
C3C LBV M . 16.61 -18.79 34.47
C3D LBV M . 14.38 -21.12 38.20
C4A LBV M . 15.17 -22.76 28.47
C4B LBV M . 15.90 -18.54 29.75
C4C LBV M . 15.76 -19.80 33.98
C4D LBV M . 14.88 -22.41 37.94
CAA LBV M . 15.94 -24.43 26.77
CAB LBV M . 16.10 -16.62 28.14
CAC LBV M . 17.64 -16.72 33.43
CAD LBV M . 13.95 -20.78 39.52
CBA LBV M . 16.19 -25.77 26.37
CBB LBV M . 14.83 -16.05 27.82
CBC LBV M . 17.20 -15.68 34.39
CBD LBV M . 13.43 -19.55 39.91
CGB LBV M . 15.01 -14.83 27.10
CGC LBV M . 15.77 -15.64 34.72
CHB LBV M . 15.39 -21.56 27.79
CHC LBV M . 16.06 -17.86 30.97
CHD LBV M . 15.19 -20.95 34.63
CMA LBV M . 13.86 -25.71 28.71
CMB LBV M . 15.66 -18.99 26.12
CMC LBV M . 17.14 -18.72 35.78
CMD LBV M . 13.99 -19.05 36.78
N_A LBV M . 14.67 -22.88 29.71
O_A LBV M . 14.13 -24.46 31.23
N_B LBV M . 15.71 -19.90 29.60
N_C LBV M . 15.50 -19.52 32.66
N_D LBV M . 15.21 -22.43 36.61
O_D LBV M . 15.06 -23.41 38.65
CL CL N . 17.21 0.78 28.35
C1A LBV O . 37.12 -27.96 -17.20
C1B LBV O . 37.85 -24.30 -19.71
O1B LBV O . 36.66 -20.03 -23.65
C1C LBV O . 36.39 -21.63 -16.55
O1C LBV O . 33.58 -19.03 -14.43
C1D LBV O . 35.13 -24.03 -12.60
C2A LBV O . 38.07 -28.76 -17.83
C2B LBV O . 37.99 -23.34 -20.68
O2B LBV O . 36.14 -18.54 -22.06
C2C LBV O . 36.48 -20.71 -15.48
O2C LBV O . 33.94 -18.85 -16.64
C2D LBV O . 33.97 -23.34 -12.10
C3A LBV O . 38.60 -27.98 -18.91
C3B LBV O . 37.51 -22.13 -20.15
C3C LBV O . 36.26 -21.41 -14.28
C3D LBV O . 33.73 -23.81 -10.82
C4A LBV O . 37.95 -26.74 -18.90
C4B LBV O . 37.08 -22.37 -18.84
C4C LBV O . 36.03 -22.76 -14.65
C4D LBV O . 34.72 -24.78 -10.51
CAA LBV O . 39.60 -28.33 -19.81
CAB LBV O . 37.46 -20.86 -20.81
CAC LBV O . 36.75 -19.31 -15.66
CAD LBV O . 32.73 -23.48 -9.85
CBA LBV O . 40.26 -29.59 -19.80
CBB LBV O . 36.23 -20.74 -21.53
CBC LBV O . 35.69 -18.44 -15.13
CBD LBV O . 31.72 -22.54 -10.04
CGB LBV O . 36.36 -19.69 -22.49
CGC LBV O . 34.30 -18.82 -15.44
CHB LBV O . 38.17 -25.67 -19.78
CHC LBV O . 36.54 -21.46 -17.91
CHD LBV O . 35.74 -23.89 -13.85
CMA LBV O . 37.32 -29.88 -18.28
CMB LBV O . 38.50 -23.55 -21.97
CMC LBV O . 36.25 -20.92 -12.96
CMD LBV O . 33.27 -22.38 -12.86
N_A LBV O . 37.07 -26.77 -17.88
O_A LBV O . 36.39 -28.20 -16.24
N_B LBV O . 37.31 -23.71 -18.62
N_C LBV O . 36.12 -22.84 -15.99
N_D LBV O . 35.52 -24.87 -11.61
O_D LBV O . 34.94 -25.48 -9.52
CL CL P . 33.67 -4.34 -25.14
C1A LBV Q . -47.07 -16.68 12.61
C1B LBV Q . -44.27 -15.67 9.25
O1B LBV Q . -39.75 -17.67 5.00
C1C LBV Q . -45.79 -19.01 6.68
O1C LBV Q . -45.48 -23.14 4.64
C1D LBV Q . -49.35 -21.54 8.76
C2A LBV Q . -47.25 -15.35 13.06
C2B LBV Q . -43.21 -15.32 8.45
O2B LBV Q . -39.64 -15.48 5.43
C2C LBV Q . -46.47 -19.72 5.62
O2C LBV Q . -43.89 -21.59 4.81
C2D LBV Q . -49.10 -22.91 8.42
C3A LBV Q . -46.34 -14.56 12.29
C3B LBV Q . -43.20 -16.21 7.34
C3C LBV Q . -47.59 -20.34 6.20
C3D LBV Q . -50.25 -23.64 8.70
C4A LBV Q . -45.66 -15.43 11.41
C4B LBV Q . -44.25 -17.11 7.51
C4C LBV Q . -47.59 -20.03 7.58
C4D LBV Q . -51.23 -22.76 9.21
CAA LBV Q . -46.12 -13.18 12.33
CAB LBV Q . -42.28 -16.21 6.24
CAC LBV Q . -46.03 -19.74 4.25
CAD LBV Q . -50.57 -25.02 8.56
CBA LBV Q . -46.80 -12.25 13.17
CBB LBV Q . -41.05 -16.80 6.64
CBC LBV Q . -45.86 -21.09 3.69
CBD LBV Q . -49.71 -25.97 8.07
CGB LBV Q . -40.07 -16.64 5.61
CGC LBV Q . -45.01 -21.99 4.45
CHB LBV Q . -44.68 -15.09 10.48
CHC LBV Q . -44.64 -18.20 6.66
CHD LBV Q . -48.49 -20.43 8.63
CMA LBV Q . -46.91 -15.39 14.42
CMB LBV Q . -42.33 -14.24 8.68
CMC LBV Q . -48.56 -21.15 5.54
CMD LBV Q . -47.85 -23.34 7.90
N_A LBV Q . -46.12 -16.68 11.65
O_A LBV Q . -47.63 -17.71 12.99
N_B LBV Q . -44.88 -16.76 8.69
N_C LBV Q . -46.52 -19.23 7.82
N_D LBV Q . -50.64 -21.51 9.23
O_D LBV Q . -52.39 -22.94 9.60
CL CL R . -32.39 -20.74 -7.56
C1A LBV S . -33.60 33.55 10.09
C1B LBV S . -30.42 35.25 7.56
O1B LBV S . -24.66 36.25 5.33
C1C LBV S . -29.94 31.22 5.75
O1C LBV S . -28.28 27.43 4.94
C1D LBV S . -33.00 28.01 7.72
C2A LBV S . -34.36 34.70 10.30
C2B LBV S . -29.30 35.84 7.00
O2B LBV S . -24.61 34.00 5.38
C2C LBV S . -30.11 30.18 4.80
O2C LBV S . -26.89 29.19 4.78
C2D LBV S . -32.45 26.68 7.70
C3A LBV S . -33.66 35.76 9.71
C3B LBV S . -28.65 34.84 6.20
C3C LBV S . -31.03 29.25 5.33
C3D LBV S . -33.51 25.80 7.82
C4A LBV S . -32.45 35.22 9.14
C4B LBV S . -29.39 33.65 6.31
C4C LBV S . -31.41 29.74 6.61
C4D LBV S . -34.70 26.53 7.93
CAA LBV S . -34.13 37.05 9.74
CAB LBV S . -27.44 34.97 5.44
CAC LBV S . -29.45 30.14 3.54
CAD LBV S . -33.54 24.37 7.86
CBA LBV S . -33.58 38.23 9.21
CBB LBV S . -26.33 35.08 6.33
CBC LBV S . -28.63 28.95 3.30
CBD LBV S . -32.41 23.56 7.78
CGB LBV S . -25.11 35.12 5.62
CGC LBV S . -27.88 28.51 4.43
CHB LBV S . -31.41 35.83 8.42
CHC LBV S . -29.15 32.39 5.72
CHD LBV S . -32.30 29.21 7.60
CMA LBV S . -34.46 34.90 11.68
CMB LBV S . -28.89 37.17 7.18
CMC LBV S . -31.52 28.07 4.72
CMD LBV S . -31.05 26.44 7.58
N_A LBV S . -32.50 33.90 9.40
O_A LBV S . -33.84 32.40 10.43
N_B LBV S . -30.46 33.95 7.14
N_C LBV S . -30.74 30.90 6.82
N_D LBV S . -34.35 27.85 7.85
O_D LBV S . -35.88 26.20 8.06
CL CL T . -12.19 31.30 -3.17
C1A LBV U . 15.67 -23.82 1.76
C1B LBV U . 13.01 -27.49 1.83
O1B LBV U . 11.39 -32.82 -0.89
C1C LBV U . 16.28 -30.32 0.75
O1C LBV U . 17.70 -33.07 -2.30
C1D LBV U . 20.52 -28.04 -0.02
C2A LBV U . 15.06 -23.19 2.87
C2B LBV U . 11.96 -28.38 1.66
O2B LBV U . 9.30 -32.17 -0.60
C2C LBV U . 17.30 -31.29 0.86
O2C LBV U . 15.71 -33.35 -1.30
C2D LBV U . 21.20 -28.68 -1.11
C3A LBV U . 13.90 -24.00 3.19
C3B LBV U . 12.51 -29.63 1.23
C3C LBV U . 18.54 -30.62 0.73
C3D LBV U . 22.54 -28.33 -1.05
C4A LBV U . 13.88 -25.09 2.28
C4B LBV U . 13.91 -29.48 1.18
C4C LBV U . 18.26 -29.26 0.53
C4D LBV U . 22.73 -27.49 0.06
CAA LBV U . 12.96 -23.81 4.22
CAB LBV U . 11.81 -30.85 0.95
CAC LBV U . 17.05 -32.68 1.05
CAD LBV U . 23.66 -28.66 -1.85
CBA LBV U . 12.96 -22.76 5.17
CBB LBV U . 10.98 -30.71 -0.20
CBC LBV U . 17.61 -33.47 -0.05
CBD LBV U . 23.61 -29.48 -2.96
CGB LBV U . 10.52 -32.01 -0.60
CGC LBV U . 16.94 -33.27 -1.31
CHB LBV U . 12.94 -26.13 2.23
CHC LBV U . 14.88 -30.45 0.81
CHD LBV U . 19.16 -28.13 0.32
CMA LBV U . 14.74 -21.88 2.44
CMB LBV U . 10.61 -28.05 1.86
CMC LBV U . 19.84 -31.17 0.79
CMD LBV U . 20.52 -29.50 -2.04
N_A LBV U . 14.94 -24.93 1.45
O_A LBV U . 16.69 -23.47 1.13
N_B LBV U . 14.16 -28.18 1.54
N_C LBV U . 16.90 -29.13 0.55
N_D LBV U . 21.50 -27.34 0.65
O_D LBV U . 23.73 -26.93 0.51
CL CL V . 6.82 -46.51 -4.64
C1A LBV W . -31.86 6.11 16.81
C1B LBV W . -32.60 5.28 21.14
O1B LBV W . -31.93 5.69 26.97
C1C LBV W . -35.20 8.78 21.55
O1C LBV W . -35.33 11.76 24.33
C1D LBV W . -35.52 11.05 17.31
C2A LBV W . -31.73 4.75 16.43
C2B LBV W . -32.47 5.02 22.50
O2B LBV W . -32.48 7.82 27.23
C2C LBV W . -36.35 9.61 21.64
O2C LBV W . -35.97 12.72 22.42
C2D LBV W . -35.53 12.45 17.57
C3A LBV W . -31.79 4.00 17.65
C3B LBV W . -33.21 6.01 23.20
C3C LBV W . -36.53 10.20 20.38
C3D LBV W . -36.00 13.11 16.43
C4A LBV W . -31.93 4.89 18.71
C4B LBV W . -33.78 6.85 22.25
C4C LBV W . -35.48 9.73 19.54
C4D LBV W . -36.28 12.15 15.45
CAA LBV W . -31.73 2.61 17.81
CAB LBV W . -33.37 6.13 24.62
CAC LBV W . -37.13 9.74 22.83
CAD LBV W . -36.20 14.49 16.15
CBA LBV W . -31.59 1.67 16.76
CBB LBV W . -32.37 6.99 25.14
CBC LBV W . -37.29 11.11 23.32
CBD LBV W . -35.96 15.51 17.04
CGB LBV W . -32.24 6.81 26.56
CGC LBV W . -36.09 11.92 23.35
CHB LBV W . -32.03 4.58 20.05
CHC LBV W . -34.59 7.96 22.48
CHD LBV W . -35.15 10.01 18.17
CMA LBV W . -30.48 4.70 15.79
CMB LBV W . -31.72 3.97 23.06
CMC LBV W . -37.56 11.09 20.00
CMD LBV W . -35.10 12.97 18.82
N_A LBV W . -31.96 6.14 18.18
O_A LBV W . -31.86 7.14 16.10
N_B LBV W . -33.40 6.38 21.02
N_C LBV W . -34.72 8.88 20.28
N_D LBV W . -35.99 10.94 16.01
O_D LBV W . -36.70 12.23 14.29
CL CL X . -36.94 12.20 40.69
#